data_5QP5
# 
_entry.id   5QP5 
# 
_audit_conform.dict_name       mmcif_pdbx.dic 
_audit_conform.dict_version    5.387 
_audit_conform.dict_location   http://mmcif.pdb.org/dictionaries/ascii/mmcif_pdbx.dic 
# 
loop_
_database_2.database_id 
_database_2.database_code 
_database_2.pdbx_database_accession 
_database_2.pdbx_DOI 
PDB   5QP5         pdb_00005qp5 10.2210/pdb5qp5/pdb 
WWPDB D_1001402230 ?            ?                   
# 
loop_
_pdbx_audit_revision_history.ordinal 
_pdbx_audit_revision_history.data_content_type 
_pdbx_audit_revision_history.major_revision 
_pdbx_audit_revision_history.minor_revision 
_pdbx_audit_revision_history.revision_date 
1 'Structure model' 1 0 2019-05-08 
2 'Structure model' 1 1 2019-11-20 
3 'Structure model' 1 2 2024-03-06 
# 
_pdbx_audit_revision_details.ordinal             1 
_pdbx_audit_revision_details.revision_ordinal    1 
_pdbx_audit_revision_details.data_content_type   'Structure model' 
_pdbx_audit_revision_details.provider            repository 
_pdbx_audit_revision_details.type                'Initial release' 
_pdbx_audit_revision_details.description         ? 
_pdbx_audit_revision_details.details             ? 
# 
loop_
_pdbx_audit_revision_group.ordinal 
_pdbx_audit_revision_group.revision_ordinal 
_pdbx_audit_revision_group.data_content_type 
_pdbx_audit_revision_group.group 
1 2 'Structure model' 'Data collection'     
2 3 'Structure model' 'Data collection'     
3 3 'Structure model' 'Database references' 
# 
loop_
_pdbx_audit_revision_category.ordinal 
_pdbx_audit_revision_category.revision_ordinal 
_pdbx_audit_revision_category.data_content_type 
_pdbx_audit_revision_category.category 
1 2 'Structure model' diffrn_source  
2 3 'Structure model' chem_comp_atom 
3 3 'Structure model' chem_comp_bond 
4 3 'Structure model' database_2     
# 
loop_
_pdbx_audit_revision_item.ordinal 
_pdbx_audit_revision_item.revision_ordinal 
_pdbx_audit_revision_item.data_content_type 
_pdbx_audit_revision_item.item 
1 2 'Structure model' '_diffrn_source.pdbx_synchrotron_beamline' 
2 2 'Structure model' '_diffrn_source.type'                      
3 3 'Structure model' '_database_2.pdbx_DOI'                     
4 3 'Structure model' '_database_2.pdbx_database_accession'      
# 
_pdbx_database_status.entry_id                        5QP5 
_pdbx_database_status.status_code                     REL 
_pdbx_database_status.status_code_sf                  REL 
_pdbx_database_status.status_code_mr                  ? 
_pdbx_database_status.status_code_cs                  ? 
_pdbx_database_status.recvd_initial_deposition_date   2019-02-22 
_pdbx_database_status.deposit_site                    RCSB 
_pdbx_database_status.process_site                    RCSB 
_pdbx_database_status.SG_entry                        ? 
_pdbx_database_status.pdb_format_compatible           Y 
_pdbx_database_status.methods_development_category    ? 
_pdbx_database_status.status_code_nmr_data            ? 
# 
loop_
_audit_author.name 
_audit_author.pdbx_ordinal 
_audit_author.identifier_ORCID 
'Nelson, E.R.'      1  ? 
'Velupillai, S.'    2  ? 
'Talon, R.'         3  ? 
'Collins, P.M.'     4  ? 
'Krojer, T.'        5  ? 
'Wang, D.'          6  ? 
'Brandao-Neto, J.'  7  ? 
'Douangamath, A.'   8  ? 
'Burgess-Brown, N.' 9  ? 
'Arrowsmith, C.H.'  10 ? 
'Bountra, C.'       11 ? 
'Huber, K.'         12 ? 
'von Delft, F.'     13 ? 
# 
_citation.id                        primary 
_citation.title                     'PanDDA analysis group deposition' 
_citation.journal_abbrev            'To Be Published' 
_citation.journal_volume            ? 
_citation.page_first                ? 
_citation.page_last                 ? 
_citation.year                      ? 
_citation.journal_id_ASTM           ? 
_citation.country                   ? 
_citation.journal_id_ISSN           ? 
_citation.journal_id_CSD            0353 
_citation.book_publisher            ? 
_citation.pdbx_database_id_PubMed   ? 
_citation.pdbx_database_id_DOI      ? 
# 
loop_
_citation_author.citation_id 
_citation_author.name 
_citation_author.identifier_ORCID 
_citation_author.ordinal 
primary 'Nelson, E.R.'      ? 1  
primary 'Velupillai, S.'    ? 2  
primary 'Talon, R.'         ? 3  
primary 'Collins, P.M.'     ? 4  
primary 'Krojer, T.'        ? 5  
primary 'Wang, D.'          ? 6  
primary 'Brandao-Neto, J.'  ? 7  
primary 'Douangamath, A.'   ? 8  
primary 'Burgess-Brown, N.' ? 9  
primary 'Arrowsmith, C.H.'  ? 10 
primary 'Bountra, C.'       ? 11 
primary 'Huber, K.'         ? 12 
primary 'von Delft, F.'     ? 13 
# 
loop_
_entity.id 
_entity.type 
_entity.src_method 
_entity.pdbx_description 
_entity.formula_weight 
_entity.pdbx_number_of_molecules 
_entity.pdbx_ec 
_entity.pdbx_mutation 
_entity.pdbx_fragment 
_entity.details 
1 polymer     man 'DCP2 (NUDT20)'                                                 19073.738 1  3.6.1.62 ? 'UNP residues 95-260' ? 
2 non-polymer syn 1,2-ETHANEDIOL                                                  62.068    2  ?        ? ?                     ? 
3 non-polymer syn 'DIMETHYL SULFOXIDE'                                            78.133    1  ?        ? ?                     ? 
4 non-polymer syn 'ACETATE ION'                                                   59.044    2  ?        ? ?                     ? 
5 non-polymer syn '1-ethyl-N-[(4-fluorophenyl)methyl]-1H-imidazole-4-carboxamide' 247.268   1  ?        ? ?                     ? 
6 water       nat water                                                           18.015    60 ?        ? ?                     ? 
# 
_entity_name_com.entity_id   1 
_entity_name_com.name        
'Nucleoside diphosphate-linked moiety X motif 20, Nudix motif 20, mRNA-decapping enzyme 2, hDpc, m7GpppN-mRNA hydrolase' 
# 
_entity_poly.entity_id                      1 
_entity_poly.type                           'polypeptide(L)' 
_entity_poly.nstd_linkage                   no 
_entity_poly.nstd_monomer                   no 
_entity_poly.pdbx_seq_one_letter_code       
;SMGVPTYGAIILDETLENVLLVQGYLAKSGWGFPKGKVNKEEAPHDCAAREVFEETGFDIKDYICKDDYIELRINDQLAR
LYIIPGIPKDTKFNPKTRREIRNIEWFSIEKLPCHRNDMTPKSKLGLAPNKFFMAIPFIRPLRDWLSRRFGDSSDSDNGF
SSTGSTP
;
_entity_poly.pdbx_seq_one_letter_code_can   
;SMGVPTYGAIILDETLENVLLVQGYLAKSGWGFPKGKVNKEEAPHDCAAREVFEETGFDIKDYICKDDYIELRINDQLAR
LYIIPGIPKDTKFNPKTRREIRNIEWFSIEKLPCHRNDMTPKSKLGLAPNKFFMAIPFIRPLRDWLSRRFGDSSDSDNGF
SSTGSTP
;
_entity_poly.pdbx_strand_id                 A 
_entity_poly.pdbx_target_identifier         ? 
# 
loop_
_pdbx_entity_nonpoly.entity_id 
_pdbx_entity_nonpoly.name 
_pdbx_entity_nonpoly.comp_id 
2 1,2-ETHANEDIOL                                                  EDO 
3 'DIMETHYL SULFOXIDE'                                            DMS 
4 'ACETATE ION'                                                   ACT 
5 '1-ethyl-N-[(4-fluorophenyl)methyl]-1H-imidazole-4-carboxamide' LFY 
6 water                                                           HOH 
# 
loop_
_entity_poly_seq.entity_id 
_entity_poly_seq.num 
_entity_poly_seq.mon_id 
_entity_poly_seq.hetero 
1 1   SER n 
1 2   MET n 
1 3   GLY n 
1 4   VAL n 
1 5   PRO n 
1 6   THR n 
1 7   TYR n 
1 8   GLY n 
1 9   ALA n 
1 10  ILE n 
1 11  ILE n 
1 12  LEU n 
1 13  ASP n 
1 14  GLU n 
1 15  THR n 
1 16  LEU n 
1 17  GLU n 
1 18  ASN n 
1 19  VAL n 
1 20  LEU n 
1 21  LEU n 
1 22  VAL n 
1 23  GLN n 
1 24  GLY n 
1 25  TYR n 
1 26  LEU n 
1 27  ALA n 
1 28  LYS n 
1 29  SER n 
1 30  GLY n 
1 31  TRP n 
1 32  GLY n 
1 33  PHE n 
1 34  PRO n 
1 35  LYS n 
1 36  GLY n 
1 37  LYS n 
1 38  VAL n 
1 39  ASN n 
1 40  LYS n 
1 41  GLU n 
1 42  GLU n 
1 43  ALA n 
1 44  PRO n 
1 45  HIS n 
1 46  ASP n 
1 47  CYS n 
1 48  ALA n 
1 49  ALA n 
1 50  ARG n 
1 51  GLU n 
1 52  VAL n 
1 53  PHE n 
1 54  GLU n 
1 55  GLU n 
1 56  THR n 
1 57  GLY n 
1 58  PHE n 
1 59  ASP n 
1 60  ILE n 
1 61  LYS n 
1 62  ASP n 
1 63  TYR n 
1 64  ILE n 
1 65  CYS n 
1 66  LYS n 
1 67  ASP n 
1 68  ASP n 
1 69  TYR n 
1 70  ILE n 
1 71  GLU n 
1 72  LEU n 
1 73  ARG n 
1 74  ILE n 
1 75  ASN n 
1 76  ASP n 
1 77  GLN n 
1 78  LEU n 
1 79  ALA n 
1 80  ARG n 
1 81  LEU n 
1 82  TYR n 
1 83  ILE n 
1 84  ILE n 
1 85  PRO n 
1 86  GLY n 
1 87  ILE n 
1 88  PRO n 
1 89  LYS n 
1 90  ASP n 
1 91  THR n 
1 92  LYS n 
1 93  PHE n 
1 94  ASN n 
1 95  PRO n 
1 96  LYS n 
1 97  THR n 
1 98  ARG n 
1 99  ARG n 
1 100 GLU n 
1 101 ILE n 
1 102 ARG n 
1 103 ASN n 
1 104 ILE n 
1 105 GLU n 
1 106 TRP n 
1 107 PHE n 
1 108 SER n 
1 109 ILE n 
1 110 GLU n 
1 111 LYS n 
1 112 LEU n 
1 113 PRO n 
1 114 CYS n 
1 115 HIS n 
1 116 ARG n 
1 117 ASN n 
1 118 ASP n 
1 119 MET n 
1 120 THR n 
1 121 PRO n 
1 122 LYS n 
1 123 SER n 
1 124 LYS n 
1 125 LEU n 
1 126 GLY n 
1 127 LEU n 
1 128 ALA n 
1 129 PRO n 
1 130 ASN n 
1 131 LYS n 
1 132 PHE n 
1 133 PHE n 
1 134 MET n 
1 135 ALA n 
1 136 ILE n 
1 137 PRO n 
1 138 PHE n 
1 139 ILE n 
1 140 ARG n 
1 141 PRO n 
1 142 LEU n 
1 143 ARG n 
1 144 ASP n 
1 145 TRP n 
1 146 LEU n 
1 147 SER n 
1 148 ARG n 
1 149 ARG n 
1 150 PHE n 
1 151 GLY n 
1 152 ASP n 
1 153 SER n 
1 154 SER n 
1 155 ASP n 
1 156 SER n 
1 157 ASP n 
1 158 ASN n 
1 159 GLY n 
1 160 PHE n 
1 161 SER n 
1 162 SER n 
1 163 THR n 
1 164 GLY n 
1 165 SER n 
1 166 THR n 
1 167 PRO n 
# 
_entity_src_gen.entity_id                          1 
_entity_src_gen.pdbx_src_id                        1 
_entity_src_gen.pdbx_alt_source_flag               sample 
_entity_src_gen.pdbx_seq_type                      'Biological sequence' 
_entity_src_gen.pdbx_beg_seq_num                   1 
_entity_src_gen.pdbx_end_seq_num                   167 
_entity_src_gen.gene_src_common_name               Human 
_entity_src_gen.gene_src_genus                     ? 
_entity_src_gen.pdbx_gene_src_gene                 'DCP2, NUDT20' 
_entity_src_gen.gene_src_species                   ? 
_entity_src_gen.gene_src_strain                    ? 
_entity_src_gen.gene_src_tissue                    ? 
_entity_src_gen.gene_src_tissue_fraction           ? 
_entity_src_gen.gene_src_details                   ? 
_entity_src_gen.pdbx_gene_src_fragment             ? 
_entity_src_gen.pdbx_gene_src_scientific_name      'Homo sapiens' 
_entity_src_gen.pdbx_gene_src_ncbi_taxonomy_id     9606 
_entity_src_gen.pdbx_gene_src_variant              ? 
_entity_src_gen.pdbx_gene_src_cell_line            ? 
_entity_src_gen.pdbx_gene_src_atcc                 ? 
_entity_src_gen.pdbx_gene_src_organ                ? 
_entity_src_gen.pdbx_gene_src_organelle            ? 
_entity_src_gen.pdbx_gene_src_cell                 ? 
_entity_src_gen.pdbx_gene_src_cellular_location    ? 
_entity_src_gen.host_org_common_name               ? 
_entity_src_gen.pdbx_host_org_scientific_name      'Escherichia coli' 
_entity_src_gen.pdbx_host_org_ncbi_taxonomy_id     562 
_entity_src_gen.host_org_genus                     ? 
_entity_src_gen.pdbx_host_org_gene                 ? 
_entity_src_gen.pdbx_host_org_organ                ? 
_entity_src_gen.host_org_species                   ? 
_entity_src_gen.pdbx_host_org_tissue               ? 
_entity_src_gen.pdbx_host_org_tissue_fraction      ? 
_entity_src_gen.pdbx_host_org_strain               ? 
_entity_src_gen.pdbx_host_org_variant              ? 
_entity_src_gen.pdbx_host_org_cell_line            ? 
_entity_src_gen.pdbx_host_org_atcc                 ? 
_entity_src_gen.pdbx_host_org_culture_collection   ? 
_entity_src_gen.pdbx_host_org_cell                 ? 
_entity_src_gen.pdbx_host_org_organelle            ? 
_entity_src_gen.pdbx_host_org_cellular_location    ? 
_entity_src_gen.pdbx_host_org_vector_type          ? 
_entity_src_gen.pdbx_host_org_vector               ? 
_entity_src_gen.host_org_details                   ? 
_entity_src_gen.expression_system_id               ? 
_entity_src_gen.plasmid_name                       ? 
_entity_src_gen.plasmid_details                    ? 
_entity_src_gen.pdbx_description                   ? 
# 
loop_
_chem_comp.id 
_chem_comp.type 
_chem_comp.mon_nstd_flag 
_chem_comp.name 
_chem_comp.pdbx_synonyms 
_chem_comp.formula 
_chem_comp.formula_weight 
ACT non-polymer         . 'ACETATE ION'                                                   ?                 'C2 H3 O2 -1'    
59.044  
ALA 'L-peptide linking' y ALANINE                                                         ?                 'C3 H7 N O2'     
89.093  
ARG 'L-peptide linking' y ARGININE                                                        ?                 'C6 H15 N4 O2 1' 
175.209 
ASN 'L-peptide linking' y ASPARAGINE                                                      ?                 'C4 H8 N2 O3'    
132.118 
ASP 'L-peptide linking' y 'ASPARTIC ACID'                                                 ?                 'C4 H7 N O4'     
133.103 
CYS 'L-peptide linking' y CYSTEINE                                                        ?                 'C3 H7 N O2 S'   
121.158 
DMS non-polymer         . 'DIMETHYL SULFOXIDE'                                            ?                 'C2 H6 O S'      
78.133  
EDO non-polymer         . 1,2-ETHANEDIOL                                                  'ETHYLENE GLYCOL' 'C2 H6 O2'       
62.068  
GLN 'L-peptide linking' y GLUTAMINE                                                       ?                 'C5 H10 N2 O3'   
146.144 
GLU 'L-peptide linking' y 'GLUTAMIC ACID'                                                 ?                 'C5 H9 N O4'     
147.129 
GLY 'peptide linking'   y GLYCINE                                                         ?                 'C2 H5 N O2'     
75.067  
HIS 'L-peptide linking' y HISTIDINE                                                       ?                 'C6 H10 N3 O2 1' 
156.162 
HOH non-polymer         . WATER                                                           ?                 'H2 O'           
18.015  
ILE 'L-peptide linking' y ISOLEUCINE                                                      ?                 'C6 H13 N O2'    
131.173 
LEU 'L-peptide linking' y LEUCINE                                                         ?                 'C6 H13 N O2'    
131.173 
LFY non-polymer         . '1-ethyl-N-[(4-fluorophenyl)methyl]-1H-imidazole-4-carboxamide' ?                 'C13 H14 F N3 O' 
247.268 
LYS 'L-peptide linking' y LYSINE                                                          ?                 'C6 H15 N2 O2 1' 
147.195 
MET 'L-peptide linking' y METHIONINE                                                      ?                 'C5 H11 N O2 S'  
149.211 
PHE 'L-peptide linking' y PHENYLALANINE                                                   ?                 'C9 H11 N O2'    
165.189 
PRO 'L-peptide linking' y PROLINE                                                         ?                 'C5 H9 N O2'     
115.130 
SER 'L-peptide linking' y SERINE                                                          ?                 'C3 H7 N O3'     
105.093 
THR 'L-peptide linking' y THREONINE                                                       ?                 'C4 H9 N O3'     
119.119 
TRP 'L-peptide linking' y TRYPTOPHAN                                                      ?                 'C11 H12 N2 O2'  
204.225 
TYR 'L-peptide linking' y TYROSINE                                                        ?                 'C9 H11 N O3'    
181.189 
VAL 'L-peptide linking' y VALINE                                                          ?                 'C5 H11 N O2'    
117.146 
# 
loop_
_pdbx_poly_seq_scheme.asym_id 
_pdbx_poly_seq_scheme.entity_id 
_pdbx_poly_seq_scheme.seq_id 
_pdbx_poly_seq_scheme.mon_id 
_pdbx_poly_seq_scheme.ndb_seq_num 
_pdbx_poly_seq_scheme.pdb_seq_num 
_pdbx_poly_seq_scheme.auth_seq_num 
_pdbx_poly_seq_scheme.pdb_mon_id 
_pdbx_poly_seq_scheme.auth_mon_id 
_pdbx_poly_seq_scheme.pdb_strand_id 
_pdbx_poly_seq_scheme.pdb_ins_code 
_pdbx_poly_seq_scheme.hetero 
A 1 1   SER 1   94  ?   ?   ?   A . n 
A 1 2   MET 2   95  ?   ?   ?   A . n 
A 1 3   GLY 3   96  96  GLY GLY A . n 
A 1 4   VAL 4   97  97  VAL VAL A . n 
A 1 5   PRO 5   98  98  PRO PRO A . n 
A 1 6   THR 6   99  99  THR THR A . n 
A 1 7   TYR 7   100 100 TYR TYR A . n 
A 1 8   GLY 8   101 101 GLY GLY A . n 
A 1 9   ALA 9   102 102 ALA ALA A . n 
A 1 10  ILE 10  103 103 ILE ILE A . n 
A 1 11  ILE 11  104 104 ILE ILE A . n 
A 1 12  LEU 12  105 105 LEU LEU A . n 
A 1 13  ASP 13  106 106 ASP ASP A . n 
A 1 14  GLU 14  107 107 GLU GLU A . n 
A 1 15  THR 15  108 108 THR THR A . n 
A 1 16  LEU 16  109 109 LEU LEU A . n 
A 1 17  GLU 17  110 110 GLU GLU A . n 
A 1 18  ASN 18  111 111 ASN ASN A . n 
A 1 19  VAL 19  112 112 VAL VAL A . n 
A 1 20  LEU 20  113 113 LEU LEU A . n 
A 1 21  LEU 21  114 114 LEU LEU A . n 
A 1 22  VAL 22  115 115 VAL VAL A . n 
A 1 23  GLN 23  116 116 GLN GLN A . n 
A 1 24  GLY 24  117 117 GLY GLY A . n 
A 1 25  TYR 25  118 118 TYR TYR A . n 
A 1 26  LEU 26  119 119 LEU LEU A . n 
A 1 27  ALA 27  120 120 ALA ALA A . n 
A 1 28  LYS 28  121 121 LYS LYS A . n 
A 1 29  SER 29  122 122 SER SER A . n 
A 1 30  GLY 30  123 123 GLY GLY A . n 
A 1 31  TRP 31  124 124 TRP TRP A . n 
A 1 32  GLY 32  125 125 GLY GLY A . n 
A 1 33  PHE 33  126 126 PHE PHE A . n 
A 1 34  PRO 34  127 127 PRO PRO A . n 
A 1 35  LYS 35  128 128 LYS LYS A . n 
A 1 36  GLY 36  129 129 GLY GLY A . n 
A 1 37  LYS 37  130 130 LYS LYS A . n 
A 1 38  VAL 38  131 131 VAL VAL A . n 
A 1 39  ASN 39  132 132 ASN ASN A . n 
A 1 40  LYS 40  133 133 LYS LYS A . n 
A 1 41  GLU 41  134 134 GLU GLU A . n 
A 1 42  GLU 42  135 135 GLU GLU A . n 
A 1 43  ALA 43  136 136 ALA ALA A . n 
A 1 44  PRO 44  137 137 PRO PRO A . n 
A 1 45  HIS 45  138 138 HIS HIS A . n 
A 1 46  ASP 46  139 139 ASP ASP A . n 
A 1 47  CYS 47  140 140 CYS CYS A . n 
A 1 48  ALA 48  141 141 ALA ALA A . n 
A 1 49  ALA 49  142 142 ALA ALA A . n 
A 1 50  ARG 50  143 143 ARG ARG A . n 
A 1 51  GLU 51  144 144 GLU GLU A . n 
A 1 52  VAL 52  145 145 VAL VAL A . n 
A 1 53  PHE 53  146 146 PHE PHE A . n 
A 1 54  GLU 54  147 147 GLU GLU A . n 
A 1 55  GLU 55  148 148 GLU GLU A . n 
A 1 56  THR 56  149 149 THR THR A . n 
A 1 57  GLY 57  150 150 GLY GLY A . n 
A 1 58  PHE 58  151 151 PHE PHE A . n 
A 1 59  ASP 59  152 152 ASP ASP A . n 
A 1 60  ILE 60  153 153 ILE ILE A . n 
A 1 61  LYS 61  154 154 LYS LYS A . n 
A 1 62  ASP 62  155 155 ASP ASP A . n 
A 1 63  TYR 63  156 156 TYR TYR A . n 
A 1 64  ILE 64  157 157 ILE ILE A . n 
A 1 65  CYS 65  158 158 CYS CYS A . n 
A 1 66  LYS 66  159 159 LYS LYS A . n 
A 1 67  ASP 67  160 160 ASP ASP A . n 
A 1 68  ASP 68  161 161 ASP ASP A . n 
A 1 69  TYR 69  162 162 TYR TYR A . n 
A 1 70  ILE 70  163 163 ILE ILE A . n 
A 1 71  GLU 71  164 164 GLU GLU A . n 
A 1 72  LEU 72  165 165 LEU LEU A . n 
A 1 73  ARG 73  166 166 ARG ARG A . n 
A 1 74  ILE 74  167 167 ILE ILE A . n 
A 1 75  ASN 75  168 168 ASN ASN A . n 
A 1 76  ASP 76  169 169 ASP ASP A . n 
A 1 77  GLN 77  170 170 GLN GLN A . n 
A 1 78  LEU 78  171 171 LEU LEU A . n 
A 1 79  ALA 79  172 172 ALA ALA A . n 
A 1 80  ARG 80  173 173 ARG ARG A . n 
A 1 81  LEU 81  174 174 LEU LEU A . n 
A 1 82  TYR 82  175 175 TYR TYR A . n 
A 1 83  ILE 83  176 176 ILE ILE A . n 
A 1 84  ILE 84  177 177 ILE ILE A . n 
A 1 85  PRO 85  178 178 PRO PRO A . n 
A 1 86  GLY 86  179 179 GLY GLY A . n 
A 1 87  ILE 87  180 180 ILE ILE A . n 
A 1 88  PRO 88  181 181 PRO PRO A . n 
A 1 89  LYS 89  182 182 LYS LYS A . n 
A 1 90  ASP 90  183 183 ASP ASP A . n 
A 1 91  THR 91  184 184 THR THR A . n 
A 1 92  LYS 92  185 185 LYS LYS A . n 
A 1 93  PHE 93  186 186 PHE PHE A . n 
A 1 94  ASN 94  187 187 ASN ASN A . n 
A 1 95  PRO 95  188 188 PRO PRO A . n 
A 1 96  LYS 96  189 189 LYS LYS A . n 
A 1 97  THR 97  190 190 THR THR A . n 
A 1 98  ARG 98  191 191 ARG ARG A . n 
A 1 99  ARG 99  192 192 ARG ARG A . n 
A 1 100 GLU 100 193 193 GLU GLU A . n 
A 1 101 ILE 101 194 194 ILE ILE A . n 
A 1 102 ARG 102 195 195 ARG ARG A . n 
A 1 103 ASN 103 196 196 ASN ASN A . n 
A 1 104 ILE 104 197 197 ILE ILE A . n 
A 1 105 GLU 105 198 198 GLU GLU A . n 
A 1 106 TRP 106 199 199 TRP TRP A . n 
A 1 107 PHE 107 200 200 PHE PHE A . n 
A 1 108 SER 108 201 201 SER SER A . n 
A 1 109 ILE 109 202 202 ILE ILE A . n 
A 1 110 GLU 110 203 203 GLU GLU A . n 
A 1 111 LYS 111 204 204 LYS LYS A . n 
A 1 112 LEU 112 205 205 LEU LEU A . n 
A 1 113 PRO 113 206 206 PRO PRO A . n 
A 1 114 CYS 114 207 207 CYS CYS A . n 
A 1 115 HIS 115 208 208 HIS HIS A . n 
A 1 116 ARG 116 209 209 ARG ARG A . n 
A 1 117 ASN 117 210 210 ASN ASN A . n 
A 1 118 ASP 118 211 211 ASP ASP A . n 
A 1 119 MET 119 212 212 MET MET A . n 
A 1 120 THR 120 213 213 THR THR A . n 
A 1 121 PRO 121 214 214 PRO PRO A . n 
A 1 122 LYS 122 215 215 LYS LYS A . n 
A 1 123 SER 123 216 216 SER SER A . n 
A 1 124 LYS 124 217 217 LYS LYS A . n 
A 1 125 LEU 125 218 218 LEU LEU A . n 
A 1 126 GLY 126 219 219 GLY GLY A . n 
A 1 127 LEU 127 220 220 LEU LEU A . n 
A 1 128 ALA 128 221 221 ALA ALA A . n 
A 1 129 PRO 129 222 222 PRO PRO A . n 
A 1 130 ASN 130 223 223 ASN ASN A . n 
A 1 131 LYS 131 224 224 LYS LYS A . n 
A 1 132 PHE 132 225 225 PHE PHE A . n 
A 1 133 PHE 133 226 226 PHE PHE A . n 
A 1 134 MET 134 227 227 MET MET A . n 
A 1 135 ALA 135 228 228 ALA ALA A . n 
A 1 136 ILE 136 229 229 ILE ILE A . n 
A 1 137 PRO 137 230 230 PRO PRO A . n 
A 1 138 PHE 138 231 231 PHE PHE A . n 
A 1 139 ILE 139 232 232 ILE ILE A . n 
A 1 140 ARG 140 233 233 ARG ARG A . n 
A 1 141 PRO 141 234 234 PRO PRO A . n 
A 1 142 LEU 142 235 235 LEU LEU A . n 
A 1 143 ARG 143 236 236 ARG ARG A . n 
A 1 144 ASP 144 237 237 ASP ASP A . n 
A 1 145 TRP 145 238 238 TRP TRP A . n 
A 1 146 LEU 146 239 239 LEU LEU A . n 
A 1 147 SER 147 240 240 SER SER A . n 
A 1 148 ARG 148 241 241 ARG ARG A . n 
A 1 149 ARG 149 242 242 ARG ARG A . n 
A 1 150 PHE 150 243 243 PHE PHE A . n 
A 1 151 GLY 151 244 244 GLY GLY A . n 
A 1 152 ASP 152 245 ?   ?   ?   A . n 
A 1 153 SER 153 246 ?   ?   ?   A . n 
A 1 154 SER 154 247 ?   ?   ?   A . n 
A 1 155 ASP 155 248 ?   ?   ?   A . n 
A 1 156 SER 156 249 ?   ?   ?   A . n 
A 1 157 ASP 157 250 ?   ?   ?   A . n 
A 1 158 ASN 158 251 ?   ?   ?   A . n 
A 1 159 GLY 159 252 ?   ?   ?   A . n 
A 1 160 PHE 160 253 ?   ?   ?   A . n 
A 1 161 SER 161 254 ?   ?   ?   A . n 
A 1 162 SER 162 255 ?   ?   ?   A . n 
A 1 163 THR 163 256 ?   ?   ?   A . n 
A 1 164 GLY 164 257 ?   ?   ?   A . n 
A 1 165 SER 165 258 ?   ?   ?   A . n 
A 1 166 THR 166 259 ?   ?   ?   A . n 
A 1 167 PRO 167 260 ?   ?   ?   A . n 
# 
loop_
_pdbx_nonpoly_scheme.asym_id 
_pdbx_nonpoly_scheme.entity_id 
_pdbx_nonpoly_scheme.mon_id 
_pdbx_nonpoly_scheme.ndb_seq_num 
_pdbx_nonpoly_scheme.pdb_seq_num 
_pdbx_nonpoly_scheme.auth_seq_num 
_pdbx_nonpoly_scheme.pdb_mon_id 
_pdbx_nonpoly_scheme.auth_mon_id 
_pdbx_nonpoly_scheme.pdb_strand_id 
_pdbx_nonpoly_scheme.pdb_ins_code 
B 2 EDO 1  301 2   EDO EDO A . 
C 2 EDO 1  302 3   EDO EDO A . 
D 3 DMS 1  303 1   DMS DMS A . 
E 4 ACT 1  304 1   ACT ACT A . 
F 4 ACT 1  305 2   ACT ACT A . 
G 5 LFY 1  306 1   LFY LIG A . 
H 6 HOH 1  401 19  HOH HOH A . 
H 6 HOH 2  402 70  HOH HOH A . 
H 6 HOH 3  403 10  HOH HOH A . 
H 6 HOH 4  404 96  HOH HOH A . 
H 6 HOH 5  405 8   HOH HOH A . 
H 6 HOH 6  406 1   HOH HOH A . 
H 6 HOH 7  407 39  HOH HOH A . 
H 6 HOH 8  408 68  HOH HOH A . 
H 6 HOH 9  409 100 HOH HOH A . 
H 6 HOH 10 410 13  HOH HOH A . 
H 6 HOH 11 411 4   HOH HOH A . 
H 6 HOH 12 412 16  HOH HOH A . 
H 6 HOH 13 413 24  HOH HOH A . 
H 6 HOH 14 414 23  HOH HOH A . 
H 6 HOH 15 415 81  HOH HOH A . 
H 6 HOH 16 416 6   HOH HOH A . 
H 6 HOH 17 417 27  HOH HOH A . 
H 6 HOH 18 418 31  HOH HOH A . 
H 6 HOH 19 419 65  HOH HOH A . 
H 6 HOH 20 420 43  HOH HOH A . 
H 6 HOH 21 421 35  HOH HOH A . 
H 6 HOH 22 422 38  HOH HOH A . 
H 6 HOH 23 423 32  HOH HOH A . 
H 6 HOH 24 424 15  HOH HOH A . 
H 6 HOH 25 425 5   HOH HOH A . 
H 6 HOH 26 426 11  HOH HOH A . 
H 6 HOH 27 427 14  HOH HOH A . 
H 6 HOH 28 428 17  HOH HOH A . 
H 6 HOH 29 429 97  HOH HOH A . 
H 6 HOH 30 430 80  HOH HOH A . 
H 6 HOH 31 431 88  HOH HOH A . 
H 6 HOH 32 432 9   HOH HOH A . 
H 6 HOH 33 433 42  HOH HOH A . 
H 6 HOH 34 434 7   HOH HOH A . 
H 6 HOH 35 435 2   HOH HOH A . 
H 6 HOH 36 436 84  HOH HOH A . 
H 6 HOH 37 437 3   HOH HOH A . 
H 6 HOH 38 438 29  HOH HOH A . 
H 6 HOH 39 439 40  HOH HOH A . 
H 6 HOH 40 440 95  HOH HOH A . 
H 6 HOH 41 441 30  HOH HOH A . 
H 6 HOH 42 442 72  HOH HOH A . 
H 6 HOH 43 443 57  HOH HOH A . 
H 6 HOH 44 444 26  HOH HOH A . 
H 6 HOH 45 445 79  HOH HOH A . 
H 6 HOH 46 446 47  HOH HOH A . 
H 6 HOH 47 447 22  HOH HOH A . 
H 6 HOH 48 448 46  HOH HOH A . 
H 6 HOH 49 449 25  HOH HOH A . 
H 6 HOH 50 450 28  HOH HOH A . 
H 6 HOH 51 451 55  HOH HOH A . 
H 6 HOH 52 452 21  HOH HOH A . 
H 6 HOH 53 453 69  HOH HOH A . 
H 6 HOH 54 454 36  HOH HOH A . 
H 6 HOH 55 455 98  HOH HOH A . 
H 6 HOH 56 456 86  HOH HOH A . 
H 6 HOH 57 457 56  HOH HOH A . 
H 6 HOH 58 458 93  HOH HOH A . 
H 6 HOH 59 459 51  HOH HOH A . 
H 6 HOH 60 460 41  HOH HOH A . 
# 
loop_
_pdbx_unobs_or_zero_occ_atoms.id 
_pdbx_unobs_or_zero_occ_atoms.PDB_model_num 
_pdbx_unobs_or_zero_occ_atoms.polymer_flag 
_pdbx_unobs_or_zero_occ_atoms.occupancy_flag 
_pdbx_unobs_or_zero_occ_atoms.auth_asym_id 
_pdbx_unobs_or_zero_occ_atoms.auth_comp_id 
_pdbx_unobs_or_zero_occ_atoms.auth_seq_id 
_pdbx_unobs_or_zero_occ_atoms.PDB_ins_code 
_pdbx_unobs_or_zero_occ_atoms.auth_atom_id 
_pdbx_unobs_or_zero_occ_atoms.label_alt_id 
_pdbx_unobs_or_zero_occ_atoms.label_asym_id 
_pdbx_unobs_or_zero_occ_atoms.label_comp_id 
_pdbx_unobs_or_zero_occ_atoms.label_seq_id 
_pdbx_unobs_or_zero_occ_atoms.label_atom_id 
1  1 Y 1 A LYS 130 ? CE  ? A LYS 37  CE  
2  1 Y 1 A LYS 130 ? NZ  ? A LYS 37  NZ  
3  1 Y 1 A LYS 133 ? CG  ? A LYS 40  CG  
4  1 Y 1 A LYS 133 ? CD  ? A LYS 40  CD  
5  1 Y 1 A LYS 133 ? CE  ? A LYS 40  CE  
6  1 Y 1 A LYS 133 ? NZ  ? A LYS 40  NZ  
7  1 Y 1 A GLU 134 ? CG  ? A GLU 41  CG  
8  1 Y 1 A GLU 134 ? CD  ? A GLU 41  CD  
9  1 Y 1 A GLU 134 ? OE1 ? A GLU 41  OE1 
10 1 Y 1 A GLU 134 ? OE2 ? A GLU 41  OE2 
11 1 Y 1 A LYS 159 ? CD  ? A LYS 66  CD  
12 1 Y 1 A LYS 159 ? CE  ? A LYS 66  CE  
13 1 Y 1 A LYS 159 ? NZ  ? A LYS 66  NZ  
14 1 Y 1 A ASP 169 ? CG  ? A ASP 76  CG  
15 1 Y 1 A ASP 169 ? OD1 ? A ASP 76  OD1 
16 1 Y 1 A ASP 169 ? OD2 ? A ASP 76  OD2 
17 1 Y 1 A GLN 170 ? CG  ? A GLN 77  CG  
18 1 Y 1 A GLN 170 ? CD  ? A GLN 77  CD  
19 1 Y 1 A GLN 170 ? OE1 ? A GLN 77  OE1 
20 1 Y 1 A GLN 170 ? NE2 ? A GLN 77  NE2 
21 1 Y 1 A LYS 185 ? CE  ? A LYS 92  CE  
22 1 Y 1 A LYS 185 ? NZ  ? A LYS 92  NZ  
23 1 Y 1 A LYS 215 ? CD  ? A LYS 122 CD  
24 1 Y 1 A LYS 215 ? CE  ? A LYS 122 CE  
25 1 Y 1 A LYS 215 ? NZ  ? A LYS 122 NZ  
26 1 Y 1 A LYS 217 ? CE  ? A LYS 124 CE  
27 1 Y 1 A LYS 217 ? NZ  ? A LYS 124 NZ  
28 1 Y 1 A ARG 241 ? CD  ? A ARG 148 CD  
29 1 Y 1 A ARG 241 ? NE  ? A ARG 148 NE  
30 1 Y 1 A ARG 241 ? CZ  ? A ARG 148 CZ  
31 1 Y 1 A ARG 241 ? NH1 ? A ARG 148 NH1 
32 1 Y 1 A ARG 241 ? NH2 ? A ARG 148 NH2 
# 
loop_
_software.pdbx_ordinal 
_software.name 
_software.version 
_software.date 
_software.type 
_software.contact_author 
_software.contact_author_email 
_software.classification 
_software.location 
_software.language 
_software.citation_id 
1 REFMAC      5.8.0158 ?               program 'Garib N. Murshudov' garib@ysbl.york.ac.uk    refinement        
http://www.ccp4.ac.uk/dist/html/refmac5.html        Fortran_77 ? 
2 Aimless     0.5.32   29/03/17        program 'Phil Evans'         ?                        'data scaling'    
http://www.mrc-lmb.cam.ac.uk/harry/pre/aimless.html ?          ? 
3 PDB_EXTRACT 3.23     'SEP. 23, 2016' package PDB                  deposit@deposit.rcsb.org 'data extraction' 
http://sw-tools.pdb.org/apps/PDB_EXTRACT/           C++        ? 
4 XDS         .        ?               program ?                    ?                        'data reduction'  ? ?          ? 
5 REFMAC      .        ?               program ?                    ?                        phasing           ? ?          ? 
# 
_cell.entry_id           5QP5 
_cell.length_a           47.804 
_cell.length_b           61.041 
_cell.length_c           65.760 
_cell.angle_alpha        90.000 
_cell.angle_beta         90.000 
_cell.angle_gamma        90.000 
_cell.Z_PDB              4 
_cell.pdbx_unique_axis   ? 
# 
_symmetry.entry_id                         5QP5 
_symmetry.space_group_name_H-M             'P 21 21 21' 
_symmetry.pdbx_full_space_group_name_H-M   ? 
_symmetry.cell_setting                     ? 
_symmetry.Int_Tables_number                19 
# 
_exptl.crystals_number   1 
_exptl.entry_id          5QP5 
_exptl.method            'X-RAY DIFFRACTION' 
# 
_exptl_crystal.id                    1 
_exptl_crystal.pdbx_mosaicity        0.060 
_exptl_crystal.pdbx_mosaicity_esd    ? 
_exptl_crystal.density_Matthews      2.52 
_exptl_crystal.density_diffrn        ? 
_exptl_crystal.density_meas          ? 
_exptl_crystal.density_meas_temp     ? 
_exptl_crystal.density_percent_sol   51.10 
_exptl_crystal.size_max              ? 
_exptl_crystal.size_mid              ? 
_exptl_crystal.size_min              ? 
_exptl_crystal.size_rad              ? 
_exptl_crystal.description           ? 
_exptl_crystal.preparation           ? 
# 
_exptl_crystal_grow.crystal_id      1 
_exptl_crystal_grow.method          'VAPOR DIFFUSION, SITTING DROP' 
_exptl_crystal_grow.pH              4.5 
_exptl_crystal_grow.temp            277 
_exptl_crystal_grow.pdbx_details    '0.1 M acetate, pH 4.5, 5-25% PEG3350' 
_exptl_crystal_grow.temp_details    ? 
_exptl_crystal_grow.pdbx_pH_range   ? 
# 
_diffrn.id                               1 
_diffrn.ambient_temp                     ? 
_diffrn.crystal_id                       1 
_diffrn.ambient_temp_details             ? 
_diffrn.pdbx_serial_crystal_experiment   ? 
# 
_diffrn_detector.detector               PIXEL 
_diffrn_detector.type                   'DECTRIS PILATUS 2M' 
_diffrn_detector.pdbx_collection_date   2017-07-27 
_diffrn_detector.diffrn_id              1 
_diffrn_detector.details                ? 
# 
_diffrn_radiation.diffrn_id                        1 
_diffrn_radiation.wavelength_id                    1 
_diffrn_radiation.pdbx_diffrn_protocol             'SINGLE WAVELENGTH' 
_diffrn_radiation.pdbx_monochromatic_or_laue_m_l   ? 
_diffrn_radiation.monochromator                    ? 
_diffrn_radiation.pdbx_scattering_type             x-ray 
# 
_diffrn_radiation_wavelength.id           1 
_diffrn_radiation_wavelength.wavelength   0.91587 
_diffrn_radiation_wavelength.wt           1.0 
# 
_diffrn_source.diffrn_id                   1 
_diffrn_source.source                      SYNCHROTRON 
_diffrn_source.type                        'DIAMOND BEAMLINE I04-1' 
_diffrn_source.pdbx_wavelength_list        0.91587 
_diffrn_source.pdbx_synchrotron_site       Diamond 
_diffrn_source.pdbx_synchrotron_beamline   I04-1 
_diffrn_source.pdbx_wavelength             ? 
# 
_reflns.entry_id                     5QP5 
_reflns.pdbx_diffrn_id               1 
_reflns.pdbx_ordinal                 1 
_reflns.observed_criterion_sigma_I   ? 
_reflns.observed_criterion_sigma_F   ? 
_reflns.d_resolution_low             28.950 
_reflns.d_resolution_high            1.900 
_reflns.number_obs                   15514 
_reflns.number_all                   ? 
_reflns.percent_possible_obs         98.900 
_reflns.pdbx_Rmerge_I_obs            0.046 
_reflns.pdbx_Rsym_value              ? 
_reflns.pdbx_netI_over_sigmaI        18.300 
_reflns.B_iso_Wilson_estimate        ? 
_reflns.pdbx_redundancy              6.600 
_reflns.pdbx_Rrim_I_all              0.051 
_reflns.pdbx_Rpim_I_all              0.020 
_reflns.pdbx_CC_half                 0.998 
_reflns.pdbx_netI_over_av_sigmaI     ? 
_reflns.pdbx_number_measured_all     102390 
_reflns.pdbx_scaling_rejects         0 
_reflns.pdbx_chi_squared             ? 
_reflns.Rmerge_F_all                 ? 
_reflns.Rmerge_F_obs                 ? 
_reflns.observed_criterion_F_max     ? 
_reflns.observed_criterion_F_min     ? 
_reflns.observed_criterion_I_max     ? 
_reflns.observed_criterion_I_min     ? 
_reflns.pdbx_d_res_high_opt          ? 
_reflns.pdbx_d_res_low_opt           ? 
_reflns.details                      ? 
# 
loop_
_reflns_shell.pdbx_diffrn_id 
_reflns_shell.pdbx_ordinal 
_reflns_shell.d_res_high 
_reflns_shell.d_res_low 
_reflns_shell.number_measured_obs 
_reflns_shell.number_measured_all 
_reflns_shell.number_unique_obs 
_reflns_shell.pdbx_rejects 
_reflns_shell.Rmerge_I_obs 
_reflns_shell.meanI_over_sigI_obs 
_reflns_shell.pdbx_Rsym_value 
_reflns_shell.pdbx_chi_squared 
_reflns_shell.pdbx_redundancy 
_reflns_shell.percent_possible_obs 
_reflns_shell.pdbx_netI_over_sigmaI_obs 
_reflns_shell.number_possible 
_reflns_shell.number_unique_all 
_reflns_shell.Rmerge_F_all 
_reflns_shell.Rmerge_F_obs 
_reflns_shell.Rmerge_I_all 
_reflns_shell.meanI_over_sigI_all 
_reflns_shell.percent_possible_all 
_reflns_shell.pdbx_Rrim_I_all 
_reflns_shell.pdbx_Rpim_I_all 
_reflns_shell.pdbx_CC_half 
1 1 1.900 1.950  ? 7569 ? ? 0.785 ? ? ? 6.800 ? 2.600  ? 1106 ? ? ? ? 97.800 0.848 0.320 0.907 
1 2 8.500 28.950 ? 1171 ? ? 0.040 ? ? ? 5.600 ? 40.700 ? 210  ? ? ? ? 95.900 0.044 0.019 0.998 
# 
_refine.entry_id                                 5QP5 
_refine.pdbx_refine_id                           'X-RAY DIFFRACTION' 
_refine.ls_d_res_high                            1.9000 
_refine.ls_d_res_low                             44.7800 
_refine.pdbx_ls_sigma_F                          0.000 
_refine.pdbx_data_cutoff_high_absF               ? 
_refine.pdbx_data_cutoff_low_absF                ? 
_refine.ls_percent_reflns_obs                    98.4700 
_refine.ls_number_reflns_obs                     14742 
_refine.ls_number_reflns_all                     ? 
_refine.pdbx_ls_cross_valid_method               THROUGHOUT 
_refine.ls_matrix_type                           ? 
_refine.pdbx_R_Free_selection_details            RANDOM 
_refine.details                                  
'HYDROGENS HAVE BEEN ADDED IN THE RIDING POSITIONS U VALUES : REFINED INDIVIDUALLY' 
_refine.ls_R_factor_all                          ? 
_refine.ls_R_factor_obs                          0.2043 
_refine.ls_R_factor_R_work                       0.2020 
_refine.ls_wR_factor_R_work                      ? 
_refine.ls_R_factor_R_free                       0.2526 
_refine.ls_wR_factor_R_free                      ? 
_refine.ls_percent_reflns_R_free                 4.8000 
_refine.ls_number_reflns_R_free                  741 
_refine.ls_number_reflns_R_work                  ? 
_refine.ls_R_factor_R_free_error                 ? 
_refine.B_iso_mean                               58.5090 
_refine.solvent_model_param_bsol                 ? 
_refine.solvent_model_param_ksol                 ? 
_refine.pdbx_isotropic_thermal_model             ? 
_refine.aniso_B[1][1]                            4.6000 
_refine.aniso_B[2][2]                            -3.2400 
_refine.aniso_B[3][3]                            -1.3600 
_refine.aniso_B[1][2]                            0.0000 
_refine.aniso_B[1][3]                            -0.0000 
_refine.aniso_B[2][3]                            0.0000 
_refine.correlation_coeff_Fo_to_Fc               0.9660 
_refine.correlation_coeff_Fo_to_Fc_free          0.9340 
_refine.overall_SU_R_Cruickshank_DPI             ? 
_refine.pdbx_overall_SU_R_free_Cruickshank_DPI   ? 
_refine.pdbx_overall_SU_R_Blow_DPI               ? 
_refine.pdbx_overall_SU_R_free_Blow_DPI          ? 
_refine.overall_SU_R_free                        ? 
_refine.pdbx_overall_ESU_R                       0.1910 
_refine.pdbx_overall_ESU_R_Free                  0.1710 
_refine.overall_SU_ML                            0.1660 
_refine.overall_SU_B                             5.9880 
_refine.solvent_model_details                    MASK 
_refine.pdbx_solvent_vdw_probe_radii             1.2000 
_refine.pdbx_solvent_ion_probe_radii             0.8000 
_refine.pdbx_solvent_shrinkage_radii             0.8000 
_refine.ls_number_parameters                     ? 
_refine.ls_number_restraints                     ? 
_refine.pdbx_starting_model                      'PDB entry 5MP0' 
_refine.pdbx_method_to_determine_struct          'FOURIER SYNTHESIS' 
_refine.pdbx_stereochemistry_target_values       'MAXIMUM LIKELIHOOD' 
_refine.pdbx_stereochem_target_val_spec_case     ? 
_refine.overall_FOM_work_R_set                   ? 
_refine.B_iso_max                                140.800 
_refine.B_iso_min                                30.730 
_refine.pdbx_overall_phase_error                 ? 
_refine.occupancy_max                            ? 
_refine.occupancy_min                            ? 
_refine.pdbx_diffrn_id                           1 
_refine.pdbx_TLS_residual_ADP_flag               ? 
_refine.pdbx_ls_sigma_I                          ? 
_refine.pdbx_data_cutoff_high_rms_absF           ? 
_refine.ls_R_factor_R_free_error_details         ? 
# 
_refine_hist.cycle_id                         final 
_refine_hist.pdbx_refine_id                   'X-RAY DIFFRACTION' 
_refine_hist.d_res_high                       1.9000 
_refine_hist.d_res_low                        44.7800 
_refine_hist.pdbx_number_atoms_ligand         38 
_refine_hist.number_atoms_solvent             60 
_refine_hist.number_atoms_total               1286 
_refine_hist.pdbx_number_residues_total       149 
_refine_hist.pdbx_B_iso_mean_ligand           72.99 
_refine_hist.pdbx_B_iso_mean_solvent          58.65 
_refine_hist.pdbx_number_atoms_protein        1188 
_refine_hist.pdbx_number_atoms_nucleic_acid   0 
# 
loop_
_refine_ls_restr.pdbx_refine_id 
_refine_ls_restr.type 
_refine_ls_restr.number 
_refine_ls_restr.dev_ideal 
_refine_ls_restr.dev_ideal_target 
_refine_ls_restr.weight 
_refine_ls_restr.pdbx_restraint_function 
'X-RAY DIFFRACTION' r_bond_refined_d       2119 0.015  0.019  ? ? 
'X-RAY DIFFRACTION' r_bond_other_d         1617 0.002  0.020  ? ? 
'X-RAY DIFFRACTION' r_angle_refined_deg    2349 1.825  1.973  ? ? 
'X-RAY DIFFRACTION' r_angle_other_deg      3734 1.072  2.976  ? ? 
'X-RAY DIFFRACTION' r_dihedral_angle_1_deg 217  6.251  5.000  ? ? 
'X-RAY DIFFRACTION' r_dihedral_angle_2_deg 83   32.516 21.566 ? ? 
'X-RAY DIFFRACTION' r_dihedral_angle_3_deg 292  17.441 15.000 ? ? 
'X-RAY DIFFRACTION' r_dihedral_angle_4_deg 22   18.314 15.000 ? ? 
'X-RAY DIFFRACTION' r_chiral_restr         232  0.108  0.200  ? ? 
'X-RAY DIFFRACTION' r_gen_planes_refined   2012 0.009  0.021  ? ? 
'X-RAY DIFFRACTION' r_gen_planes_other     404  0.002  0.020  ? ? 
'X-RAY DIFFRACTION' r_mcbond_it            1010 4.596  5.838  ? ? 
'X-RAY DIFFRACTION' r_mcbond_other         975  4.606  5.783  ? ? 
'X-RAY DIFFRACTION' r_mcangle_it           1045 7.117  8.442  ? ? 
# 
_refine_ls_shell.d_res_high                       1.9000 
_refine_ls_shell.d_res_low                        1.9490 
_refine_ls_shell.pdbx_total_number_of_bins_used   20 
_refine_ls_shell.percent_reflns_obs               97.1000 
_refine_ls_shell.number_reflns_R_work             1047 
_refine_ls_shell.R_factor_all                     ? 
_refine_ls_shell.R_factor_R_work                  0.3350 
_refine_ls_shell.R_factor_R_free                  0.4060 
_refine_ls_shell.percent_reflns_R_free            ? 
_refine_ls_shell.number_reflns_R_free             58 
_refine_ls_shell.R_factor_R_free_error            ? 
_refine_ls_shell.number_reflns_all                1105 
_refine_ls_shell.number_reflns_obs                ? 
_refine_ls_shell.pdbx_refine_id                   'X-RAY DIFFRACTION' 
_refine_ls_shell.R_factor_obs                     ? 
# 
_struct.entry_id                  5QP5 
_struct.title                     
'PanDDA analysis group deposition -- Crystal Structure of DCP2 (NUDT20) in complex with Z2895259681' 
_struct.pdbx_model_details        ? 
_struct.pdbx_CASP_flag            ? 
_struct.pdbx_model_type_details   ? 
# 
_struct_keywords.entry_id        5QP5 
_struct_keywords.text            'SGC - Diamond I04-1 fragment screening, PanDDA, XChemExplorer, HYDROLASE' 
_struct_keywords.pdbx_keywords   HYDROLASE 
# 
loop_
_struct_asym.id 
_struct_asym.pdbx_blank_PDB_chainid_flag 
_struct_asym.pdbx_modified 
_struct_asym.entity_id 
_struct_asym.details 
A N N 1 ? 
B N N 2 ? 
C N N 2 ? 
D N N 3 ? 
E N N 4 ? 
F N N 4 ? 
G N N 5 ? 
H N N 6 ? 
# 
_struct_ref.id                         1 
_struct_ref.db_name                    UNP 
_struct_ref.db_code                    DCP2_HUMAN 
_struct_ref.pdbx_db_accession          Q8IU60 
_struct_ref.pdbx_db_isoform            ? 
_struct_ref.entity_id                  1 
_struct_ref.pdbx_seq_one_letter_code   
;MGVPTYGAIILDETLENVLLVQGYLAKSGWGFPKGKVNKEEAPHDCAAREVFEETGFDIKDYICKDDYIELRINDQLARL
YIIPGIPKDTKFNPKTRREIRNIEWFSIEKLPCHRNDMTPKSKLGLAPNKFFMAIPFIRPLRDWLSRRFGDSSDSDNGFS
STGSTP
;
_struct_ref.pdbx_align_begin           95 
# 
_struct_ref_seq.align_id                      1 
_struct_ref_seq.ref_id                        1 
_struct_ref_seq.pdbx_PDB_id_code              5QP5 
_struct_ref_seq.pdbx_strand_id                A 
_struct_ref_seq.seq_align_beg                 2 
_struct_ref_seq.pdbx_seq_align_beg_ins_code   ? 
_struct_ref_seq.seq_align_end                 167 
_struct_ref_seq.pdbx_seq_align_end_ins_code   ? 
_struct_ref_seq.pdbx_db_accession             Q8IU60 
_struct_ref_seq.db_align_beg                  95 
_struct_ref_seq.pdbx_db_align_beg_ins_code    ? 
_struct_ref_seq.db_align_end                  260 
_struct_ref_seq.pdbx_db_align_end_ins_code    ? 
_struct_ref_seq.pdbx_auth_seq_align_beg       95 
_struct_ref_seq.pdbx_auth_seq_align_end       260 
# 
_struct_ref_seq_dif.align_id                     1 
_struct_ref_seq_dif.pdbx_pdb_id_code             5QP5 
_struct_ref_seq_dif.mon_id                       SER 
_struct_ref_seq_dif.pdbx_pdb_strand_id           A 
_struct_ref_seq_dif.seq_num                      1 
_struct_ref_seq_dif.pdbx_pdb_ins_code            ? 
_struct_ref_seq_dif.pdbx_seq_db_name             UNP 
_struct_ref_seq_dif.pdbx_seq_db_accession_code   Q8IU60 
_struct_ref_seq_dif.db_mon_id                    ? 
_struct_ref_seq_dif.pdbx_seq_db_seq_num          ? 
_struct_ref_seq_dif.details                      'expression tag' 
_struct_ref_seq_dif.pdbx_auth_seq_num            94 
_struct_ref_seq_dif.pdbx_ordinal                 1 
# 
_pdbx_struct_assembly.id                   1 
_pdbx_struct_assembly.details              author_and_software_defined_assembly 
_pdbx_struct_assembly.method_details       PISA 
_pdbx_struct_assembly.oligomeric_details   monomeric 
_pdbx_struct_assembly.oligomeric_count     1 
# 
loop_
_pdbx_struct_assembly_prop.biol_id 
_pdbx_struct_assembly_prop.type 
_pdbx_struct_assembly_prop.value 
_pdbx_struct_assembly_prop.details 
1 'ABSA (A^2)' 810  ? 
1 MORE         4    ? 
1 'SSA (A^2)'  8660 ? 
# 
_pdbx_struct_assembly_gen.assembly_id       1 
_pdbx_struct_assembly_gen.oper_expression   1 
_pdbx_struct_assembly_gen.asym_id_list      A,B,C,D,E,F,G,H 
# 
_pdbx_struct_oper_list.id                   1 
_pdbx_struct_oper_list.type                 'identity operation' 
_pdbx_struct_oper_list.name                 1_555 
_pdbx_struct_oper_list.symmetry_operation   x,y,z 
_pdbx_struct_oper_list.matrix[1][1]         1.0000000000 
_pdbx_struct_oper_list.matrix[1][2]         0.0000000000 
_pdbx_struct_oper_list.matrix[1][3]         0.0000000000 
_pdbx_struct_oper_list.vector[1]            0.0000000000 
_pdbx_struct_oper_list.matrix[2][1]         0.0000000000 
_pdbx_struct_oper_list.matrix[2][2]         1.0000000000 
_pdbx_struct_oper_list.matrix[2][3]         0.0000000000 
_pdbx_struct_oper_list.vector[2]            0.0000000000 
_pdbx_struct_oper_list.matrix[3][1]         0.0000000000 
_pdbx_struct_oper_list.matrix[3][2]         0.0000000000 
_pdbx_struct_oper_list.matrix[3][3]         1.0000000000 
_pdbx_struct_oper_list.vector[3]            0.0000000000 
# 
loop_
_struct_conf.conf_type_id 
_struct_conf.id 
_struct_conf.pdbx_PDB_helix_id 
_struct_conf.beg_label_comp_id 
_struct_conf.beg_label_asym_id 
_struct_conf.beg_label_seq_id 
_struct_conf.pdbx_beg_PDB_ins_code 
_struct_conf.end_label_comp_id 
_struct_conf.end_label_asym_id 
_struct_conf.end_label_seq_id 
_struct_conf.pdbx_end_PDB_ins_code 
_struct_conf.beg_auth_comp_id 
_struct_conf.beg_auth_asym_id 
_struct_conf.beg_auth_seq_id 
_struct_conf.end_auth_comp_id 
_struct_conf.end_auth_asym_id 
_struct_conf.end_auth_seq_id 
_struct_conf.pdbx_PDB_helix_class 
_struct_conf.details 
_struct_conf.pdbx_PDB_helix_length 
HELX_P HELX_P1 AA1 LEU A 26  ? SER A 29  ? LEU A 119 SER A 122 5 ? 4  
HELX_P HELX_P2 AA2 ALA A 43  ? GLY A 57  ? ALA A 136 GLY A 150 1 ? 15 
HELX_P HELX_P3 AA3 THR A 120 ? SER A 123 ? THR A 213 SER A 216 5 ? 4  
HELX_P HELX_P4 AA4 ALA A 135 ? GLY A 151 ? ALA A 228 GLY A 244 1 ? 17 
# 
_struct_conf_type.id          HELX_P 
_struct_conf_type.criteria    ? 
_struct_conf_type.reference   ? 
# 
loop_
_struct_sheet.id 
_struct_sheet.type 
_struct_sheet.number_strands 
_struct_sheet.details 
AA1 ? 4 ? 
AA2 ? 3 ? 
AA3 ? 2 ? 
# 
loop_
_struct_sheet_order.sheet_id 
_struct_sheet_order.range_id_1 
_struct_sheet_order.range_id_2 
_struct_sheet_order.offset 
_struct_sheet_order.sense 
AA1 1 2 ? anti-parallel 
AA1 2 3 ? parallel      
AA1 3 4 ? anti-parallel 
AA2 1 2 ? anti-parallel 
AA2 2 3 ? anti-parallel 
AA3 1 2 ? anti-parallel 
# 
loop_
_struct_sheet_range.sheet_id 
_struct_sheet_range.id 
_struct_sheet_range.beg_label_comp_id 
_struct_sheet_range.beg_label_asym_id 
_struct_sheet_range.beg_label_seq_id 
_struct_sheet_range.pdbx_beg_PDB_ins_code 
_struct_sheet_range.end_label_comp_id 
_struct_sheet_range.end_label_asym_id 
_struct_sheet_range.end_label_seq_id 
_struct_sheet_range.pdbx_end_PDB_ins_code 
_struct_sheet_range.beg_auth_comp_id 
_struct_sheet_range.beg_auth_asym_id 
_struct_sheet_range.beg_auth_seq_id 
_struct_sheet_range.end_auth_comp_id 
_struct_sheet_range.end_auth_asym_id 
_struct_sheet_range.end_auth_seq_id 
AA1 1 LYS A 35  ? LYS A 37  ? LYS A 128 LYS A 130 
AA1 2 THR A 6   ? ILE A 11  ? THR A 99  ILE A 104 
AA1 3 LEU A 78  ? ILE A 84  ? LEU A 171 ILE A 177 
AA1 4 TYR A 69  ? ARG A 73  ? TYR A 162 ARG A 166 
AA2 1 TRP A 31  ? GLY A 32  ? TRP A 124 GLY A 125 
AA2 2 ASN A 18  ? GLY A 24  ? ASN A 111 GLY A 117 
AA2 3 ILE A 101 ? SER A 108 ? ILE A 194 SER A 201 
AA3 1 ASP A 118 ? MET A 119 ? ASP A 211 MET A 212 
AA3 2 LYS A 124 ? LEU A 127 ? LYS A 217 LEU A 220 
# 
loop_
_pdbx_struct_sheet_hbond.sheet_id 
_pdbx_struct_sheet_hbond.range_id_1 
_pdbx_struct_sheet_hbond.range_id_2 
_pdbx_struct_sheet_hbond.range_1_label_atom_id 
_pdbx_struct_sheet_hbond.range_1_label_comp_id 
_pdbx_struct_sheet_hbond.range_1_label_asym_id 
_pdbx_struct_sheet_hbond.range_1_label_seq_id 
_pdbx_struct_sheet_hbond.range_1_PDB_ins_code 
_pdbx_struct_sheet_hbond.range_1_auth_atom_id 
_pdbx_struct_sheet_hbond.range_1_auth_comp_id 
_pdbx_struct_sheet_hbond.range_1_auth_asym_id 
_pdbx_struct_sheet_hbond.range_1_auth_seq_id 
_pdbx_struct_sheet_hbond.range_2_label_atom_id 
_pdbx_struct_sheet_hbond.range_2_label_comp_id 
_pdbx_struct_sheet_hbond.range_2_label_asym_id 
_pdbx_struct_sheet_hbond.range_2_label_seq_id 
_pdbx_struct_sheet_hbond.range_2_PDB_ins_code 
_pdbx_struct_sheet_hbond.range_2_auth_atom_id 
_pdbx_struct_sheet_hbond.range_2_auth_comp_id 
_pdbx_struct_sheet_hbond.range_2_auth_asym_id 
_pdbx_struct_sheet_hbond.range_2_auth_seq_id 
AA1 1 2 O GLY A 36  ? O GLY A 129 N TYR A 7   ? N TYR A 100 
AA1 2 3 N ILE A 10  ? N ILE A 103 O ILE A 84  ? O ILE A 177 
AA1 3 4 O LEU A 81  ? O LEU A 174 N ILE A 70  ? N ILE A 163 
AA2 1 2 O GLY A 32  ? O GLY A 125 N VAL A 22  ? N VAL A 115 
AA2 2 3 N VAL A 19  ? N VAL A 112 O PHE A 107 ? O PHE A 200 
AA3 1 2 O MET A 119 ? O MET A 212 N LYS A 124 ? N LYS A 217 
# 
loop_
_struct_site.id 
_struct_site.pdbx_evidence_code 
_struct_site.pdbx_auth_asym_id 
_struct_site.pdbx_auth_comp_id 
_struct_site.pdbx_auth_seq_id 
_struct_site.pdbx_auth_ins_code 
_struct_site.pdbx_num_residues 
_struct_site.details 
AC1 Software A EDO 301 ? 4  'binding site for residue EDO A 301' 
AC2 Software A EDO 302 ? 4  'binding site for residue EDO A 302' 
AC3 Software A DMS 303 ? 2  'binding site for residue DMS A 303' 
AC4 Software A ACT 304 ? 5  'binding site for residue ACT A 304' 
AC5 Software A ACT 305 ? 3  'binding site for residue ACT A 305' 
AC6 Software A LFY 306 ? 10 'binding site for residue LFY A 306' 
# 
loop_
_struct_site_gen.id 
_struct_site_gen.site_id 
_struct_site_gen.pdbx_num_res 
_struct_site_gen.label_comp_id 
_struct_site_gen.label_asym_id 
_struct_site_gen.label_seq_id 
_struct_site_gen.pdbx_auth_ins_code 
_struct_site_gen.auth_comp_id 
_struct_site_gen.auth_asym_id 
_struct_site_gen.auth_seq_id 
_struct_site_gen.label_atom_id 
_struct_site_gen.label_alt_id 
_struct_site_gen.symmetry 
_struct_site_gen.details 
1  AC1 4  ALA A 49  ? ALA A 142 . ? 1_555 ? 
2  AC1 4  PHE A 53  ? PHE A 146 . ? 1_555 ? 
3  AC1 4  ASP A 59  ? ASP A 152 . ? 1_555 ? 
4  AC1 4  LYS A 61  ? LYS A 154 . ? 1_555 ? 
5  AC2 4  ASN A 130 ? ASN A 223 . ? 1_555 ? 
6  AC2 4  LYS A 131 ? LYS A 224 . ? 1_555 ? 
7  AC2 4  HOH H .   ? HOH A 401 . ? 1_555 ? 
8  AC2 4  HOH H .   ? HOH A 412 . ? 3_357 ? 
9  AC3 2  ASN A 18  ? ASN A 111 . ? 1_555 ? 
10 AC3 2  TRP A 106 ? TRP A 199 . ? 1_555 ? 
11 AC4 5  LEU A 26  ? LEU A 119 . ? 1_555 ? 
12 AC4 5  SER A 29  ? SER A 122 . ? 1_555 ? 
13 AC4 5  TYR A 63  ? TYR A 156 . ? 3_357 ? 
14 AC4 5  ARG A 102 ? ARG A 195 . ? 1_555 ? 
15 AC4 5  HOH H .   ? HOH A 408 . ? 1_555 ? 
16 AC5 3  ARG A 116 ? ARG A 209 . ? 1_555 ? 
17 AC5 3  PRO A 129 ? PRO A 222 . ? 1_555 ? 
18 AC5 3  ASN A 130 ? ASN A 223 . ? 1_555 ? 
19 AC6 10 VAL A 22  ? VAL A 115 . ? 1_555 ? 
20 AC6 10 GLY A 24  ? GLY A 117 . ? 1_555 ? 
21 AC6 10 ALA A 27  ? ALA A 120 . ? 1_555 ? 
22 AC6 10 LYS A 28  ? LYS A 121 . ? 1_555 ? 
23 AC6 10 SER A 29  ? SER A 122 . ? 1_555 ? 
24 AC6 10 GLY A 30  ? GLY A 123 . ? 1_555 ? 
25 AC6 10 GLY A 32  ? GLY A 125 . ? 1_555 ? 
26 AC6 10 GLU A 55  ? GLU A 148 . ? 1_555 ? 
27 AC6 10 ILE A 101 ? ILE A 194 . ? 1_555 ? 
28 AC6 10 MET A 134 ? MET A 227 . ? 1_555 ? 
# 
_pdbx_validate_rmsd_bond.id                        1 
_pdbx_validate_rmsd_bond.PDB_model_num             1 
_pdbx_validate_rmsd_bond.auth_atom_id_1            CB 
_pdbx_validate_rmsd_bond.auth_asym_id_1            A 
_pdbx_validate_rmsd_bond.auth_comp_id_1            TYR 
_pdbx_validate_rmsd_bond.auth_seq_id_1             156 
_pdbx_validate_rmsd_bond.PDB_ins_code_1            ? 
_pdbx_validate_rmsd_bond.label_alt_id_1            ? 
_pdbx_validate_rmsd_bond.auth_atom_id_2            CG 
_pdbx_validate_rmsd_bond.auth_asym_id_2            A 
_pdbx_validate_rmsd_bond.auth_comp_id_2            TYR 
_pdbx_validate_rmsd_bond.auth_seq_id_2             156 
_pdbx_validate_rmsd_bond.PDB_ins_code_2            ? 
_pdbx_validate_rmsd_bond.label_alt_id_2            ? 
_pdbx_validate_rmsd_bond.bond_value                1.421 
_pdbx_validate_rmsd_bond.bond_target_value         1.512 
_pdbx_validate_rmsd_bond.bond_deviation            -0.091 
_pdbx_validate_rmsd_bond.bond_standard_deviation   0.015 
_pdbx_validate_rmsd_bond.linker_flag               N 
# 
loop_
_pdbx_validate_torsion.id 
_pdbx_validate_torsion.PDB_model_num 
_pdbx_validate_torsion.auth_comp_id 
_pdbx_validate_torsion.auth_asym_id 
_pdbx_validate_torsion.auth_seq_id 
_pdbx_validate_torsion.PDB_ins_code 
_pdbx_validate_torsion.label_alt_id 
_pdbx_validate_torsion.phi 
_pdbx_validate_torsion.psi 
1 1 LEU A 119 ? ? 57.23   -110.72 
2 1 LYS A 121 ? ? -108.61 40.82   
# 
_phasing.method   MR 
# 
loop_
_pdbx_unobs_or_zero_occ_residues.id 
_pdbx_unobs_or_zero_occ_residues.PDB_model_num 
_pdbx_unobs_or_zero_occ_residues.polymer_flag 
_pdbx_unobs_or_zero_occ_residues.occupancy_flag 
_pdbx_unobs_or_zero_occ_residues.auth_asym_id 
_pdbx_unobs_or_zero_occ_residues.auth_comp_id 
_pdbx_unobs_or_zero_occ_residues.auth_seq_id 
_pdbx_unobs_or_zero_occ_residues.PDB_ins_code 
_pdbx_unobs_or_zero_occ_residues.label_asym_id 
_pdbx_unobs_or_zero_occ_residues.label_comp_id 
_pdbx_unobs_or_zero_occ_residues.label_seq_id 
1  1 Y 1 A SER 94  ? A SER 1   
2  1 Y 1 A MET 95  ? A MET 2   
3  1 Y 1 A ASP 245 ? A ASP 152 
4  1 Y 1 A SER 246 ? A SER 153 
5  1 Y 1 A SER 247 ? A SER 154 
6  1 Y 1 A ASP 248 ? A ASP 155 
7  1 Y 1 A SER 249 ? A SER 156 
8  1 Y 1 A ASP 250 ? A ASP 157 
9  1 Y 1 A ASN 251 ? A ASN 158 
10 1 Y 1 A GLY 252 ? A GLY 159 
11 1 Y 1 A PHE 253 ? A PHE 160 
12 1 Y 1 A SER 254 ? A SER 161 
13 1 Y 1 A SER 255 ? A SER 162 
14 1 Y 1 A THR 256 ? A THR 163 
15 1 Y 1 A GLY 257 ? A GLY 164 
16 1 Y 1 A SER 258 ? A SER 165 
17 1 Y 1 A THR 259 ? A THR 166 
18 1 Y 1 A PRO 260 ? A PRO 167 
# 
loop_
_chem_comp_atom.comp_id 
_chem_comp_atom.atom_id 
_chem_comp_atom.type_symbol 
_chem_comp_atom.pdbx_aromatic_flag 
_chem_comp_atom.pdbx_stereo_config 
_chem_comp_atom.pdbx_ordinal 
ACT C    C N N 1   
ACT O    O N N 2   
ACT OXT  O N N 3   
ACT CH3  C N N 4   
ACT H1   H N N 5   
ACT H2   H N N 6   
ACT H3   H N N 7   
ALA N    N N N 8   
ALA CA   C N S 9   
ALA C    C N N 10  
ALA O    O N N 11  
ALA CB   C N N 12  
ALA OXT  O N N 13  
ALA H    H N N 14  
ALA H2   H N N 15  
ALA HA   H N N 16  
ALA HB1  H N N 17  
ALA HB2  H N N 18  
ALA HB3  H N N 19  
ALA HXT  H N N 20  
ARG N    N N N 21  
ARG CA   C N S 22  
ARG C    C N N 23  
ARG O    O N N 24  
ARG CB   C N N 25  
ARG CG   C N N 26  
ARG CD   C N N 27  
ARG NE   N N N 28  
ARG CZ   C N N 29  
ARG NH1  N N N 30  
ARG NH2  N N N 31  
ARG OXT  O N N 32  
ARG H    H N N 33  
ARG H2   H N N 34  
ARG HA   H N N 35  
ARG HB2  H N N 36  
ARG HB3  H N N 37  
ARG HG2  H N N 38  
ARG HG3  H N N 39  
ARG HD2  H N N 40  
ARG HD3  H N N 41  
ARG HE   H N N 42  
ARG HH11 H N N 43  
ARG HH12 H N N 44  
ARG HH21 H N N 45  
ARG HH22 H N N 46  
ARG HXT  H N N 47  
ASN N    N N N 48  
ASN CA   C N S 49  
ASN C    C N N 50  
ASN O    O N N 51  
ASN CB   C N N 52  
ASN CG   C N N 53  
ASN OD1  O N N 54  
ASN ND2  N N N 55  
ASN OXT  O N N 56  
ASN H    H N N 57  
ASN H2   H N N 58  
ASN HA   H N N 59  
ASN HB2  H N N 60  
ASN HB3  H N N 61  
ASN HD21 H N N 62  
ASN HD22 H N N 63  
ASN HXT  H N N 64  
ASP N    N N N 65  
ASP CA   C N S 66  
ASP C    C N N 67  
ASP O    O N N 68  
ASP CB   C N N 69  
ASP CG   C N N 70  
ASP OD1  O N N 71  
ASP OD2  O N N 72  
ASP OXT  O N N 73  
ASP H    H N N 74  
ASP H2   H N N 75  
ASP HA   H N N 76  
ASP HB2  H N N 77  
ASP HB3  H N N 78  
ASP HD2  H N N 79  
ASP HXT  H N N 80  
CYS N    N N N 81  
CYS CA   C N R 82  
CYS C    C N N 83  
CYS O    O N N 84  
CYS CB   C N N 85  
CYS SG   S N N 86  
CYS OXT  O N N 87  
CYS H    H N N 88  
CYS H2   H N N 89  
CYS HA   H N N 90  
CYS HB2  H N N 91  
CYS HB3  H N N 92  
CYS HG   H N N 93  
CYS HXT  H N N 94  
DMS S    S N N 95  
DMS O    O N N 96  
DMS C1   C N N 97  
DMS C2   C N N 98  
DMS H11  H N N 99  
DMS H12  H N N 100 
DMS H13  H N N 101 
DMS H21  H N N 102 
DMS H22  H N N 103 
DMS H23  H N N 104 
EDO C1   C N N 105 
EDO O1   O N N 106 
EDO C2   C N N 107 
EDO O2   O N N 108 
EDO H11  H N N 109 
EDO H12  H N N 110 
EDO HO1  H N N 111 
EDO H21  H N N 112 
EDO H22  H N N 113 
EDO HO2  H N N 114 
GLN N    N N N 115 
GLN CA   C N S 116 
GLN C    C N N 117 
GLN O    O N N 118 
GLN CB   C N N 119 
GLN CG   C N N 120 
GLN CD   C N N 121 
GLN OE1  O N N 122 
GLN NE2  N N N 123 
GLN OXT  O N N 124 
GLN H    H N N 125 
GLN H2   H N N 126 
GLN HA   H N N 127 
GLN HB2  H N N 128 
GLN HB3  H N N 129 
GLN HG2  H N N 130 
GLN HG3  H N N 131 
GLN HE21 H N N 132 
GLN HE22 H N N 133 
GLN HXT  H N N 134 
GLU N    N N N 135 
GLU CA   C N S 136 
GLU C    C N N 137 
GLU O    O N N 138 
GLU CB   C N N 139 
GLU CG   C N N 140 
GLU CD   C N N 141 
GLU OE1  O N N 142 
GLU OE2  O N N 143 
GLU OXT  O N N 144 
GLU H    H N N 145 
GLU H2   H N N 146 
GLU HA   H N N 147 
GLU HB2  H N N 148 
GLU HB3  H N N 149 
GLU HG2  H N N 150 
GLU HG3  H N N 151 
GLU HE2  H N N 152 
GLU HXT  H N N 153 
GLY N    N N N 154 
GLY CA   C N N 155 
GLY C    C N N 156 
GLY O    O N N 157 
GLY OXT  O N N 158 
GLY H    H N N 159 
GLY H2   H N N 160 
GLY HA2  H N N 161 
GLY HA3  H N N 162 
GLY HXT  H N N 163 
HIS N    N N N 164 
HIS CA   C N S 165 
HIS C    C N N 166 
HIS O    O N N 167 
HIS CB   C N N 168 
HIS CG   C Y N 169 
HIS ND1  N Y N 170 
HIS CD2  C Y N 171 
HIS CE1  C Y N 172 
HIS NE2  N Y N 173 
HIS OXT  O N N 174 
HIS H    H N N 175 
HIS H2   H N N 176 
HIS HA   H N N 177 
HIS HB2  H N N 178 
HIS HB3  H N N 179 
HIS HD1  H N N 180 
HIS HD2  H N N 181 
HIS HE1  H N N 182 
HIS HE2  H N N 183 
HIS HXT  H N N 184 
HOH O    O N N 185 
HOH H1   H N N 186 
HOH H2   H N N 187 
ILE N    N N N 188 
ILE CA   C N S 189 
ILE C    C N N 190 
ILE O    O N N 191 
ILE CB   C N S 192 
ILE CG1  C N N 193 
ILE CG2  C N N 194 
ILE CD1  C N N 195 
ILE OXT  O N N 196 
ILE H    H N N 197 
ILE H2   H N N 198 
ILE HA   H N N 199 
ILE HB   H N N 200 
ILE HG12 H N N 201 
ILE HG13 H N N 202 
ILE HG21 H N N 203 
ILE HG22 H N N 204 
ILE HG23 H N N 205 
ILE HD11 H N N 206 
ILE HD12 H N N 207 
ILE HD13 H N N 208 
ILE HXT  H N N 209 
LEU N    N N N 210 
LEU CA   C N S 211 
LEU C    C N N 212 
LEU O    O N N 213 
LEU CB   C N N 214 
LEU CG   C N N 215 
LEU CD1  C N N 216 
LEU CD2  C N N 217 
LEU OXT  O N N 218 
LEU H    H N N 219 
LEU H2   H N N 220 
LEU HA   H N N 221 
LEU HB2  H N N 222 
LEU HB3  H N N 223 
LEU HG   H N N 224 
LEU HD11 H N N 225 
LEU HD12 H N N 226 
LEU HD13 H N N 227 
LEU HD21 H N N 228 
LEU HD22 H N N 229 
LEU HD23 H N N 230 
LEU HXT  H N N 231 
LFY N1   N Y N 232 
LFY N3   N N N 233 
LFY C4   C Y N 234 
LFY C5   C Y N 235 
LFY C6   C N N 236 
LFY C7   C N N 237 
LFY C8   C Y N 238 
LFY C10  C Y N 239 
LFY C13  C Y N 240 
LFY C1   C N N 241 
LFY C11  C Y N 242 
LFY C12  C Y N 243 
LFY C2   C N N 244 
LFY C3   C Y N 245 
LFY C9   C Y N 246 
LFY F1   F N N 247 
LFY N2   N Y N 248 
LFY O1   O N N 249 
LFY H1   H N N 250 
LFY H2   H N N 251 
LFY H3   H N N 252 
LFY H4   H N N 253 
LFY H5   H N N 254 
LFY H6   H N N 255 
LFY H7   H N N 256 
LFY H8   H N N 257 
LFY H9   H N N 258 
LFY H10  H N N 259 
LFY H11  H N N 260 
LFY H12  H N N 261 
LFY H13  H N N 262 
LFY H14  H N N 263 
LYS N    N N N 264 
LYS CA   C N S 265 
LYS C    C N N 266 
LYS O    O N N 267 
LYS CB   C N N 268 
LYS CG   C N N 269 
LYS CD   C N N 270 
LYS CE   C N N 271 
LYS NZ   N N N 272 
LYS OXT  O N N 273 
LYS H    H N N 274 
LYS H2   H N N 275 
LYS HA   H N N 276 
LYS HB2  H N N 277 
LYS HB3  H N N 278 
LYS HG2  H N N 279 
LYS HG3  H N N 280 
LYS HD2  H N N 281 
LYS HD3  H N N 282 
LYS HE2  H N N 283 
LYS HE3  H N N 284 
LYS HZ1  H N N 285 
LYS HZ2  H N N 286 
LYS HZ3  H N N 287 
LYS HXT  H N N 288 
MET N    N N N 289 
MET CA   C N S 290 
MET C    C N N 291 
MET O    O N N 292 
MET CB   C N N 293 
MET CG   C N N 294 
MET SD   S N N 295 
MET CE   C N N 296 
MET OXT  O N N 297 
MET H    H N N 298 
MET H2   H N N 299 
MET HA   H N N 300 
MET HB2  H N N 301 
MET HB3  H N N 302 
MET HG2  H N N 303 
MET HG3  H N N 304 
MET HE1  H N N 305 
MET HE2  H N N 306 
MET HE3  H N N 307 
MET HXT  H N N 308 
PHE N    N N N 309 
PHE CA   C N S 310 
PHE C    C N N 311 
PHE O    O N N 312 
PHE CB   C N N 313 
PHE CG   C Y N 314 
PHE CD1  C Y N 315 
PHE CD2  C Y N 316 
PHE CE1  C Y N 317 
PHE CE2  C Y N 318 
PHE CZ   C Y N 319 
PHE OXT  O N N 320 
PHE H    H N N 321 
PHE H2   H N N 322 
PHE HA   H N N 323 
PHE HB2  H N N 324 
PHE HB3  H N N 325 
PHE HD1  H N N 326 
PHE HD2  H N N 327 
PHE HE1  H N N 328 
PHE HE2  H N N 329 
PHE HZ   H N N 330 
PHE HXT  H N N 331 
PRO N    N N N 332 
PRO CA   C N S 333 
PRO C    C N N 334 
PRO O    O N N 335 
PRO CB   C N N 336 
PRO CG   C N N 337 
PRO CD   C N N 338 
PRO OXT  O N N 339 
PRO H    H N N 340 
PRO HA   H N N 341 
PRO HB2  H N N 342 
PRO HB3  H N N 343 
PRO HG2  H N N 344 
PRO HG3  H N N 345 
PRO HD2  H N N 346 
PRO HD3  H N N 347 
PRO HXT  H N N 348 
SER N    N N N 349 
SER CA   C N S 350 
SER C    C N N 351 
SER O    O N N 352 
SER CB   C N N 353 
SER OG   O N N 354 
SER OXT  O N N 355 
SER H    H N N 356 
SER H2   H N N 357 
SER HA   H N N 358 
SER HB2  H N N 359 
SER HB3  H N N 360 
SER HG   H N N 361 
SER HXT  H N N 362 
THR N    N N N 363 
THR CA   C N S 364 
THR C    C N N 365 
THR O    O N N 366 
THR CB   C N R 367 
THR OG1  O N N 368 
THR CG2  C N N 369 
THR OXT  O N N 370 
THR H    H N N 371 
THR H2   H N N 372 
THR HA   H N N 373 
THR HB   H N N 374 
THR HG1  H N N 375 
THR HG21 H N N 376 
THR HG22 H N N 377 
THR HG23 H N N 378 
THR HXT  H N N 379 
TRP N    N N N 380 
TRP CA   C N S 381 
TRP C    C N N 382 
TRP O    O N N 383 
TRP CB   C N N 384 
TRP CG   C Y N 385 
TRP CD1  C Y N 386 
TRP CD2  C Y N 387 
TRP NE1  N Y N 388 
TRP CE2  C Y N 389 
TRP CE3  C Y N 390 
TRP CZ2  C Y N 391 
TRP CZ3  C Y N 392 
TRP CH2  C Y N 393 
TRP OXT  O N N 394 
TRP H    H N N 395 
TRP H2   H N N 396 
TRP HA   H N N 397 
TRP HB2  H N N 398 
TRP HB3  H N N 399 
TRP HD1  H N N 400 
TRP HE1  H N N 401 
TRP HE3  H N N 402 
TRP HZ2  H N N 403 
TRP HZ3  H N N 404 
TRP HH2  H N N 405 
TRP HXT  H N N 406 
TYR N    N N N 407 
TYR CA   C N S 408 
TYR C    C N N 409 
TYR O    O N N 410 
TYR CB   C N N 411 
TYR CG   C Y N 412 
TYR CD1  C Y N 413 
TYR CD2  C Y N 414 
TYR CE1  C Y N 415 
TYR CE2  C Y N 416 
TYR CZ   C Y N 417 
TYR OH   O N N 418 
TYR OXT  O N N 419 
TYR H    H N N 420 
TYR H2   H N N 421 
TYR HA   H N N 422 
TYR HB2  H N N 423 
TYR HB3  H N N 424 
TYR HD1  H N N 425 
TYR HD2  H N N 426 
TYR HE1  H N N 427 
TYR HE2  H N N 428 
TYR HH   H N N 429 
TYR HXT  H N N 430 
VAL N    N N N 431 
VAL CA   C N S 432 
VAL C    C N N 433 
VAL O    O N N 434 
VAL CB   C N N 435 
VAL CG1  C N N 436 
VAL CG2  C N N 437 
VAL OXT  O N N 438 
VAL H    H N N 439 
VAL H2   H N N 440 
VAL HA   H N N 441 
VAL HB   H N N 442 
VAL HG11 H N N 443 
VAL HG12 H N N 444 
VAL HG13 H N N 445 
VAL HG21 H N N 446 
VAL HG22 H N N 447 
VAL HG23 H N N 448 
VAL HXT  H N N 449 
# 
loop_
_chem_comp_bond.comp_id 
_chem_comp_bond.atom_id_1 
_chem_comp_bond.atom_id_2 
_chem_comp_bond.value_order 
_chem_comp_bond.pdbx_aromatic_flag 
_chem_comp_bond.pdbx_stereo_config 
_chem_comp_bond.pdbx_ordinal 
ACT C   O    doub N N 1   
ACT C   OXT  sing N N 2   
ACT C   CH3  sing N N 3   
ACT CH3 H1   sing N N 4   
ACT CH3 H2   sing N N 5   
ACT CH3 H3   sing N N 6   
ALA N   CA   sing N N 7   
ALA N   H    sing N N 8   
ALA N   H2   sing N N 9   
ALA CA  C    sing N N 10  
ALA CA  CB   sing N N 11  
ALA CA  HA   sing N N 12  
ALA C   O    doub N N 13  
ALA C   OXT  sing N N 14  
ALA CB  HB1  sing N N 15  
ALA CB  HB2  sing N N 16  
ALA CB  HB3  sing N N 17  
ALA OXT HXT  sing N N 18  
ARG N   CA   sing N N 19  
ARG N   H    sing N N 20  
ARG N   H2   sing N N 21  
ARG CA  C    sing N N 22  
ARG CA  CB   sing N N 23  
ARG CA  HA   sing N N 24  
ARG C   O    doub N N 25  
ARG C   OXT  sing N N 26  
ARG CB  CG   sing N N 27  
ARG CB  HB2  sing N N 28  
ARG CB  HB3  sing N N 29  
ARG CG  CD   sing N N 30  
ARG CG  HG2  sing N N 31  
ARG CG  HG3  sing N N 32  
ARG CD  NE   sing N N 33  
ARG CD  HD2  sing N N 34  
ARG CD  HD3  sing N N 35  
ARG NE  CZ   sing N N 36  
ARG NE  HE   sing N N 37  
ARG CZ  NH1  sing N N 38  
ARG CZ  NH2  doub N N 39  
ARG NH1 HH11 sing N N 40  
ARG NH1 HH12 sing N N 41  
ARG NH2 HH21 sing N N 42  
ARG NH2 HH22 sing N N 43  
ARG OXT HXT  sing N N 44  
ASN N   CA   sing N N 45  
ASN N   H    sing N N 46  
ASN N   H2   sing N N 47  
ASN CA  C    sing N N 48  
ASN CA  CB   sing N N 49  
ASN CA  HA   sing N N 50  
ASN C   O    doub N N 51  
ASN C   OXT  sing N N 52  
ASN CB  CG   sing N N 53  
ASN CB  HB2  sing N N 54  
ASN CB  HB3  sing N N 55  
ASN CG  OD1  doub N N 56  
ASN CG  ND2  sing N N 57  
ASN ND2 HD21 sing N N 58  
ASN ND2 HD22 sing N N 59  
ASN OXT HXT  sing N N 60  
ASP N   CA   sing N N 61  
ASP N   H    sing N N 62  
ASP N   H2   sing N N 63  
ASP CA  C    sing N N 64  
ASP CA  CB   sing N N 65  
ASP CA  HA   sing N N 66  
ASP C   O    doub N N 67  
ASP C   OXT  sing N N 68  
ASP CB  CG   sing N N 69  
ASP CB  HB2  sing N N 70  
ASP CB  HB3  sing N N 71  
ASP CG  OD1  doub N N 72  
ASP CG  OD2  sing N N 73  
ASP OD2 HD2  sing N N 74  
ASP OXT HXT  sing N N 75  
CYS N   CA   sing N N 76  
CYS N   H    sing N N 77  
CYS N   H2   sing N N 78  
CYS CA  C    sing N N 79  
CYS CA  CB   sing N N 80  
CYS CA  HA   sing N N 81  
CYS C   O    doub N N 82  
CYS C   OXT  sing N N 83  
CYS CB  SG   sing N N 84  
CYS CB  HB2  sing N N 85  
CYS CB  HB3  sing N N 86  
CYS SG  HG   sing N N 87  
CYS OXT HXT  sing N N 88  
DMS S   O    doub N N 89  
DMS S   C1   sing N N 90  
DMS S   C2   sing N N 91  
DMS C1  H11  sing N N 92  
DMS C1  H12  sing N N 93  
DMS C1  H13  sing N N 94  
DMS C2  H21  sing N N 95  
DMS C2  H22  sing N N 96  
DMS C2  H23  sing N N 97  
EDO C1  O1   sing N N 98  
EDO C1  C2   sing N N 99  
EDO C1  H11  sing N N 100 
EDO C1  H12  sing N N 101 
EDO O1  HO1  sing N N 102 
EDO C2  O2   sing N N 103 
EDO C2  H21  sing N N 104 
EDO C2  H22  sing N N 105 
EDO O2  HO2  sing N N 106 
GLN N   CA   sing N N 107 
GLN N   H    sing N N 108 
GLN N   H2   sing N N 109 
GLN CA  C    sing N N 110 
GLN CA  CB   sing N N 111 
GLN CA  HA   sing N N 112 
GLN C   O    doub N N 113 
GLN C   OXT  sing N N 114 
GLN CB  CG   sing N N 115 
GLN CB  HB2  sing N N 116 
GLN CB  HB3  sing N N 117 
GLN CG  CD   sing N N 118 
GLN CG  HG2  sing N N 119 
GLN CG  HG3  sing N N 120 
GLN CD  OE1  doub N N 121 
GLN CD  NE2  sing N N 122 
GLN NE2 HE21 sing N N 123 
GLN NE2 HE22 sing N N 124 
GLN OXT HXT  sing N N 125 
GLU N   CA   sing N N 126 
GLU N   H    sing N N 127 
GLU N   H2   sing N N 128 
GLU CA  C    sing N N 129 
GLU CA  CB   sing N N 130 
GLU CA  HA   sing N N 131 
GLU C   O    doub N N 132 
GLU C   OXT  sing N N 133 
GLU CB  CG   sing N N 134 
GLU CB  HB2  sing N N 135 
GLU CB  HB3  sing N N 136 
GLU CG  CD   sing N N 137 
GLU CG  HG2  sing N N 138 
GLU CG  HG3  sing N N 139 
GLU CD  OE1  doub N N 140 
GLU CD  OE2  sing N N 141 
GLU OE2 HE2  sing N N 142 
GLU OXT HXT  sing N N 143 
GLY N   CA   sing N N 144 
GLY N   H    sing N N 145 
GLY N   H2   sing N N 146 
GLY CA  C    sing N N 147 
GLY CA  HA2  sing N N 148 
GLY CA  HA3  sing N N 149 
GLY C   O    doub N N 150 
GLY C   OXT  sing N N 151 
GLY OXT HXT  sing N N 152 
HIS N   CA   sing N N 153 
HIS N   H    sing N N 154 
HIS N   H2   sing N N 155 
HIS CA  C    sing N N 156 
HIS CA  CB   sing N N 157 
HIS CA  HA   sing N N 158 
HIS C   O    doub N N 159 
HIS C   OXT  sing N N 160 
HIS CB  CG   sing N N 161 
HIS CB  HB2  sing N N 162 
HIS CB  HB3  sing N N 163 
HIS CG  ND1  sing Y N 164 
HIS CG  CD2  doub Y N 165 
HIS ND1 CE1  doub Y N 166 
HIS ND1 HD1  sing N N 167 
HIS CD2 NE2  sing Y N 168 
HIS CD2 HD2  sing N N 169 
HIS CE1 NE2  sing Y N 170 
HIS CE1 HE1  sing N N 171 
HIS NE2 HE2  sing N N 172 
HIS OXT HXT  sing N N 173 
HOH O   H1   sing N N 174 
HOH O   H2   sing N N 175 
ILE N   CA   sing N N 176 
ILE N   H    sing N N 177 
ILE N   H2   sing N N 178 
ILE CA  C    sing N N 179 
ILE CA  CB   sing N N 180 
ILE CA  HA   sing N N 181 
ILE C   O    doub N N 182 
ILE C   OXT  sing N N 183 
ILE CB  CG1  sing N N 184 
ILE CB  CG2  sing N N 185 
ILE CB  HB   sing N N 186 
ILE CG1 CD1  sing N N 187 
ILE CG1 HG12 sing N N 188 
ILE CG1 HG13 sing N N 189 
ILE CG2 HG21 sing N N 190 
ILE CG2 HG22 sing N N 191 
ILE CG2 HG23 sing N N 192 
ILE CD1 HD11 sing N N 193 
ILE CD1 HD12 sing N N 194 
ILE CD1 HD13 sing N N 195 
ILE OXT HXT  sing N N 196 
LEU N   CA   sing N N 197 
LEU N   H    sing N N 198 
LEU N   H2   sing N N 199 
LEU CA  C    sing N N 200 
LEU CA  CB   sing N N 201 
LEU CA  HA   sing N N 202 
LEU C   O    doub N N 203 
LEU C   OXT  sing N N 204 
LEU CB  CG   sing N N 205 
LEU CB  HB2  sing N N 206 
LEU CB  HB3  sing N N 207 
LEU CG  CD1  sing N N 208 
LEU CG  CD2  sing N N 209 
LEU CG  HG   sing N N 210 
LEU CD1 HD11 sing N N 211 
LEU CD1 HD12 sing N N 212 
LEU CD1 HD13 sing N N 213 
LEU CD2 HD21 sing N N 214 
LEU CD2 HD22 sing N N 215 
LEU CD2 HD23 sing N N 216 
LEU OXT HXT  sing N N 217 
LFY C1  C2   sing N N 218 
LFY C2  N1   sing N N 219 
LFY N1  C3   sing Y N 220 
LFY N1  C5   sing Y N 221 
LFY C3  N2   doub Y N 222 
LFY C5  C4   doub Y N 223 
LFY N2  C4   sing Y N 224 
LFY C4  C6   sing N N 225 
LFY C6  O1   doub N N 226 
LFY C6  N3   sing N N 227 
LFY N3  C7   sing N N 228 
LFY C7  C8   sing N N 229 
LFY C8  C9   doub Y N 230 
LFY C8  C13  sing Y N 231 
LFY C9  C10  sing Y N 232 
LFY C13 C12  doub Y N 233 
LFY C10 C11  doub Y N 234 
LFY C12 C11  sing Y N 235 
LFY C11 F1   sing N N 236 
LFY N3  H1   sing N N 237 
LFY C5  H2   sing N N 238 
LFY C7  H3   sing N N 239 
LFY C7  H4   sing N N 240 
LFY C10 H5   sing N N 241 
LFY C13 H6   sing N N 242 
LFY C1  H7   sing N N 243 
LFY C1  H8   sing N N 244 
LFY C1  H9   sing N N 245 
LFY C12 H10  sing N N 246 
LFY C2  H11  sing N N 247 
LFY C2  H12  sing N N 248 
LFY C3  H13  sing N N 249 
LFY C9  H14  sing N N 250 
LYS N   CA   sing N N 251 
LYS N   H    sing N N 252 
LYS N   H2   sing N N 253 
LYS CA  C    sing N N 254 
LYS CA  CB   sing N N 255 
LYS CA  HA   sing N N 256 
LYS C   O    doub N N 257 
LYS C   OXT  sing N N 258 
LYS CB  CG   sing N N 259 
LYS CB  HB2  sing N N 260 
LYS CB  HB3  sing N N 261 
LYS CG  CD   sing N N 262 
LYS CG  HG2  sing N N 263 
LYS CG  HG3  sing N N 264 
LYS CD  CE   sing N N 265 
LYS CD  HD2  sing N N 266 
LYS CD  HD3  sing N N 267 
LYS CE  NZ   sing N N 268 
LYS CE  HE2  sing N N 269 
LYS CE  HE3  sing N N 270 
LYS NZ  HZ1  sing N N 271 
LYS NZ  HZ2  sing N N 272 
LYS NZ  HZ3  sing N N 273 
LYS OXT HXT  sing N N 274 
MET N   CA   sing N N 275 
MET N   H    sing N N 276 
MET N   H2   sing N N 277 
MET CA  C    sing N N 278 
MET CA  CB   sing N N 279 
MET CA  HA   sing N N 280 
MET C   O    doub N N 281 
MET C   OXT  sing N N 282 
MET CB  CG   sing N N 283 
MET CB  HB2  sing N N 284 
MET CB  HB3  sing N N 285 
MET CG  SD   sing N N 286 
MET CG  HG2  sing N N 287 
MET CG  HG3  sing N N 288 
MET SD  CE   sing N N 289 
MET CE  HE1  sing N N 290 
MET CE  HE2  sing N N 291 
MET CE  HE3  sing N N 292 
MET OXT HXT  sing N N 293 
PHE N   CA   sing N N 294 
PHE N   H    sing N N 295 
PHE N   H2   sing N N 296 
PHE CA  C    sing N N 297 
PHE CA  CB   sing N N 298 
PHE CA  HA   sing N N 299 
PHE C   O    doub N N 300 
PHE C   OXT  sing N N 301 
PHE CB  CG   sing N N 302 
PHE CB  HB2  sing N N 303 
PHE CB  HB3  sing N N 304 
PHE CG  CD1  doub Y N 305 
PHE CG  CD2  sing Y N 306 
PHE CD1 CE1  sing Y N 307 
PHE CD1 HD1  sing N N 308 
PHE CD2 CE2  doub Y N 309 
PHE CD2 HD2  sing N N 310 
PHE CE1 CZ   doub Y N 311 
PHE CE1 HE1  sing N N 312 
PHE CE2 CZ   sing Y N 313 
PHE CE2 HE2  sing N N 314 
PHE CZ  HZ   sing N N 315 
PHE OXT HXT  sing N N 316 
PRO N   CA   sing N N 317 
PRO N   CD   sing N N 318 
PRO N   H    sing N N 319 
PRO CA  C    sing N N 320 
PRO CA  CB   sing N N 321 
PRO CA  HA   sing N N 322 
PRO C   O    doub N N 323 
PRO C   OXT  sing N N 324 
PRO CB  CG   sing N N 325 
PRO CB  HB2  sing N N 326 
PRO CB  HB3  sing N N 327 
PRO CG  CD   sing N N 328 
PRO CG  HG2  sing N N 329 
PRO CG  HG3  sing N N 330 
PRO CD  HD2  sing N N 331 
PRO CD  HD3  sing N N 332 
PRO OXT HXT  sing N N 333 
SER N   CA   sing N N 334 
SER N   H    sing N N 335 
SER N   H2   sing N N 336 
SER CA  C    sing N N 337 
SER CA  CB   sing N N 338 
SER CA  HA   sing N N 339 
SER C   O    doub N N 340 
SER C   OXT  sing N N 341 
SER CB  OG   sing N N 342 
SER CB  HB2  sing N N 343 
SER CB  HB3  sing N N 344 
SER OG  HG   sing N N 345 
SER OXT HXT  sing N N 346 
THR N   CA   sing N N 347 
THR N   H    sing N N 348 
THR N   H2   sing N N 349 
THR CA  C    sing N N 350 
THR CA  CB   sing N N 351 
THR CA  HA   sing N N 352 
THR C   O    doub N N 353 
THR C   OXT  sing N N 354 
THR CB  OG1  sing N N 355 
THR CB  CG2  sing N N 356 
THR CB  HB   sing N N 357 
THR OG1 HG1  sing N N 358 
THR CG2 HG21 sing N N 359 
THR CG2 HG22 sing N N 360 
THR CG2 HG23 sing N N 361 
THR OXT HXT  sing N N 362 
TRP N   CA   sing N N 363 
TRP N   H    sing N N 364 
TRP N   H2   sing N N 365 
TRP CA  C    sing N N 366 
TRP CA  CB   sing N N 367 
TRP CA  HA   sing N N 368 
TRP C   O    doub N N 369 
TRP C   OXT  sing N N 370 
TRP CB  CG   sing N N 371 
TRP CB  HB2  sing N N 372 
TRP CB  HB3  sing N N 373 
TRP CG  CD1  doub Y N 374 
TRP CG  CD2  sing Y N 375 
TRP CD1 NE1  sing Y N 376 
TRP CD1 HD1  sing N N 377 
TRP CD2 CE2  doub Y N 378 
TRP CD2 CE3  sing Y N 379 
TRP NE1 CE2  sing Y N 380 
TRP NE1 HE1  sing N N 381 
TRP CE2 CZ2  sing Y N 382 
TRP CE3 CZ3  doub Y N 383 
TRP CE3 HE3  sing N N 384 
TRP CZ2 CH2  doub Y N 385 
TRP CZ2 HZ2  sing N N 386 
TRP CZ3 CH2  sing Y N 387 
TRP CZ3 HZ3  sing N N 388 
TRP CH2 HH2  sing N N 389 
TRP OXT HXT  sing N N 390 
TYR N   CA   sing N N 391 
TYR N   H    sing N N 392 
TYR N   H2   sing N N 393 
TYR CA  C    sing N N 394 
TYR CA  CB   sing N N 395 
TYR CA  HA   sing N N 396 
TYR C   O    doub N N 397 
TYR C   OXT  sing N N 398 
TYR CB  CG   sing N N 399 
TYR CB  HB2  sing N N 400 
TYR CB  HB3  sing N N 401 
TYR CG  CD1  doub Y N 402 
TYR CG  CD2  sing Y N 403 
TYR CD1 CE1  sing Y N 404 
TYR CD1 HD1  sing N N 405 
TYR CD2 CE2  doub Y N 406 
TYR CD2 HD2  sing N N 407 
TYR CE1 CZ   doub Y N 408 
TYR CE1 HE1  sing N N 409 
TYR CE2 CZ   sing Y N 410 
TYR CE2 HE2  sing N N 411 
TYR CZ  OH   sing N N 412 
TYR OH  HH   sing N N 413 
TYR OXT HXT  sing N N 414 
VAL N   CA   sing N N 415 
VAL N   H    sing N N 416 
VAL N   H2   sing N N 417 
VAL CA  C    sing N N 418 
VAL CA  CB   sing N N 419 
VAL CA  HA   sing N N 420 
VAL C   O    doub N N 421 
VAL C   OXT  sing N N 422 
VAL CB  CG1  sing N N 423 
VAL CB  CG2  sing N N 424 
VAL CB  HB   sing N N 425 
VAL CG1 HG11 sing N N 426 
VAL CG1 HG12 sing N N 427 
VAL CG1 HG13 sing N N 428 
VAL CG2 HG21 sing N N 429 
VAL CG2 HG22 sing N N 430 
VAL CG2 HG23 sing N N 431 
VAL OXT HXT  sing N N 432 
# 
_pdbx_deposit_group.group_id            G_1002061 
_pdbx_deposit_group.group_description   
;XDomainX of XOrganismX DCP2 (NUDT20) screened against the XXX Fragment Library by X-ray Crystallography at the XChem facility of Diamond Light Source beamline I04-1
;
_pdbx_deposit_group.group_title         'PanDDA analysis group deposition' 
_pdbx_deposit_group.group_type          'changed state' 
# 
_pdbx_related_exp_data_set.ordinal              1 
_pdbx_related_exp_data_set.data_reference       10.5281/zenodo.1437589 
_pdbx_related_exp_data_set.metadata_reference   10.5281/zenodo.1437589 
_pdbx_related_exp_data_set.data_set_type        'other data' 
_pdbx_related_exp_data_set.details              'Complete PanDDA analysis' 
# 
_atom_sites.entry_id                    5QP5 
_atom_sites.fract_transf_matrix[1][1]   0.01758527 
_atom_sites.fract_transf_matrix[1][2]   0.00804104 
_atom_sites.fract_transf_matrix[1][3]   -0.00798150 
_atom_sites.fract_transf_matrix[2][1]   0.00849927 
_atom_sites.fract_transf_matrix[2][2]   -0.01267478 
_atom_sites.fract_transf_matrix[2][3]   0.00595671 
_atom_sites.fract_transf_matrix[3][1]   -0.00236365 
_atom_sites.fract_transf_matrix[3][2]   -0.00765851 
_atom_sites.fract_transf_matrix[3][3]   -0.01292336 
_atom_sites.fract_transf_vector[1]      -0.883193 
_atom_sites.fract_transf_vector[2]      0.227951 
_atom_sites.fract_transf_vector[3]      1.168071 
# 
loop_
_atom_type.symbol 
C 
F 
N 
O 
S 
# 
loop_
_atom_site.group_PDB 
_atom_site.id 
_atom_site.type_symbol 
_atom_site.label_atom_id 
_atom_site.label_alt_id 
_atom_site.label_comp_id 
_atom_site.label_asym_id 
_atom_site.label_entity_id 
_atom_site.label_seq_id 
_atom_site.pdbx_PDB_ins_code 
_atom_site.Cartn_x 
_atom_site.Cartn_y 
_atom_site.Cartn_z 
_atom_site.occupancy 
_atom_site.B_iso_or_equiv 
_atom_site.pdbx_formal_charge 
_atom_site.auth_seq_id 
_atom_site.auth_comp_id 
_atom_site.auth_asym_id 
_atom_site.auth_atom_id 
_atom_site.pdbx_PDB_model_num 
ATOM   1    N N   . GLY A 1 3   ? 16.925  4.684   -7.012  1.00 102.58 ? 96  GLY A N   1 
ATOM   2    C CA  . GLY A 1 3   ? 15.962  3.702   -7.598  1.00 101.71 ? 96  GLY A CA  1 
ATOM   3    C C   . GLY A 1 3   ? 14.908  4.286   -8.538  1.00 98.42  ? 96  GLY A C   1 
ATOM   4    O O   . GLY A 1 3   ? 14.724  5.498   -8.657  1.00 104.91 ? 96  GLY A O   1 
ATOM   5    N N   . VAL A 1 4   ? 14.202  3.384   -9.195  1.00 92.16  ? 97  VAL A N   1 
ATOM   6    C CA  . VAL A 1 4   ? 13.144  3.720   -10.148 1.00 86.26  ? 97  VAL A CA  1 
ATOM   7    C C   . VAL A 1 4   ? 11.800  3.946   -9.403  1.00 69.58  ? 97  VAL A C   1 
ATOM   8    O O   . VAL A 1 4   ? 11.552  3.238   -8.443  1.00 65.84  ? 97  VAL A O   1 
ATOM   9    C CB  . VAL A 1 4   ? 13.054  2.558   -11.152 1.00 90.08  ? 97  VAL A CB  1 
ATOM   10   C CG1 . VAL A 1 4   ? 11.857  2.686   -12.083 1.00 94.64  ? 97  VAL A CG1 1 
ATOM   11   C CG2 . VAL A 1 4   ? 14.360  2.482   -11.936 1.00 93.16  ? 97  VAL A CG2 1 
ATOM   12   N N   . PRO A 1 5   ? 10.961  4.927   -9.832  1.00 62.25  ? 98  PRO A N   1 
ATOM   13   C CA  . PRO A 1 5   ? 9.742   5.195   -9.083  1.00 62.91  ? 98  PRO A CA  1 
ATOM   14   C C   . PRO A 1 5   ? 8.756   3.987   -9.059  1.00 62.88  ? 98  PRO A C   1 
ATOM   15   O O   . PRO A 1 5   ? 8.714   3.208   -10.023 1.00 52.19  ? 98  PRO A O   1 
ATOM   16   C CB  . PRO A 1 5   ? 9.152   6.432   -9.784  1.00 66.02  ? 98  PRO A CB  1 
ATOM   17   C CG  . PRO A 1 5   ? 10.240  6.959   -10.689 1.00 60.46  ? 98  PRO A CG  1 
ATOM   18   C CD  . PRO A 1 5   ? 11.011  5.759   -11.054 1.00 67.31  ? 98  PRO A CD  1 
ATOM   19   N N   . THR A 1 6   ? 8.022   3.804   -7.938  1.00 52.94  ? 99  THR A N   1 
ATOM   20   C CA  . THR A 1 6   ? 7.010   2.723   -7.839  1.00 49.33  ? 99  THR A CA  1 
ATOM   21   C C   . THR A 1 6   ? 5.624   3.350   -7.712  1.00 46.80  ? 99  THR A C   1 
ATOM   22   O O   . THR A 1 6   ? 5.492   4.454   -7.196  1.00 45.99  ? 99  THR A O   1 
ATOM   23   C CB  . THR A 1 6   ? 7.303   1.805   -6.670  1.00 50.13  ? 99  THR A CB  1 
ATOM   24   O OG1 . THR A 1 6   ? 7.233   2.595   -5.470  1.00 51.84  ? 99  THR A OG1 1 
ATOM   25   C CG2 . THR A 1 6   ? 8.704   1.199   -6.850  1.00 53.16  ? 99  THR A CG2 1 
ATOM   26   N N   . TYR A 1 7   ? 4.602   2.675   -8.224  1.00 47.45  ? 100 TYR A N   1 
ATOM   27   C CA  . TYR A 1 7   ? 3.245   3.162   -8.132  1.00 43.27  ? 100 TYR A CA  1 
ATOM   28   C C   . TYR A 1 7   ? 2.334   2.011   -7.718  1.00 42.35  ? 100 TYR A C   1 
ATOM   29   O O   . TYR A 1 7   ? 2.570   0.880   -8.106  1.00 42.15  ? 100 TYR A O   1 
ATOM   30   C CB  . TYR A 1 7   ? 2.771   3.695   -9.508  1.00 49.71  ? 100 TYR A CB  1 
ATOM   31   C CG  . TYR A 1 7   ? 3.610   4.869   -9.994  1.00 49.81  ? 100 TYR A CG  1 
ATOM   32   C CD1 . TYR A 1 7   ? 3.378   6.143   -9.512  1.00 53.40  ? 100 TYR A CD1 1 
ATOM   33   C CD2 . TYR A 1 7   ? 4.686   4.672   -10.849 1.00 57.74  ? 100 TYR A CD2 1 
ATOM   34   C CE1 . TYR A 1 7   ? 4.176   7.214   -9.879  1.00 59.32  ? 100 TYR A CE1 1 
ATOM   35   C CE2 . TYR A 1 7   ? 5.499   5.724   -11.241 1.00 60.23  ? 100 TYR A CE2 1 
ATOM   36   C CZ  . TYR A 1 7   ? 5.233   6.998   -10.774 1.00 61.43  ? 100 TYR A CZ  1 
ATOM   37   O OH  . TYR A 1 7   ? 6.058   8.023   -11.170 1.00 65.11  ? 100 TYR A OH  1 
ATOM   38   N N   . GLY A 1 8   ? 1.232   2.345   -7.057  1.00 43.96  ? 101 GLY A N   1 
ATOM   39   C CA  . GLY A 1 8   ? 0.350   1.350   -6.553  1.00 43.47  ? 101 GLY A CA  1 
ATOM   40   C C   . GLY A 1 8   ? -0.902  1.988   -6.008  1.00 41.57  ? 101 GLY A C   1 
ATOM   41   O O   . GLY A 1 8   ? -1.298  3.031   -6.467  1.00 38.81  ? 101 GLY A O   1 
ATOM   42   N N   . ALA A 1 9   ? -1.599  1.257   -5.161  1.00 37.54  ? 102 ALA A N   1 
ATOM   43   C CA  . ALA A 1 9   ? -2.789  1.744   -4.555  1.00 37.16  ? 102 ALA A CA  1 
ATOM   44   C C   . ALA A 1 9   ? -2.924  1.425   -3.073  1.00 40.22  ? 102 ALA A C   1 
ATOM   45   O O   . ALA A 1 9   ? -2.443  0.406   -2.554  1.00 36.32  ? 102 ALA A O   1 
ATOM   46   C CB  . ALA A 1 9   ? -4.041  1.315   -5.276  1.00 37.62  ? 102 ALA A CB  1 
ATOM   47   N N   . ILE A 1 10  ? -3.634  2.358   -2.445  1.00 38.49  ? 103 ILE A N   1 
ATOM   48   C CA  . ILE A 1 10  ? -4.227  2.164   -1.139  1.00 38.55  ? 103 ILE A CA  1 
ATOM   49   C C   . ILE A 1 10  ? -5.658  2.012   -1.367  1.00 37.83  ? 103 ILE A C   1 
ATOM   50   O O   . ILE A 1 10  ? -6.396  3.003   -1.615  1.00 38.17  ? 103 ILE A O   1 
ATOM   51   C CB  . ILE A 1 10  ? -3.988  3.408   -0.250  1.00 39.59  ? 103 ILE A CB  1 
ATOM   52   C CG1 . ILE A 1 10  ? -2.511  3.510   0.091   1.00 42.50  ? 103 ILE A CG1 1 
ATOM   53   C CG2 . ILE A 1 10  ? -4.805  3.280   1.024   1.00 40.38  ? 103 ILE A CG2 1 
ATOM   54   C CD1 . ILE A 1 10  ? -2.048  4.809   0.763   1.00 47.23  ? 103 ILE A CD1 1 
ATOM   55   N N   . ILE A 1 11  ? -6.104  0.782   -1.271  1.00 38.62  ? 104 ILE A N   1 
ATOM   56   C CA  . ILE A 1 11  ? -7.492  0.444   -1.468  1.00 37.59  ? 104 ILE A CA  1 
ATOM   57   C C   . ILE A 1 11  ? -8.152  0.326   -0.099  1.00 38.89  ? 104 ILE A C   1 
ATOM   58   O O   . ILE A 1 11  ? -7.624  -0.419  0.752   1.00 38.20  ? 104 ILE A O   1 
ATOM   59   C CB  . ILE A 1 11  ? -7.591  -0.904  -2.215  1.00 38.24  ? 104 ILE A CB  1 
ATOM   60   C CG1 . ILE A 1 11  ? -7.039  -0.780  -3.622  1.00 41.14  ? 104 ILE A CG1 1 
ATOM   61   C CG2 . ILE A 1 11  ? -9.005  -1.500  -2.153  1.00 43.19  ? 104 ILE A CG2 1 
ATOM   62   C CD1 . ILE A 1 11  ? -6.638  -2.120  -4.245  1.00 43.74  ? 104 ILE A CD1 1 
ATOM   63   N N   . LEU A 1 12  ? -9.313  1.003   0.080   1.00 37.91  ? 105 LEU A N   1 
ATOM   64   C CA  . LEU A 1 12  ? -10.095 0.985   1.297   1.00 41.86  ? 105 LEU A CA  1 
ATOM   65   C C   . LEU A 1 12  ? -11.436 0.395   1.037   1.00 44.76  ? 105 LEU A C   1 
ATOM   66   O O   . LEU A 1 12  ? -11.993 0.455   -0.088  1.00 44.22  ? 105 LEU A O   1 
ATOM   67   C CB  . LEU A 1 12  ? -10.255 2.381   1.887   1.00 39.64  ? 105 LEU A CB  1 
ATOM   68   C CG  . LEU A 1 12  ? -8.945  3.131   2.122   1.00 40.34  ? 105 LEU A CG  1 
ATOM   69   C CD1 . LEU A 1 12  ? -8.677  4.197   1.095   1.00 46.68  ? 105 LEU A CD1 1 
ATOM   70   C CD2 . LEU A 1 12  ? -8.879  3.738   3.514   1.00 50.60  ? 105 LEU A CD2 1 
ATOM   71   N N   . ASP A 1 13  ? -12.007 -0.147  2.088   1.00 42.44  ? 106 ASP A N   1 
ATOM   72   C CA  . ASP A 1 13  ? -13.338 -0.662  2.008   1.00 44.79  ? 106 ASP A CA  1 
ATOM   73   C C   . ASP A 1 13  ? -14.374 0.444   2.109   1.00 39.19  ? 106 ASP A C   1 
ATOM   74   O O   . ASP A 1 13  ? -14.073 1.618   2.053   1.00 42.05  ? 106 ASP A O   1 
ATOM   75   C CB  . ASP A 1 13  ? -13.545 -1.823  3.037   1.00 48.96  ? 106 ASP A CB  1 
ATOM   76   C CG  . ASP A 1 13  ? -13.541 -1.359  4.474   1.00 46.54  ? 106 ASP A CG  1 
ATOM   77   O OD1 . ASP A 1 13  ? -13.157 -0.220  4.816   1.00 50.83  ? 106 ASP A OD1 1 
ATOM   78   O OD2 . ASP A 1 13  ? -13.886 -2.219  5.258   1.00 63.39  ? 106 ASP A OD2 1 
ATOM   79   N N   . GLU A 1 14  ? -15.627 0.045   2.222   1.00 46.37  ? 107 GLU A N   1 
ATOM   80   C CA  . GLU A 1 14  ? -16.750 0.978   2.236   1.00 51.57  ? 107 GLU A CA  1 
ATOM   81   C C   . GLU A 1 14  ? -16.847 1.762   3.512   1.00 55.51  ? 107 GLU A C   1 
ATOM   82   O O   . GLU A 1 14  ? -17.192 2.903   3.434   1.00 51.12  ? 107 GLU A O   1 
ATOM   83   C CB  . GLU A 1 14  ? -18.117 0.273   1.936   1.00 59.72  ? 107 GLU A CB  1 
ATOM   84   C CG  . GLU A 1 14  ? -18.443 -0.957  2.757   1.00 72.96  ? 107 GLU A CG  1 
ATOM   85   C CD  . GLU A 1 14  ? -18.116 -2.279  2.051   1.00 71.66  ? 107 GLU A CD  1 
ATOM   86   O OE1 . GLU A 1 14  ? -17.079 -2.862  2.370   1.00 61.19  ? 107 GLU A OE1 1 
ATOM   87   O OE2 . GLU A 1 14  ? -18.888 -2.730  1.177   1.00 89.05  ? 107 GLU A OE2 1 
ATOM   88   N N   . THR A 1 15  ? -16.482 1.182   4.674   1.00 48.07  ? 108 THR A N   1 
ATOM   89   C CA  . THR A 1 15  ? -16.491 1.910   5.948   1.00 51.44  ? 108 THR A CA  1 
ATOM   90   C C   . THR A 1 15  ? -15.344 2.852   6.082   1.00 49.47  ? 108 THR A C   1 
ATOM   91   O O   . THR A 1 15  ? -15.307 3.713   6.985   1.00 49.00  ? 108 THR A O   1 
ATOM   92   C CB  . THR A 1 15  ? -16.393 0.942   7.159   1.00 58.79  ? 108 THR A CB  1 
ATOM   93   O OG1 . THR A 1 15  ? -15.119 0.309   7.161   1.00 58.88  ? 108 THR A OG1 1 
ATOM   94   C CG2 . THR A 1 15  ? -17.475 -0.131  7.084   1.00 59.72  ? 108 THR A CG2 1 
ATOM   95   N N   . LEU A 1 16  ? -14.339 2.653   5.228   1.00 44.44  ? 109 LEU A N   1 
ATOM   96   C CA  . LEU A 1 16  ? -13.095 3.384   5.375   1.00 39.92  ? 109 LEU A CA  1 
ATOM   97   C C   . LEU A 1 16  ? -12.216 2.989   6.628   1.00 42.04  ? 109 LEU A C   1 
ATOM   98   O O   . LEU A 1 16  ? -11.272 3.725   6.964   1.00 48.78  ? 109 LEU A O   1 
ATOM   99   C CB  . LEU A 1 16  ? -13.256 4.868   5.337   1.00 43.50  ? 109 LEU A CB  1 
ATOM   100  C CG  . LEU A 1 16  ? -14.022 5.608   4.186   1.00 47.98  ? 109 LEU A CG  1 
ATOM   101  C CD1 . LEU A 1 16  ? -14.163 7.103   4.472   1.00 47.87  ? 109 LEU A CD1 1 
ATOM   102  C CD2 . LEU A 1 16  ? -13.282 5.339   2.878   1.00 50.82  ? 109 LEU A CD2 1 
ATOM   103  N N   . GLU A 1 17  ? -12.539 1.858   7.249   0.50 46.31  ? 110 GLU A N   1 
ATOM   104  C CA  . GLU A 1 17  ? -11.811 1.341   8.415   0.50 49.39  ? 110 GLU A CA  1 
ATOM   105  C C   . GLU A 1 17  ? -10.569 0.524   8.012   0.50 47.43  ? 110 GLU A C   1 
ATOM   106  O O   . GLU A 1 17  ? -9.533  0.567   8.708   0.50 46.26  ? 110 GLU A O   1 
ATOM   107  C CB  . GLU A 1 17  ? -12.730 0.431   9.235   0.50 52.83  ? 110 GLU A CB  1 
ATOM   108  C CG  . GLU A 1 17  ? -13.906 1.130   9.896   0.50 58.10  ? 110 GLU A CG  1 
ATOM   109  C CD  . GLU A 1 17  ? -14.855 0.146   10.555  0.50 61.77  ? 110 GLU A CD  1 
ATOM   110  O OE1 . GLU A 1 17  ? -15.607 -0.565  9.842   0.50 62.40  ? 110 GLU A OE1 1 
ATOM   111  O OE2 . GLU A 1 17  ? -14.851 0.092   11.797  0.50 61.32  ? 110 GLU A OE2 1 
ATOM   112  N N   . ASN A 1 18  ? -10.690 -0.197  6.892   1.00 44.22  ? 111 ASN A N   1 
ATOM   113  C CA  . ASN A 1 18  ? -9.705  -1.206  6.448   1.00 44.60  ? 111 ASN A CA  1 
ATOM   114  C C   . ASN A 1 18  ? -8.979  -0.857  5.164   1.00 46.48  ? 111 ASN A C   1 
ATOM   115  O O   . ASN A 1 18  ? -9.576  -0.281  4.225   1.00 42.79  ? 111 ASN A O   1 
ATOM   116  C CB  . ASN A 1 18  ? -10.473 -2.496  6.241   1.00 46.61  ? 111 ASN A CB  1 
ATOM   117  C CG  . ASN A 1 18  ? -11.159 -2.973  7.530   1.00 62.27  ? 111 ASN A CG  1 
ATOM   118  O OD1 . ASN A 1 18  ? -10.495 -3.229  8.557   1.00 54.27  ? 111 ASN A OD1 1 
ATOM   119  N ND2 . ASN A 1 18  ? -12.485 -3.073  7.491   1.00 56.02  ? 111 ASN A ND2 1 
ATOM   120  N N   . VAL A 1 19  ? -7.687  -1.221  5.103   1.00 43.35  ? 112 VAL A N   1 
ATOM   121  C CA  . VAL A 1 19  ? -6.924  -1.128  3.910   1.00 38.16  ? 112 VAL A CA  1 
ATOM   122  C C   . VAL A 1 19  ? -6.477  -2.533  3.390   1.00 37.80  ? 112 VAL A C   1 
ATOM   123  O O   . VAL A 1 19  ? -6.227  -3.487  4.168   1.00 38.24  ? 112 VAL A O   1 
ATOM   124  C CB  . VAL A 1 19  ? -5.658  -0.296  4.095   1.00 36.89  ? 112 VAL A CB  1 
ATOM   125  C CG1 . VAL A 1 19  ? -5.920  1.192   4.261   1.00 39.87  ? 112 VAL A CG1 1 
ATOM   126  C CG2 . VAL A 1 19  ? -4.824  -0.804  5.290   1.00 34.35  ? 112 VAL A CG2 1 
ATOM   127  N N   . LEU A 1 20  ? -6.284  -2.637  2.081   1.00 36.27  ? 113 LEU A N   1 
ATOM   128  C CA  . LEU A 1 20  ? -5.837  -3.938  1.467   1.00 39.96  ? 113 LEU A CA  1 
ATOM   129  C C   . LEU A 1 20  ? -4.314  -4.022  1.381   1.00 39.79  ? 113 LEU A C   1 
ATOM   130  O O   . LEU A 1 20  ? -3.710  -3.208  0.768   1.00 36.29  ? 113 LEU A O   1 
ATOM   131  C CB  . LEU A 1 20  ? -6.427  -4.170  0.092   1.00 40.31  ? 113 LEU A CB  1 
ATOM   132  C CG  . LEU A 1 20  ? -6.333  -5.619  -0.433  1.00 45.52  ? 113 LEU A CG  1 
ATOM   133  C CD1 . LEU A 1 20  ? -7.364  -6.553  0.216   1.00 41.16  ? 113 LEU A CD1 1 
ATOM   134  C CD2 . LEU A 1 20  ? -6.429  -5.692  -1.940  1.00 48.59  ? 113 LEU A CD2 1 
ATOM   135  N N   . LEU A 1 21  ? -3.699  -5.037  2.004   1.00 35.42  ? 114 LEU A N   1 
ATOM   136  C CA  . LEU A 1 21  ? -2.257  -5.214  1.953   1.00 38.31  ? 114 LEU A CA  1 
ATOM   137  C C   . LEU A 1 21  ? -1.968  -6.537  1.297   1.00 39.80  ? 114 LEU A C   1 
ATOM   138  O O   . LEU A 1 21  ? -2.780  -7.414  1.269   1.00 36.45  ? 114 LEU A O   1 
ATOM   139  C CB  . LEU A 1 21  ? -1.577  -5.167  3.336   1.00 37.59  ? 114 LEU A CB  1 
ATOM   140  C CG  . LEU A 1 21  ? -1.770  -3.924  4.196   1.00 33.83  ? 114 LEU A CG  1 
ATOM   141  C CD1 . LEU A 1 21  ? -0.962  -3.946  5.478   1.00 35.42  ? 114 LEU A CD1 1 
ATOM   142  C CD2 . LEU A 1 21  ? -1.469  -2.619  3.465   1.00 36.36  ? 114 LEU A CD2 1 
ATOM   143  N N   . VAL A 1 22  ? -0.781  -6.648  0.724   1.00 34.99  ? 115 VAL A N   1 
ATOM   144  C CA  . VAL A 1 22  ? -0.319  -7.885  0.167   1.00 37.39  ? 115 VAL A CA  1 
ATOM   145  C C   . VAL A 1 22  ? 1.006   -8.271  0.831   1.00 40.55  ? 115 VAL A C   1 
ATOM   146  O O   . VAL A 1 22  ? 1.706   -7.412  1.362   1.00 38.43  ? 115 VAL A O   1 
ATOM   147  C CB  . VAL A 1 22  ? -0.174  -7.853  -1.328  1.00 39.24  ? 115 VAL A CB  1 
ATOM   148  C CG1 . VAL A 1 22  ? -1.484  -7.452  -1.995  1.00 39.06  ? 115 VAL A CG1 1 
ATOM   149  C CG2 . VAL A 1 22  ? 0.927   -6.905  -1.748  1.00 37.67  ? 115 VAL A CG2 1 
ATOM   150  N N   . GLN A 1 23  ? 1.275   -9.586  0.859   1.00 39.28  ? 116 GLN A N   1 
ATOM   151  C CA  . GLN A 1 23  ? 2.484   -10.184 1.467   1.00 38.01  ? 116 GLN A CA  1 
ATOM   152  C C   . GLN A 1 23  ? 3.210   -10.930 0.370   1.00 37.69  ? 116 GLN A C   1 
ATOM   153  O O   . GLN A 1 23  ? 2.574   -11.652 -0.449  1.00 37.56  ? 116 GLN A O   1 
ATOM   154  C CB  . GLN A 1 23  ? 2.126   -11.152 2.593   1.00 36.76  ? 116 GLN A CB  1 
ATOM   155  C CG  . GLN A 1 23  ? 3.305   -11.804 3.338   1.00 38.43  ? 116 GLN A CG  1 
ATOM   156  C CD  . GLN A 1 23  ? 2.831   -12.859 4.338   1.00 37.31  ? 116 GLN A CD  1 
ATOM   157  O OE1 . GLN A 1 23  ? 1.803   -13.403 4.164   1.00 45.01  ? 116 GLN A OE1 1 
ATOM   158  N NE2 . GLN A 1 23  ? 3.556   -13.079 5.385   1.00 41.94  ? 116 GLN A NE2 1 
ATOM   159  N N   . GLY A 1 24  ? 4.510   -10.712 0.254   1.00 41.73  ? 117 GLY A N   1 
ATOM   160  C CA  . GLY A 1 24  ? 5.254   -11.335 -0.824  1.00 40.54  ? 117 GLY A CA  1 
ATOM   161  C C   . GLY A 1 24  ? 6.026   -12.522 -0.287  1.00 40.83  ? 117 GLY A C   1 
ATOM   162  O O   . GLY A 1 24  ? 5.694   -13.046 0.747   1.00 39.27  ? 117 GLY A O   1 
ATOM   163  N N   . TYR A 1 25  ? 7.136   -12.830 -0.932  1.00 46.78  ? 118 TYR A N   1 
ATOM   164  C CA  . TYR A 1 25  ? 8.027   -13.920 -0.510  1.00 46.97  ? 118 TYR A CA  1 
ATOM   165  C C   . TYR A 1 25  ? 9.484   -13.469 -0.374  1.00 52.73  ? 118 TYR A C   1 
ATOM   166  O O   . TYR A 1 25  ? 9.879   -12.452 -0.928  1.00 45.68  ? 118 TYR A O   1 
ATOM   167  C CB  . TYR A 1 25  ? 8.026   -14.976 -1.576  1.00 43.31  ? 118 TYR A CB  1 
ATOM   168  C CG  . TYR A 1 25  ? 6.803   -15.751 -1.691  1.00 42.01  ? 118 TYR A CG  1 
ATOM   169  C CD1 . TYR A 1 25  ? 6.466   -16.668 -0.735  1.00 44.16  ? 118 TYR A CD1 1 
ATOM   170  C CD2 . TYR A 1 25  ? 5.949   -15.587 -2.768  1.00 48.49  ? 118 TYR A CD2 1 
ATOM   171  C CE1 . TYR A 1 25  ? 5.288   -17.412 -0.857  1.00 40.13  ? 118 TYR A CE1 1 
ATOM   172  C CE2 . TYR A 1 25  ? 4.802   -16.342 -2.874  1.00 48.02  ? 118 TYR A CE2 1 
ATOM   173  C CZ  . TYR A 1 25  ? 4.496   -17.249 -1.922  1.00 42.46  ? 118 TYR A CZ  1 
ATOM   174  O OH  . TYR A 1 25  ? 3.343   -17.976 -2.018  1.00 49.41  ? 118 TYR A OH  1 
ATOM   175  N N   . LEU A 1 26  ? 10.282  -14.241 0.371   1.00 55.41  ? 119 LEU A N   1 
ATOM   176  C CA  . LEU A 1 26  ? 11.722  -14.013 0.463   1.00 56.51  ? 119 LEU A CA  1 
ATOM   177  C C   . LEU A 1 26  ? 12.081  -12.597 0.959   1.00 58.04  ? 119 LEU A C   1 
ATOM   178  O O   . LEU A 1 26  ? 11.846  -12.295 2.090   1.00 56.82  ? 119 LEU A O   1 
ATOM   179  C CB  . LEU A 1 26  ? 12.374  -14.372 -0.897  1.00 50.86  ? 119 LEU A CB  1 
ATOM   180  C CG  . LEU A 1 26  ? 12.383  -15.872 -1.230  1.00 52.87  ? 119 LEU A CG  1 
ATOM   181  C CD1 . LEU A 1 26  ? 12.967  -16.053 -2.603  1.00 59.27  ? 119 LEU A CD1 1 
ATOM   182  C CD2 . LEU A 1 26  ? 13.156  -16.620 -0.127  1.00 59.97  ? 119 LEU A CD2 1 
ATOM   183  N N   . ALA A 1 27  ? 12.640  -11.731 0.124   1.00 61.18  ? 120 ALA A N   1 
ATOM   184  C CA  . ALA A 1 27  ? 12.996  -10.386 0.574   1.00 66.45  ? 120 ALA A CA  1 
ATOM   185  C C   . ALA A 1 27  ? 11.742  -9.468  0.722   1.00 65.63  ? 120 ALA A C   1 
ATOM   186  O O   . ALA A 1 27  ? 11.789  -8.443  1.416   1.00 64.18  ? 120 ALA A O   1 
ATOM   187  C CB  . ALA A 1 27  ? 13.976  -9.777  -0.412  1.00 67.62  ? 120 ALA A CB  1 
ATOM   188  N N   . LYS A 1 28  ? 10.648  -9.856  0.070   1.00 59.09  ? 121 LYS A N   1 
ATOM   189  C CA  . LYS A 1 28  ? 9.393   -9.141  0.153   1.00 54.61  ? 121 LYS A CA  1 
ATOM   190  C C   . LYS A 1 28  ? 8.333   -9.903  0.957   1.00 45.50  ? 121 LYS A C   1 
ATOM   191  O O   . LYS A 1 28  ? 7.159   -9.854  0.679   1.00 45.27  ? 121 LYS A O   1 
ATOM   192  C CB  . LYS A 1 28  ? 8.912   -8.837  -1.239  1.00 54.55  ? 121 LYS A CB  1 
ATOM   193  C CG  . LYS A 1 28  ? 9.686   -7.735  -1.952  1.00 60.86  ? 121 LYS A CG  1 
ATOM   194  C CD  . LYS A 1 28  ? 8.722   -7.173  -2.993  1.00 71.18  ? 121 LYS A CD  1 
ATOM   195  C CE  . LYS A 1 28  ? 9.371   -6.380  -4.090  1.00 82.11  ? 121 LYS A CE  1 
ATOM   196  N NZ  . LYS A 1 28  ? 8.333   -6.222  -5.152  1.00 82.81  ? 121 LYS A NZ  1 
ATOM   197  N N   . SER A 1 29  ? 8.789   -10.498 2.044   1.00 48.37  ? 122 SER A N   1 
ATOM   198  C CA  . SER A 1 29  ? 8.028   -11.385 2.902   1.00 52.14  ? 122 SER A CA  1 
ATOM   199  C C   . SER A 1 29  ? 7.086   -10.756 3.915   1.00 49.96  ? 122 SER A C   1 
ATOM   200  O O   . SER A 1 29  ? 6.286   -11.465 4.520   1.00 52.06  ? 122 SER A O   1 
ATOM   201  C CB  . SER A 1 29  ? 9.009   -12.297 3.685   1.00 54.76  ? 122 SER A CB  1 
ATOM   202  O OG  . SER A 1 29  ? 8.830   -13.618 3.157   1.00 71.39  ? 122 SER A OG  1 
ATOM   203  N N   . GLY A 1 30  ? 7.181   -9.440  4.080   1.00 47.06  ? 123 GLY A N   1 
ATOM   204  C CA  . GLY A 1 30  ? 6.258   -8.699  4.871   1.00 47.52  ? 123 GLY A CA  1 
ATOM   205  C C   . GLY A 1 30  ? 5.100   -8.147  4.056   1.00 44.57  ? 123 GLY A C   1 
ATOM   206  O O   . GLY A 1 30  ? 4.948   -8.379  2.851   1.00 42.50  ? 123 GLY A O   1 
ATOM   207  N N   . TRP A 1 31  ? 4.306   -7.388  4.771   1.00 38.50  ? 124 TRP A N   1 
ATOM   208  C CA  . TRP A 1 31  ? 3.067   -6.805  4.258   1.00 40.42  ? 124 TRP A CA  1 
ATOM   209  C C   . TRP A 1 31  ? 3.283   -5.348  3.807   1.00 35.71  ? 124 TRP A C   1 
ATOM   210  O O   . TRP A 1 31  ? 3.977   -4.605  4.497   1.00 41.63  ? 124 TRP A O   1 
ATOM   211  C CB  . TRP A 1 31  ? 2.046   -6.790  5.370   1.00 36.15  ? 124 TRP A CB  1 
ATOM   212  C CG  . TRP A 1 31  ? 1.552   -8.176  5.760   1.00 37.56  ? 124 TRP A CG  1 
ATOM   213  C CD1 . TRP A 1 31  ? 1.990   -8.942  6.778   1.00 38.31  ? 124 TRP A CD1 1 
ATOM   214  C CD2 . TRP A 1 31  ? 0.535   -8.930  5.088   1.00 38.95  ? 124 TRP A CD2 1 
ATOM   215  N NE1 . TRP A 1 31  ? 1.271   -10.117 6.801   1.00 41.43  ? 124 TRP A NE1 1 
ATOM   216  C CE2 . TRP A 1 31  ? 0.357   -10.114 5.792   1.00 39.05  ? 124 TRP A CE2 1 
ATOM   217  C CE3 . TRP A 1 31  ? -0.301  -8.661  4.016   1.00 36.92  ? 124 TRP A CE3 1 
ATOM   218  C CZ2 . TRP A 1 31  ? -0.583  -11.089 5.409   1.00 42.02  ? 124 TRP A CZ2 1 
ATOM   219  C CZ3 . TRP A 1 31  ? -1.296  -9.631  3.637   1.00 39.69  ? 124 TRP A CZ3 1 
ATOM   220  C CH2 . TRP A 1 31  ? -1.374  -10.839 4.308   1.00 38.14  ? 124 TRP A CH2 1 
ATOM   221  N N   . GLY A 1 32  ? 2.642   -5.002  2.709   1.00 39.65  ? 125 GLY A N   1 
ATOM   222  C CA  . GLY A 1 32  ? 2.616   -3.670  2.170   1.00 36.09  ? 125 GLY A CA  1 
ATOM   223  C C   . GLY A 1 32  ? 1.555   -3.487  1.176   1.00 37.81  ? 125 GLY A C   1 
ATOM   224  O O   . GLY A 1 32  ? 0.805   -4.415  0.887   1.00 38.60  ? 125 GLY A O   1 
ATOM   225  N N   . PHE A 1 33  ? 1.438   -2.241  0.686   1.00 35.57  ? 126 PHE A N   1 
ATOM   226  C CA  . PHE A 1 33  ? 0.436   -1.902  -0.252  1.00 35.75  ? 126 PHE A CA  1 
ATOM   227  C C   . PHE A 1 33  ? 0.950   -2.459  -1.586  1.00 35.63  ? 126 PHE A C   1 
ATOM   228  O O   . PHE A 1 33  ? 2.145   -2.485  -1.835  1.00 39.58  ? 126 PHE A O   1 
ATOM   229  C CB  . PHE A 1 33  ? 0.213   -0.413  -0.332  1.00 33.73  ? 126 PHE A CB  1 
ATOM   230  C CG  . PHE A 1 33  ? -0.337  0.171   0.881   1.00 33.53  ? 126 PHE A CG  1 
ATOM   231  C CD1 . PHE A 1 33  ? -1.642  0.008   1.187   1.00 35.27  ? 126 PHE A CD1 1 
ATOM   232  C CD2 . PHE A 1 33  ? 0.458   0.848   1.748   1.00 35.87  ? 126 PHE A CD2 1 
ATOM   233  C CE1 . PHE A 1 33  ? -2.163  0.540   2.318   1.00 39.46  ? 126 PHE A CE1 1 
ATOM   234  C CE2 . PHE A 1 33  ? -0.021  1.346   2.905   1.00 36.95  ? 126 PHE A CE2 1 
ATOM   235  C CZ  . PHE A 1 33  ? -1.346  1.180   3.209   1.00 36.79  ? 126 PHE A CZ  1 
ATOM   236  N N   . PRO A 1 34  ? 0.059   -2.889  -2.428  1.00 33.01  ? 127 PRO A N   1 
ATOM   237  C CA  . PRO A 1 34  ? 0.447   -3.367  -3.734  1.00 39.20  ? 127 PRO A CA  1 
ATOM   238  C C   . PRO A 1 34  ? 0.975   -2.223  -4.607  1.00 39.91  ? 127 PRO A C   1 
ATOM   239  O O   . PRO A 1 34  ? 0.381   -1.152  -4.703  1.00 38.85  ? 127 PRO A O   1 
ATOM   240  C CB  . PRO A 1 34  ? -0.828  -3.928  -4.300  1.00 36.46  ? 127 PRO A CB  1 
ATOM   241  C CG  . PRO A 1 34  ? -1.903  -3.119  -3.632  1.00 36.18  ? 127 PRO A CG  1 
ATOM   242  C CD  . PRO A 1 34  ? -1.394  -2.881  -2.252  1.00 36.84  ? 127 PRO A CD  1 
ATOM   243  N N   . LYS A 1 35  ? 2.136   -2.466  -5.175  1.00 40.82  ? 128 LYS A N   1 
ATOM   244  C CA  . LYS A 1 35  ? 2.819   -1.469  -5.914  1.00 42.79  ? 128 LYS A CA  1 
ATOM   245  C C   . LYS A 1 35  ? 3.964   -2.147  -6.654  1.00 42.97  ? 128 LYS A C   1 
ATOM   246  O O   . LYS A 1 35  ? 4.356   -3.234  -6.350  1.00 44.55  ? 128 LYS A O   1 
ATOM   247  C CB  . LYS A 1 35  ? 3.396   -0.410  -4.971  1.00 43.60  ? 128 LYS A CB  1 
ATOM   248  C CG  . LYS A 1 35  ? 4.650   -0.841  -4.214  1.00 41.66  ? 128 LYS A CG  1 
ATOM   249  C CD  . LYS A 1 35  ? 5.092   0.337   -3.384  1.00 48.51  ? 128 LYS A CD  1 
ATOM   250  C CE  . LYS A 1 35  ? 6.391   0.078   -2.658  1.00 47.82  ? 128 LYS A CE  1 
ATOM   251  N NZ  . LYS A 1 35  ? 7.524   0.130   -3.578  1.00 54.73  ? 128 LYS A NZ  1 
ATOM   252  N N   . GLY A 1 36  ? 4.506   -1.462  -7.626  1.00 46.47  ? 129 GLY A N   1 
ATOM   253  C CA  . GLY A 1 36  ? 5.716   -1.927  -8.245  1.00 46.40  ? 129 GLY A CA  1 
ATOM   254  C C   . GLY A 1 36  ? 6.296   -0.850  -9.178  1.00 51.68  ? 129 GLY A C   1 
ATOM   255  O O   . GLY A 1 36  ? 5.697   0.212   -9.399  1.00 45.44  ? 129 GLY A O   1 
ATOM   256  N N   . LYS A 1 37  ? 7.464   -1.193  -9.708  1.00 52.65  ? 130 LYS A N   1 
ATOM   257  C CA  . LYS A 1 37  ? 8.304   -0.384  -10.623 1.00 57.53  ? 130 LYS A CA  1 
ATOM   258  C C   . LYS A 1 37  ? 7.671   0.065   -11.959 1.00 53.11  ? 130 LYS A C   1 
ATOM   259  O O   . LYS A 1 37  ? 7.084   -0.728  -12.705 1.00 52.75  ? 130 LYS A O   1 
ATOM   260  C CB  . LYS A 1 37  ? 9.596   -1.175  -10.887 1.00 56.89  ? 130 LYS A CB  1 
ATOM   261  C CG  . LYS A 1 37  ? 10.562  -1.162  -9.682  1.00 67.97  ? 130 LYS A CG  1 
ATOM   262  C CD  . LYS A 1 37  ? 11.839  -1.996  -9.900  1.00 67.93  ? 130 LYS A CD  1 
ATOM   263  N N   . VAL A 1 38  ? 7.755   1.369   -12.216 1.00 54.24  ? 131 VAL A N   1 
ATOM   264  C CA  . VAL A 1 38  ? 7.264   1.952   -13.474 1.00 62.00  ? 131 VAL A CA  1 
ATOM   265  C C   . VAL A 1 38  ? 8.033   1.368   -14.669 1.00 60.24  ? 131 VAL A C   1 
ATOM   266  O O   . VAL A 1 38  ? 9.263   1.213   -14.571 1.00 63.52  ? 131 VAL A O   1 
ATOM   267  C CB  . VAL A 1 38  ? 7.353   3.502   -13.423 1.00 63.34  ? 131 VAL A CB  1 
ATOM   268  C CG1 . VAL A 1 38  ? 8.793   4.006   -13.545 1.00 62.07  ? 131 VAL A CG1 1 
ATOM   269  C CG2 . VAL A 1 38  ? 6.430   4.155   -14.447 1.00 70.41  ? 131 VAL A CG2 1 
ATOM   270  N N   . ASN A 1 39  ? 7.323   0.982   -15.743 1.00 58.28  ? 132 ASN A N   1 
ATOM   271  C CA  . ASN A 1 39  ? 8.032   0.679   -17.042 1.00 67.20  ? 132 ASN A CA  1 
ATOM   272  C C   . ASN A 1 39  ? 8.412   1.957   -17.821 1.00 67.84  ? 132 ASN A C   1 
ATOM   273  O O   . ASN A 1 39  ? 7.829   3.036   -17.605 1.00 66.86  ? 132 ASN A O   1 
ATOM   274  C CB  . ASN A 1 39  ? 7.224   -0.234  -17.946 1.00 61.68  ? 132 ASN A CB  1 
ATOM   275  C CG  . ASN A 1 39  ? 7.069   -1.614  -17.387 1.00 56.26  ? 132 ASN A CG  1 
ATOM   276  O OD1 . ASN A 1 39  ? 7.920   -2.110  -16.672 1.00 62.63  ? 132 ASN A OD1 1 
ATOM   277  N ND2 . ASN A 1 39  ? 6.015   -2.279  -17.786 1.00 63.51  ? 132 ASN A ND2 1 
ATOM   278  N N   . LYS A 1 40  ? 9.401   1.837   -18.713 1.00 78.93  ? 133 LYS A N   1 
ATOM   279  C CA  . LYS A 1 40  ? 9.926   2.996   -19.463 1.00 72.72  ? 133 LYS A CA  1 
ATOM   280  C C   . LYS A 1 40  ? 8.801   3.582   -20.303 1.00 66.71  ? 133 LYS A C   1 
ATOM   281  O O   . LYS A 1 40  ? 8.056   2.833   -20.948 1.00 77.03  ? 133 LYS A O   1 
ATOM   282  C CB  . LYS A 1 40  ? 11.105  2.581   -20.360 1.00 81.71  ? 133 LYS A CB  1 
ATOM   283  N N   . GLU A 1 41  ? 8.629   4.902   -20.247 1.00 71.54  ? 134 GLU A N   1 
ATOM   284  C CA  . GLU A 1 41  ? 7.545   5.581   -20.983 1.00 78.89  ? 134 GLU A CA  1 
ATOM   285  C C   . GLU A 1 41  ? 6.080   5.313   -20.492 1.00 82.81  ? 134 GLU A C   1 
ATOM   286  O O   . GLU A 1 41  ? 5.139   5.800   -21.139 1.00 83.61  ? 134 GLU A O   1 
ATOM   287  C CB  . GLU A 1 41  ? 7.668   5.300   -22.508 1.00 86.18  ? 134 GLU A CB  1 
ATOM   288  N N   . GLU A 1 42  ? 5.894   4.623   -19.340 1.00 78.33  ? 135 GLU A N   1 
ATOM   289  C CA  . GLU A 1 42  ? 4.552   4.299   -18.758 1.00 62.48  ? 135 GLU A CA  1 
ATOM   290  C C   . GLU A 1 42  ? 4.021   5.461   -17.887 1.00 57.08  ? 135 GLU A C   1 
ATOM   291  O O   . GLU A 1 42  ? 4.785   6.051   -17.128 1.00 61.19  ? 135 GLU A O   1 
ATOM   292  C CB  . GLU A 1 42  ? 4.646   2.983   -17.939 1.00 64.51  ? 135 GLU A CB  1 
ATOM   293  C CG  . GLU A 1 42  ? 3.320   2.404   -17.376 1.00 60.50  ? 135 GLU A CG  1 
ATOM   294  C CD  . GLU A 1 42  ? 3.489   1.086   -16.602 1.00 61.42  ? 135 GLU A CD  1 
ATOM   295  O OE1 . GLU A 1 42  ? 4.525   0.876   -15.898 1.00 58.42  ? 135 GLU A OE1 1 
ATOM   296  O OE2 . GLU A 1 42  ? 2.562   0.242   -16.704 1.00 61.66  ? 135 GLU A OE2 1 
ATOM   297  N N   . ALA A 1 43  ? 2.730   5.813   -17.998 1.00 59.59  ? 136 ALA A N   1 
ATOM   298  C CA  . ALA A 1 43  ? 2.142   6.841   -17.109 1.00 64.69  ? 136 ALA A CA  1 
ATOM   299  C C   . ALA A 1 43  ? 1.985   6.284   -15.670 1.00 57.59  ? 136 ALA A C   1 
ATOM   300  O O   . ALA A 1 43  ? 1.729   5.101   -15.511 1.00 58.15  ? 136 ALA A O   1 
ATOM   301  C CB  . ALA A 1 43  ? 0.802   7.345   -17.624 1.00 64.40  ? 136 ALA A CB  1 
ATOM   302  N N   . PRO A 1 44  ? 2.169   7.135   -14.649 1.00 64.22  ? 137 PRO A N   1 
ATOM   303  C CA  . PRO A 1 44  ? 1.974   6.703   -13.264 1.00 56.66  ? 137 PRO A CA  1 
ATOM   304  C C   . PRO A 1 44  ? 0.665   5.966   -13.080 1.00 55.40  ? 137 PRO A C   1 
ATOM   305  O O   . PRO A 1 44  ? 0.710   4.840   -12.583 1.00 55.68  ? 137 PRO A O   1 
ATOM   306  C CB  . PRO A 1 44  ? 1.992   8.017   -12.498 1.00 63.60  ? 137 PRO A CB  1 
ATOM   307  C CG  . PRO A 1 44  ? 3.000   8.837   -13.252 1.00 68.81  ? 137 PRO A CG  1 
ATOM   308  C CD  . PRO A 1 44  ? 2.793   8.477   -14.708 1.00 65.28  ? 137 PRO A CD  1 
ATOM   309  N N   . HIS A 1 45  ? -0.465  6.533   -13.545 1.00 53.41  ? 138 HIS A N   1 
ATOM   310  C CA  . HIS A 1 45  ? -1.774  5.922   -13.308 1.00 55.45  ? 138 HIS A CA  1 
ATOM   311  C C   . HIS A 1 45  ? -1.934  4.559   -13.962 1.00 55.01  ? 138 HIS A C   1 
ATOM   312  O O   . HIS A 1 45  ? -2.664  3.701   -13.436 1.00 51.03  ? 138 HIS A O   1 
ATOM   313  C CB  . HIS A 1 45  ? -2.958  6.849   -13.646 1.00 61.02  ? 138 HIS A CB  1 
ATOM   314  C CG  . HIS A 1 45  ? -3.277  6.939   -15.102 1.00 69.96  ? 138 HIS A CG  1 
ATOM   315  N ND1 . HIS A 1 45  ? -2.613  7.799   -15.954 1.00 81.48  ? 138 HIS A ND1 1 
ATOM   316  C CD2 . HIS A 1 45  ? -4.190  6.286   -15.859 1.00 67.87  ? 138 HIS A CD2 1 
ATOM   317  C CE1 . HIS A 1 45  ? -3.114  7.676   -17.170 1.00 80.47  ? 138 HIS A CE1 1 
ATOM   318  N NE2 . HIS A 1 45  ? -4.068  6.761   -17.138 1.00 76.26  ? 138 HIS A NE2 1 
ATOM   319  N N   . ASP A 1 46  ? -1.253  4.364   -15.100 1.00 51.39  ? 139 ASP A N   1 
ATOM   320  C CA  . ASP A 1 46  ? -1.240  3.071   -15.748 1.00 52.25  ? 139 ASP A CA  1 
ATOM   321  C C   . ASP A 1 46  ? -0.332  2.085   -15.041 1.00 48.48  ? 139 ASP A C   1 
ATOM   322  O O   . ASP A 1 46  ? -0.683  0.916   -14.974 1.00 50.89  ? 139 ASP A O   1 
ATOM   323  C CB  . ASP A 1 46  ? -0.822  3.183   -17.226 1.00 55.61  ? 139 ASP A CB  1 
ATOM   324  C CG  . ASP A 1 46  ? -1.892  3.843   -18.071 1.00 57.28  ? 139 ASP A CG  1 
ATOM   325  O OD1 . ASP A 1 46  ? -3.078  3.474   -17.979 1.00 61.92  ? 139 ASP A OD1 1 
ATOM   326  O OD2 . ASP A 1 46  ? -1.543  4.755   -18.816 1.00 66.00  ? 139 ASP A OD2 1 
ATOM   327  N N   . CYS A 1 47  ? 0.843   2.513   -14.578 1.00 44.00  ? 140 CYS A N   1 
ATOM   328  C CA  . CYS A 1 47  ? 1.675   1.634   -13.791 1.00 45.09  ? 140 CYS A CA  1 
ATOM   329  C C   . CYS A 1 47  ? 0.907   1.131   -12.480 1.00 40.46  ? 140 CYS A C   1 
ATOM   330  O O   . CYS A 1 47  ? 0.853   -0.078  -12.188 1.00 43.73  ? 140 CYS A O   1 
ATOM   331  C CB  . CYS A 1 47  ? 2.934   2.370   -13.375 1.00 51.67  ? 140 CYS A CB  1 
ATOM   332  S SG  . CYS A 1 47  ? 3.953   1.394   -12.233 1.00 52.85  ? 140 CYS A SG  1 
ATOM   333  N N   . ALA A 1 48  ? 0.298   2.069   -11.767 1.00 44.05  ? 141 ALA A N   1 
ATOM   334  C CA  . ALA A 1 48  ? -0.465  1.769   -10.549 1.00 45.84  ? 141 ALA A CA  1 
ATOM   335  C C   . ALA A 1 48  ? -1.541  0.697   -10.841 1.00 41.33  ? 141 ALA A C   1 
ATOM   336  O O   . ALA A 1 48  ? -1.611  -0.333  -10.163 1.00 44.00  ? 141 ALA A O   1 
ATOM   337  C CB  . ALA A 1 48  ? -1.090  3.035   -9.976  1.00 46.20  ? 141 ALA A CB  1 
ATOM   338  N N   . ALA A 1 49  ? -2.297  0.900   -11.902 1.00 40.08  ? 142 ALA A N   1 
ATOM   339  C CA  . ALA A 1 49  ? -3.397  0.007   -12.296 1.00 38.66  ? 142 ALA A CA  1 
ATOM   340  C C   . ALA A 1 49  ? -2.871  -1.363  -12.633 1.00 43.73  ? 142 ALA A C   1 
ATOM   341  O O   . ALA A 1 49  ? -3.420  -2.373  -12.172 1.00 41.04  ? 142 ALA A O   1 
ATOM   342  C CB  . ALA A 1 49  ? -4.193  0.559   -13.456 1.00 42.78  ? 142 ALA A CB  1 
ATOM   343  N N   . ARG A 1 50  ? -1.734  -1.384  -13.307 1.00 42.00  ? 143 ARG A N   1 
ATOM   344  C CA  . ARG A 1 50  ? -1.133  -2.649  -13.758 1.00 45.91  ? 143 ARG A CA  1 
ATOM   345  C C   . ARG A 1 50  ? -0.543  -3.421  -12.583 1.00 44.58  ? 143 ARG A C   1 
ATOM   346  O O   . ARG A 1 50  ? -0.662  -4.648  -12.509 1.00 44.86  ? 143 ARG A O   1 
ATOM   347  C CB  . ARG A 1 50  ? -0.008  -2.361  -14.753 1.00 51.72  ? 143 ARG A CB  1 
ATOM   348  C CG  . ARG A 1 50  ? 0.817   -3.608  -15.151 1.00 58.80  ? 143 ARG A CG  1 
ATOM   349  C CD  . ARG A 1 50  ? 1.867   -3.345  -16.213 1.00 58.20  ? 143 ARG A CD  1 
ATOM   350  N NE  . ARG A 1 50  ? 2.825   -2.322  -15.787 1.00 61.25  ? 143 ARG A NE  1 
ATOM   351  C CZ  . ARG A 1 50  ? 3.850   -2.528  -14.959 1.00 57.66  ? 143 ARG A CZ  1 
ATOM   352  N NH1 . ARG A 1 50  ? 4.066   -3.724  -14.444 1.00 65.66  ? 143 ARG A NH1 1 
ATOM   353  N NH2 . ARG A 1 50  ? 4.666   -1.534  -14.641 1.00 58.54  ? 143 ARG A NH2 1 
ATOM   354  N N   . GLU A 1 51  ? 0.194   -2.721  -11.719 1.00 47.03  ? 144 GLU A N   1 
ATOM   355  C CA  . GLU A 1 51  ? 0.840   -3.398  -10.581 1.00 43.68  ? 144 GLU A CA  1 
ATOM   356  C C   . GLU A 1 51  ? -0.207  -3.916  -9.654  1.00 43.02  ? 144 GLU A C   1 
ATOM   357  O O   . GLU A 1 51  ? -0.111  -5.055  -9.161  1.00 43.54  ? 144 GLU A O   1 
ATOM   358  C CB  . GLU A 1 51  ? 1.755   -2.489  -9.849  1.00 42.62  ? 144 GLU A CB  1 
ATOM   359  C CG  . GLU A 1 51  ? 2.983   -2.206  -10.663 1.00 47.38  ? 144 GLU A CG  1 
ATOM   360  C CD  . GLU A 1 51  ? 3.958   -3.379  -10.700 1.00 53.68  ? 144 GLU A CD  1 
ATOM   361  O OE1 . GLU A 1 51  ? 3.846   -4.326  -9.919  1.00 60.69  ? 144 GLU A OE1 1 
ATOM   362  O OE2 . GLU A 1 51  ? 4.906   -3.315  -11.460 1.00 64.70  ? 144 GLU A OE2 1 
ATOM   363  N N   . VAL A 1 52  ? -1.256  -3.139  -9.466  1.00 41.99  ? 145 VAL A N   1 
ATOM   364  C CA  . VAL A 1 52  ? -2.338  -3.598  -8.570  1.00 35.93  ? 145 VAL A CA  1 
ATOM   365  C C   . VAL A 1 52  ? -3.116  -4.787  -9.160  1.00 45.53  ? 145 VAL A C   1 
ATOM   366  O O   . VAL A 1 52  ? -3.542  -5.750  -8.403  1.00 42.86  ? 145 VAL A O   1 
ATOM   367  C CB  . VAL A 1 52  ? -3.229  -2.437  -8.173  1.00 37.74  ? 145 VAL A CB  1 
ATOM   368  C CG1 . VAL A 1 52  ? -4.468  -2.920  -7.403  1.00 41.52  ? 145 VAL A CG1 1 
ATOM   369  C CG2 . VAL A 1 52  ? -2.448  -1.388  -7.355  1.00 40.95  ? 145 VAL A CG2 1 
ATOM   370  N N   . PHE A 1 53  ? -3.376  -4.732  -10.465 1.00 46.50  ? 146 PHE A N   1 
ATOM   371  C CA  . PHE A 1 53  ? -4.030  -5.852  -11.133 1.00 42.05  ? 146 PHE A CA  1 
ATOM   372  C C   . PHE A 1 53  ? -3.217  -7.163  -11.065 1.00 41.07  ? 146 PHE A C   1 
ATOM   373  O O   . PHE A 1 53  ? -3.740  -8.238  -10.697 1.00 45.43  ? 146 PHE A O   1 
ATOM   374  C CB  . PHE A 1 53  ? -4.370  -5.524  -12.596 1.00 48.35  ? 146 PHE A CB  1 
ATOM   375  C CG  . PHE A 1 53  ? -5.252  -6.552  -13.207 1.00 47.13  ? 146 PHE A CG  1 
ATOM   376  C CD1 . PHE A 1 53  ? -6.548  -6.641  -12.824 1.00 50.89  ? 146 PHE A CD1 1 
ATOM   377  C CD2 . PHE A 1 53  ? -4.739  -7.490  -14.086 1.00 58.45  ? 146 PHE A CD2 1 
ATOM   378  C CE1 . PHE A 1 53  ? -7.377  -7.613  -13.332 1.00 60.47  ? 146 PHE A CE1 1 
ATOM   379  C CE2 . PHE A 1 53  ? -5.557  -8.487  -14.594 1.00 64.65  ? 146 PHE A CE2 1 
ATOM   380  C CZ  . PHE A 1 53  ? -6.877  -8.540  -14.219 1.00 58.24  ? 146 PHE A CZ  1 
ATOM   381  N N   . GLU A 1 54  ? -1.948  -7.068  -11.366 1.00 41.00  ? 147 GLU A N   1 
ATOM   382  C CA  . GLU A 1 54  ? -1.011  -8.229  -11.252 1.00 46.42  ? 147 GLU A CA  1 
ATOM   383  C C   . GLU A 1 54  ? -0.841  -8.833  -9.881  1.00 50.28  ? 147 GLU A C   1 
ATOM   384  O O   . GLU A 1 54  ? -0.708  -10.041 -9.750  1.00 51.64  ? 147 GLU A O   1 
ATOM   385  C CB  . GLU A 1 54  ? 0.386   -7.845  -11.660 1.00 53.85  ? 147 GLU A CB  1 
ATOM   386  C CG  . GLU A 1 54  ? 0.638   -7.628  -13.136 1.00 68.09  ? 147 GLU A CG  1 
ATOM   387  C CD  . GLU A 1 54  ? 2.012   -6.986  -13.359 1.00 80.23  ? 147 GLU A CD  1 
ATOM   388  O OE1 . GLU A 1 54  ? 2.803   -6.900  -12.376 1.00 73.17  ? 147 GLU A OE1 1 
ATOM   389  O OE2 . GLU A 1 54  ? 2.296   -6.565  -14.515 1.00 93.82  ? 147 GLU A OE2 1 
ATOM   390  N N   . GLU A 1 55  ? -0.785  -7.978  -8.860  1.00 40.45  ? 148 GLU A N   1 
ATOM   391  C CA  . GLU A 1 55  ? -0.632  -8.433  -7.497  1.00 42.40  ? 148 GLU A CA  1 
ATOM   392  C C   . GLU A 1 55  ? -1.932  -8.781  -6.815  1.00 38.89  ? 148 GLU A C   1 
ATOM   393  O O   . GLU A 1 55  ? -1.891  -9.465  -5.812  1.00 43.81  ? 148 GLU A O   1 
ATOM   394  C CB  . GLU A 1 55  ? 0.134   -7.433  -6.679  1.00 39.88  ? 148 GLU A CB  1 
ATOM   395  C CG  . GLU A 1 55  ? 1.484   -7.188  -7.304  1.00 42.19  ? 148 GLU A CG  1 
ATOM   396  C CD  . GLU A 1 55  ? 2.186   -6.002  -6.737  1.00 46.98  ? 148 GLU A CD  1 
ATOM   397  O OE1 . GLU A 1 55  ? 1.702   -5.435  -5.741  1.00 43.98  ? 148 GLU A OE1 1 
ATOM   398  O OE2 . GLU A 1 55  ? 3.266   -5.696  -7.270  1.00 45.13  ? 148 GLU A OE2 1 
ATOM   399  N N   . THR A 1 56  ? -3.064  -8.267  -7.271  1.00 41.01  ? 149 THR A N   1 
ATOM   400  C CA  . THR A 1 56  ? -4.363  -8.493  -6.523  1.00 39.88  ? 149 THR A CA  1 
ATOM   401  C C   . THR A 1 56  ? -5.488  -9.001  -7.391  1.00 44.73  ? 149 THR A C   1 
ATOM   402  O O   . THR A 1 56  ? -6.513  -9.367  -6.850  1.00 45.10  ? 149 THR A O   1 
ATOM   403  C CB  . THR A 1 56  ? -4.950  -7.215  -5.860  1.00 41.79  ? 149 THR A CB  1 
ATOM   404  O OG1 . THR A 1 56  ? -5.507  -6.346  -6.858  1.00 42.97  ? 149 THR A OG1 1 
ATOM   405  C CG2 . THR A 1 56  ? -3.929  -6.468  -5.099  1.00 46.44  ? 149 THR A CG2 1 
ATOM   406  N N   . GLY A 1 57  ? -5.356  -8.930  -8.705  1.00 44.82  ? 150 GLY A N   1 
ATOM   407  C CA  . GLY A 1 57  ? -6.480  -9.258  -9.583  1.00 50.40  ? 150 GLY A CA  1 
ATOM   408  C C   . GLY A 1 57  ? -7.592  -8.240  -9.617  1.00 53.77  ? 150 GLY A C   1 
ATOM   409  O O   . GLY A 1 57  ? -8.614  -8.498  -10.216 1.00 50.51  ? 150 GLY A O   1 
ATOM   410  N N   . PHE A 1 58  ? -7.441  -7.082  -8.972  1.00 44.86  ? 151 PHE A N   1 
ATOM   411  C CA  . PHE A 1 58  ? -8.510  -6.140  -8.995  1.00 45.42  ? 151 PHE A CA  1 
ATOM   412  C C   . PHE A 1 58  ? -8.086  -5.007  -9.862  1.00 45.77  ? 151 PHE A C   1 
ATOM   413  O O   . PHE A 1 58  ? -6.960  -4.536  -9.759  1.00 43.80  ? 151 PHE A O   1 
ATOM   414  C CB  . PHE A 1 58  ? -8.821  -5.634  -7.621  1.00 44.88  ? 151 PHE A CB  1 
ATOM   415  C CG  . PHE A 1 58  ? -9.908  -4.636  -7.607  1.00 51.52  ? 151 PHE A CG  1 
ATOM   416  C CD1 . PHE A 1 58  ? -11.224 -5.059  -7.665  1.00 51.45  ? 151 PHE A CD1 1 
ATOM   417  C CD2 . PHE A 1 58  ? -9.635  -3.267  -7.556  1.00 48.75  ? 151 PHE A CD2 1 
ATOM   418  C CE1 . PHE A 1 58  ? -12.261 -4.150  -7.633  1.00 56.37  ? 151 PHE A CE1 1 
ATOM   419  C CE2 . PHE A 1 58  ? -10.666 -2.354  -7.544  1.00 51.04  ? 151 PHE A CE2 1 
ATOM   420  C CZ  . PHE A 1 58  ? -11.984 -2.803  -7.588  1.00 52.35  ? 151 PHE A CZ  1 
ATOM   421  N N   . ASP A 1 59  ? -9.029  -4.507  -10.672 1.00 47.83  ? 152 ASP A N   1 
ATOM   422  C CA  . ASP A 1 59  ? -8.766  -3.477  -11.653 1.00 46.92  ? 152 ASP A CA  1 
ATOM   423  C C   . ASP A 1 59  ? -9.262  -2.140  -11.180 1.00 44.34  ? 152 ASP A C   1 
ATOM   424  O O   . ASP A 1 59  ? -10.471 -1.947  -11.079 1.00 45.22  ? 152 ASP A O   1 
ATOM   425  C CB  . ASP A 1 59  ? -9.445  -3.820  -13.001 1.00 52.64  ? 152 ASP A CB  1 
ATOM   426  C CG  . ASP A 1 59  ? -9.066  -2.827  -14.141 1.00 54.38  ? 152 ASP A CG  1 
ATOM   427  O OD1 . ASP A 1 59  ? -8.212  -1.914  -13.940 1.00 60.03  ? 152 ASP A OD1 1 
ATOM   428  O OD2 . ASP A 1 59  ? -9.642  -2.951  -15.241 1.00 62.60  ? 152 ASP A OD2 1 
ATOM   429  N N   . ILE A 1 60  ? -8.328  -1.215  -10.977 1.00 42.83  ? 153 ILE A N   1 
ATOM   430  C CA  . ILE A 1 60  ? -8.640  0.084   -10.356 1.00 44.72  ? 153 ILE A CA  1 
ATOM   431  C C   . ILE A 1 60  ? -8.832  1.205   -11.389 1.00 41.67  ? 153 ILE A C   1 
ATOM   432  O O   . ILE A 1 60  ? -9.094  2.350   -11.044 1.00 39.22  ? 153 ILE A O   1 
ATOM   433  C CB  . ILE A 1 60  ? -7.610  0.543   -9.330  1.00 42.50  ? 153 ILE A CB  1 
ATOM   434  C CG1 . ILE A 1 60  ? -6.265  0.830   -9.963  1.00 39.94  ? 153 ILE A CG1 1 
ATOM   435  C CG2 . ILE A 1 60  ? -7.517  -0.410  -8.152  1.00 45.45  ? 153 ILE A CG2 1 
ATOM   436  C CD1 . ILE A 1 60  ? -5.315  1.458   -9.008  1.00 42.51  ? 153 ILE A CD1 1 
ATOM   437  N N   . LYS A 1 61  ? -8.781  0.846   -12.666 1.00 45.92  ? 154 LYS A N   1 
ATOM   438  C CA  . LYS A 1 61  ? -8.679  1.810   -13.735 1.00 49.76  ? 154 LYS A CA  1 
ATOM   439  C C   . LYS A 1 61  ? -9.875  2.776   -13.709 1.00 45.94  ? 154 LYS A C   1 
ATOM   440  O O   . LYS A 1 61  ? -9.695  3.972   -13.755 1.00 45.34  ? 154 LYS A O   1 
ATOM   441  C CB  . LYS A 1 61  ? -8.528  1.068   -15.093 1.00 53.56  ? 154 LYS A CB  1 
ATOM   442  C CG  . LYS A 1 61  ? -9.096  1.780   -16.340 1.00 75.92  ? 154 LYS A CG  1 
ATOM   443  C CD  . LYS A 1 61  ? -8.732  1.109   -17.686 1.00 84.33  ? 154 LYS A CD  1 
ATOM   444  C CE  . LYS A 1 61  ? -9.063  -0.398  -17.803 1.00 89.27  ? 154 LYS A CE  1 
ATOM   445  N NZ  . LYS A 1 61  ? -10.502 -0.839  -17.768 1.00 85.99  ? 154 LYS A NZ  1 
ATOM   446  N N   . ASP A 1 62  ? -11.085 2.231   -13.584 1.00 40.56  ? 155 ASP A N   1 
ATOM   447  C CA  . ASP A 1 62  ? -12.294 3.066   -13.527 1.00 43.56  ? 155 ASP A CA  1 
ATOM   448  C C   . ASP A 1 62  ? -12.551 3.826   -12.232 1.00 49.69  ? 155 ASP A C   1 
ATOM   449  O O   . ASP A 1 62  ? -13.516 4.618   -12.169 1.00 49.47  ? 155 ASP A O   1 
ATOM   450  C CB  . ASP A 1 62  ? -13.495 2.142   -13.752 1.00 53.36  ? 155 ASP A CB  1 
ATOM   451  C CG  . ASP A 1 62  ? -13.496 1.541   -15.141 1.00 57.85  ? 155 ASP A CG  1 
ATOM   452  O OD1 . ASP A 1 62  ? -12.761 2.025   -16.060 1.00 60.86  ? 155 ASP A OD1 1 
ATOM   453  O OD2 . ASP A 1 62  ? -14.207 0.578   -15.286 1.00 57.34  ? 155 ASP A OD2 1 
ATOM   454  N N   . TYR A 1 63  ? -11.704 3.606   -11.203 1.00 45.88  ? 156 TYR A N   1 
ATOM   455  C CA  . TYR A 1 63  ? -11.819 4.279   -9.892  1.00 43.23  ? 156 TYR A CA  1 
ATOM   456  C C   . TYR A 1 63  ? -10.688 5.254   -9.511  1.00 46.51  ? 156 TYR A C   1 
ATOM   457  O O   . TYR A 1 63  ? -10.854 6.086   -8.609  1.00 53.74  ? 156 TYR A O   1 
ATOM   458  C CB  . TYR A 1 63  ? -11.886 3.224   -8.794  1.00 44.47  ? 156 TYR A CB  1 
ATOM   459  C CG  . TYR A 1 63  ? -12.898 2.276   -9.106  1.00 44.02  ? 156 TYR A CG  1 
ATOM   460  C CD1 . TYR A 1 63  ? -14.208 2.725   -9.418  1.00 54.95  ? 156 TYR A CD1 1 
ATOM   461  C CD2 . TYR A 1 63  ? -12.603 0.969   -9.279  1.00 44.66  ? 156 TYR A CD2 1 
ATOM   462  C CE1 . TYR A 1 63  ? -15.176 1.843   -9.849  1.00 53.08  ? 156 TYR A CE1 1 
ATOM   463  C CE2 . TYR A 1 63  ? -13.559 0.059   -9.676  1.00 48.73  ? 156 TYR A CE2 1 
ATOM   464  C CZ  . TYR A 1 63  ? -14.836 0.508   -9.967  1.00 58.81  ? 156 TYR A CZ  1 
ATOM   465  O OH  . TYR A 1 63  ? -15.768 -0.370  -10.371 1.00 69.03  ? 156 TYR A OH  1 
ATOM   466  N N   . ILE A 1 64  ? -9.541  5.133   -10.158 1.00 41.85  ? 157 ILE A N   1 
ATOM   467  C CA  . ILE A 1 64  ? -8.446  6.022   -9.870  1.00 46.89  ? 157 ILE A CA  1 
ATOM   468  C C   . ILE A 1 64  ? -8.914  7.441   -10.123 1.00 50.81  ? 157 ILE A C   1 
ATOM   469  O O   . ILE A 1 64  ? -9.553  7.722   -11.181 1.00 51.05  ? 157 ILE A O   1 
ATOM   470  C CB  . ILE A 1 64  ? -7.213  5.787   -10.819 1.00 52.77  ? 157 ILE A CB  1 
ATOM   471  C CG1 . ILE A 1 64  ? -6.462  4.542   -10.445 1.00 65.24  ? 157 ILE A CG1 1 
ATOM   472  C CG2 . ILE A 1 64  ? -6.230  6.965   -10.791 1.00 58.88  ? 157 ILE A CG2 1 
ATOM   473  C CD1 . ILE A 1 64  ? -5.361  4.185   -11.429 1.00 68.29  ? 157 ILE A CD1 1 
ATOM   474  N N   A CYS A 1 65  ? -8.643  8.309   -9.153  0.25 46.80  ? 158 CYS A N   1 
ATOM   475  N N   B CYS A 1 65  ? -8.591  8.340   -9.194  0.25 50.74  ? 158 CYS A N   1 
ATOM   476  C CA  A CYS A 1 65  ? -8.689  9.740   -9.341  0.25 46.80  ? 158 CYS A CA  1 
ATOM   477  C CA  B CYS A 1 65  ? -8.809  9.779   -9.325  0.25 52.58  ? 158 CYS A CA  1 
ATOM   478  C C   A CYS A 1 65  ? -7.270  10.248  -9.422  0.25 51.94  ? 158 CYS A C   1 
ATOM   479  C C   B CYS A 1 65  ? -7.417  10.433  -9.327  0.25 55.42  ? 158 CYS A C   1 
ATOM   480  O O   A CYS A 1 65  ? -6.421  9.956   -8.566  0.25 46.80  ? 158 CYS A O   1 
ATOM   481  O O   B CYS A 1 65  ? -6.748  10.437  -8.285  0.25 52.37  ? 158 CYS A O   1 
ATOM   482  C CB  A CYS A 1 65  ? -9.403  10.392  -8.202  0.25 46.86  ? 158 CYS A CB  1 
ATOM   483  C CB  B CYS A 1 65  ? -9.689  10.240  -8.161  0.25 56.67  ? 158 CYS A CB  1 
ATOM   484  S SG  A CYS A 1 65  ? -11.117 9.886   -8.141  0.25 42.26  ? 158 CYS A SG  1 
ATOM   485  S SG  B CYS A 1 65  ? -9.897  12.019  -7.862  0.25 61.01  ? 158 CYS A SG  1 
ATOM   486  N N   . LYS A 1 66  ? -6.994  10.987  -10.479 1.00 53.67  ? 159 LYS A N   1 
ATOM   487  C CA  . LYS A 1 66  ? -5.604  11.478  -10.722 1.00 56.26  ? 159 LYS A CA  1 
ATOM   488  C C   . LYS A 1 66  ? -4.874  12.330  -9.614  1.00 50.13  ? 159 LYS A C   1 
ATOM   489  O O   . LYS A 1 66  ? -3.629  12.321  -9.504  1.00 50.91  ? 159 LYS A O   1 
ATOM   490  C CB  . LYS A 1 66  ? -5.589  12.288  -12.017 1.00 65.37  ? 159 LYS A CB  1 
ATOM   491  C CG  . LYS A 1 66  ? -6.237  13.671  -11.855 1.00 63.09  ? 159 LYS A CG  1 
ATOM   492  N N   . ASP A 1 67  ? -5.652  13.062  -8.840  1.00 52.05  ? 160 ASP A N   1 
ATOM   493  C CA  . ASP A 1 67  ? -5.145  13.874  -7.733  1.00 64.55  ? 160 ASP A CA  1 
ATOM   494  C C   . ASP A 1 67  ? -5.182  13.225  -6.367  1.00 66.46  ? 160 ASP A C   1 
ATOM   495  O O   . ASP A 1 67  ? -4.533  13.725  -5.464  1.00 67.85  ? 160 ASP A O   1 
ATOM   496  C CB  . ASP A 1 67  ? -5.974  15.143  -7.650  1.00 73.18  ? 160 ASP A CB  1 
ATOM   497  C CG  . ASP A 1 67  ? -5.889  15.971  -8.936  1.00 83.56  ? 160 ASP A CG  1 
ATOM   498  O OD1 . ASP A 1 67  ? -4.766  16.108  -9.469  1.00 80.88  ? 160 ASP A OD1 1 
ATOM   499  O OD2 . ASP A 1 67  ? -6.936  16.471  -9.404  1.00 87.06  ? 160 ASP A OD2 1 
ATOM   500  N N   . ASP A 1 68  ? -5.953  12.148  -6.211  1.00 63.09  ? 161 ASP A N   1 
ATOM   501  C CA  . ASP A 1 68  ? -6.067  11.438  -4.941  1.00 54.56  ? 161 ASP A CA  1 
ATOM   502  C C   . ASP A 1 68  ? -4.966  10.382  -4.818  1.00 55.98  ? 161 ASP A C   1 
ATOM   503  O O   . ASP A 1 68  ? -5.123  9.211   -5.239  1.00 42.92  ? 161 ASP A O   1 
ATOM   504  C CB  . ASP A 1 68  ? -7.396  10.760  -4.837  1.00 52.08  ? 161 ASP A CB  1 
ATOM   505  C CG  . ASP A 1 68  ? -8.536  11.702  -4.876  1.00 61.08  ? 161 ASP A CG  1 
ATOM   506  O OD1 . ASP A 1 68  ? -8.291  12.900  -4.832  1.00 61.52  ? 161 ASP A OD1 1 
ATOM   507  O OD2 . ASP A 1 68  ? -9.701  11.225  -4.911  1.00 54.39  ? 161 ASP A OD2 1 
ATOM   508  N N   . TYR A 1 69  ? -3.804  10.801  -4.341  1.00 49.25  ? 162 TYR A N   1 
ATOM   509  C CA  . TYR A 1 69  ? -2.745  9.828   -4.044  1.00 43.12  ? 162 TYR A CA  1 
ATOM   510  C C   . TYR A 1 69  ? -1.901  10.329  -2.853  1.00 56.70  ? 162 TYR A C   1 
ATOM   511  O O   . TYR A 1 69  ? -2.073  11.495  -2.393  1.00 50.23  ? 162 TYR A O   1 
ATOM   512  C CB  . TYR A 1 69  ? -1.875  9.569   -5.260  1.00 47.96  ? 162 TYR A CB  1 
ATOM   513  C CG  . TYR A 1 69  ? -1.215  10.821  -5.803  1.00 55.45  ? 162 TYR A CG  1 
ATOM   514  C CD1 . TYR A 1 69  ? -0.045  11.339  -5.224  1.00 61.13  ? 162 TYR A CD1 1 
ATOM   515  C CD2 . TYR A 1 69  ? -1.784  11.498  -6.879  1.00 55.23  ? 162 TYR A CD2 1 
ATOM   516  C CE1 . TYR A 1 69  ? 0.532   12.492  -5.713  1.00 64.43  ? 162 TYR A CE1 1 
ATOM   517  C CE2 . TYR A 1 69  ? -1.207  12.641  -7.385  1.00 64.03  ? 162 TYR A CE2 1 
ATOM   518  C CZ  . TYR A 1 69  ? -0.056  13.120  -6.821  1.00 71.24  ? 162 TYR A CZ  1 
ATOM   519  O OH  . TYR A 1 69  ? 0.487   14.245  -7.357  1.00 77.06  ? 162 TYR A OH  1 
ATOM   520  N N   . ILE A 1 70  ? -1.063  9.437   -2.327  1.00 50.86  ? 163 ILE A N   1 
ATOM   521  C CA  . ILE A 1 70  ? 0.002   9.793   -1.358  1.00 50.84  ? 163 ILE A CA  1 
ATOM   522  C C   . ILE A 1 70  ? 1.277   9.351   -1.942  1.00 48.86  ? 163 ILE A C   1 
ATOM   523  O O   . ILE A 1 70  ? 1.449   8.181   -2.285  1.00 47.42  ? 163 ILE A O   1 
ATOM   524  C CB  . ILE A 1 70  ? -0.168  9.109   -0.017  1.00 54.82  ? 163 ILE A CB  1 
ATOM   525  C CG1 . ILE A 1 70  ? -1.356  9.756   0.690   1.00 54.24  ? 163 ILE A CG1 1 
ATOM   526  C CG2 . ILE A 1 70  ? 1.082   9.246   0.834   1.00 54.61  ? 163 ILE A CG2 1 
ATOM   527  C CD1 . ILE A 1 70  ? -2.022  8.858   1.696   1.00 59.18  ? 163 ILE A CD1 1 
ATOM   528  N N   . GLU A 1 71  ? 2.209   10.284  -2.008  1.00 47.47  ? 164 GLU A N   1 
ATOM   529  C CA  . GLU A 1 71  ? 3.508   10.052  -2.552  1.00 55.67  ? 164 GLU A CA  1 
ATOM   530  C C   . GLU A 1 71  ? 4.530   10.274  -1.416  1.00 59.39  ? 164 GLU A C   1 
ATOM   531  O O   . GLU A 1 71  ? 4.484   11.293  -0.706  1.00 62.96  ? 164 GLU A O   1 
ATOM   532  C CB  . GLU A 1 71  ? 3.768   11.031  -3.706  1.00 64.08  ? 164 GLU A CB  1 
ATOM   533  C CG  . GLU A 1 71  ? 5.134   10.871  -4.371  1.00 72.29  ? 164 GLU A CG  1 
ATOM   534  C CD  . GLU A 1 71  ? 5.225   11.605  -5.706  1.00 85.38  ? 164 GLU A CD  1 
ATOM   535  O OE1 . GLU A 1 71  ? 5.834   12.694  -5.745  1.00 94.02  ? 164 GLU A OE1 1 
ATOM   536  O OE2 . GLU A 1 71  ? 4.700   11.091  -6.720  1.00 83.61  ? 164 GLU A OE2 1 
ATOM   537  N N   . LEU A 1 72  ? 5.427   9.329   -1.255  1.00 52.97  ? 165 LEU A N   1 
ATOM   538  C CA  . LEU A 1 72  ? 6.563   9.476   -0.374  1.00 56.32  ? 165 LEU A CA  1 
ATOM   539  C C   . LEU A 1 72  ? 7.861   9.109   -1.115  1.00 71.34  ? 165 LEU A C   1 
ATOM   540  O O   . LEU A 1 72  ? 7.948   8.108   -1.842  1.00 64.77  ? 165 LEU A O   1 
ATOM   541  C CB  . LEU A 1 72  ? 6.460   8.570   0.856   1.00 60.35  ? 165 LEU A CB  1 
ATOM   542  C CG  . LEU A 1 72  ? 5.216   8.788   1.709   1.00 56.82  ? 165 LEU A CG  1 
ATOM   543  C CD1 . LEU A 1 72  ? 5.134   7.658   2.716   1.00 57.08  ? 165 LEU A CD1 1 
ATOM   544  C CD2 . LEU A 1 72  ? 5.156   10.162  2.381   1.00 63.98  ? 165 LEU A CD2 1 
ATOM   545  N N   . ARG A 1 73  ? 8.866   9.947   -0.905  1.00 73.56  ? 166 ARG A N   1 
ATOM   546  C CA  . ARG A 1 73  ? 10.229  9.659   -1.283  1.00 81.93  ? 166 ARG A CA  1 
ATOM   547  C C   . ARG A 1 73  ? 10.849  9.022   -0.020  1.00 75.75  ? 166 ARG A C   1 
ATOM   548  O O   . ARG A 1 73  ? 10.866  9.631   1.063   1.00 76.77  ? 166 ARG A O   1 
ATOM   549  C CB  . ARG A 1 73  ? 10.912  10.961  -1.740  1.00 84.33  ? 166 ARG A CB  1 
ATOM   550  C CG  . ARG A 1 73  ? 12.326  10.801  -2.255  1.00 99.80  ? 166 ARG A CG  1 
ATOM   551  C CD  . ARG A 1 73  ? 12.859  12.116  -2.816  1.00 112.58 ? 166 ARG A CD  1 
ATOM   552  N NE  . ARG A 1 73  ? 13.041  13.147  -1.784  1.00 113.96 ? 166 ARG A NE  1 
ATOM   553  C CZ  . ARG A 1 73  ? 13.494  14.385  -2.005  1.00 121.21 ? 166 ARG A CZ  1 
ATOM   554  N NH1 . ARG A 1 73  ? 13.842  14.784  -3.233  1.00 115.51 ? 166 ARG A NH1 1 
ATOM   555  N NH2 . ARG A 1 73  ? 13.605  15.239  -0.984  1.00 126.44 ? 166 ARG A NH2 1 
ATOM   556  N N   . ILE A 1 74  ? 11.314  7.794   -0.178  1.00 65.92  ? 167 ILE A N   1 
ATOM   557  C CA  . ILE A 1 74  ? 11.786  6.947   0.913   1.00 83.34  ? 167 ILE A CA  1 
ATOM   558  C C   . ILE A 1 74  ? 13.174  6.423   0.526   1.00 89.55  ? 167 ILE A C   1 
ATOM   559  O O   . ILE A 1 74  ? 13.287  5.513   -0.316  1.00 105.67 ? 167 ILE A O   1 
ATOM   560  C CB  . ILE A 1 74  ? 10.792  5.780   1.118   1.00 80.14  ? 167 ILE A CB  1 
ATOM   561  C CG1 . ILE A 1 74  ? 9.572   6.288   1.886   1.00 82.39  ? 167 ILE A CG1 1 
ATOM   562  C CG2 . ILE A 1 74  ? 11.411  4.575   1.844   1.00 78.61  ? 167 ILE A CG2 1 
ATOM   563  C CD1 . ILE A 1 74  ? 8.363   5.379   1.710   1.00 89.75  ? 167 ILE A CD1 1 
ATOM   564  N N   . ASN A 1 75  ? 14.216  7.002   1.128   1.00 87.02  ? 168 ASN A N   1 
ATOM   565  C CA  . ASN A 1 75  ? 15.608  6.735   0.732   1.00 84.15  ? 168 ASN A CA  1 
ATOM   566  C C   . ASN A 1 75  ? 15.844  7.025   -0.733  1.00 77.12  ? 168 ASN A C   1 
ATOM   567  O O   . ASN A 1 75  ? 16.433  6.205   -1.463  1.00 78.04  ? 168 ASN A O   1 
ATOM   568  C CB  . ASN A 1 75  ? 16.005  5.303   1.117   1.00 86.65  ? 168 ASN A CB  1 
ATOM   569  C CG  . ASN A 1 75  ? 15.876  5.080   2.595   1.00 93.72  ? 168 ASN A CG  1 
ATOM   570  O OD1 . ASN A 1 75  ? 16.147  5.996   3.396   1.00 79.21  ? 168 ASN A OD1 1 
ATOM   571  N ND2 . ASN A 1 75  ? 15.437  3.889   2.977   1.00 102.84 ? 168 ASN A ND2 1 
ATOM   572  N N   . ASP A 1 76  ? 15.378  8.200   -1.157  0.50 78.08  ? 169 ASP A N   1 
ATOM   573  C CA  . ASP A 1 76  ? 15.460  8.663   -2.550  0.50 84.09  ? 169 ASP A CA  1 
ATOM   574  C C   . ASP A 1 76  ? 14.779  7.749   -3.595  0.50 83.50  ? 169 ASP A C   1 
ATOM   575  O O   . ASP A 1 76  ? 15.212  7.692   -4.747  0.50 88.07  ? 169 ASP A O   1 
ATOM   576  C CB  . ASP A 1 76  ? 16.921  8.927   -2.943  0.50 85.78  ? 169 ASP A CB  1 
ATOM   577  N N   . GLN A 1 77  ? 13.724  7.037   -3.194  0.50 83.19  ? 170 GLN A N   1 
ATOM   578  C CA  . GLN A 1 77  ? 12.883  6.294   -4.148  0.50 79.35  ? 170 GLN A CA  1 
ATOM   579  C C   . GLN A 1 77  ? 11.425  6.716   -3.979  0.50 73.86  ? 170 GLN A C   1 
ATOM   580  O O   . GLN A 1 77  ? 10.837  6.527   -2.913  0.50 75.28  ? 170 GLN A O   1 
ATOM   581  C CB  . GLN A 1 77  ? 13.006  4.779   -3.964  0.50 78.27  ? 170 GLN A CB  1 
ATOM   582  N N   . LEU A 1 78  ? 10.855  7.286   -5.035  1.00 67.51  ? 171 LEU A N   1 
ATOM   583  C CA  . LEU A 1 78  ? 9.480   7.773   -5.022  1.00 74.09  ? 171 LEU A CA  1 
ATOM   584  C C   . LEU A 1 78  ? 8.518   6.589   -5.061  1.00 57.96  ? 171 LEU A C   1 
ATOM   585  O O   . LEU A 1 78  ? 8.743   5.671   -5.838  1.00 63.45  ? 171 LEU A O   1 
ATOM   586  C CB  . LEU A 1 78  ? 9.236   8.667   -6.234  1.00 81.08  ? 171 LEU A CB  1 
ATOM   587  C CG  . LEU A 1 78  ? 8.174   9.740   -6.038  1.00 90.98  ? 171 LEU A CG  1 
ATOM   588  C CD1 . LEU A 1 78  ? 8.730   10.875  -5.162  1.00 96.54  ? 171 LEU A CD1 1 
ATOM   589  C CD2 . LEU A 1 78  ? 7.685   10.228  -7.407  1.00 90.74  ? 171 LEU A CD2 1 
ATOM   590  N N   . ALA A 1 79  ? 7.535   6.576   -4.145  1.00 59.82  ? 172 ALA A N   1 
ATOM   591  C CA  . ALA A 1 79  ? 6.426   5.581   -4.132  1.00 50.74  ? 172 ALA A CA  1 
ATOM   592  C C   . ALA A 1 79  ? 5.134   6.328   -4.051  1.00 50.36  ? 172 ALA A C   1 
ATOM   593  O O   . ALA A 1 79  ? 4.914   7.084   -3.102  1.00 51.65  ? 172 ALA A O   1 
ATOM   594  C CB  . ALA A 1 79  ? 6.573   4.590   -2.990  1.00 52.78  ? 172 ALA A CB  1 
ATOM   595  N N   . ARG A 1 80  ? 4.300   6.215   -5.088  1.00 43.45  ? 173 ARG A N   1 
ATOM   596  C CA  . ARG A 1 80  ? 3.073   6.963   -5.118  1.00 44.33  ? 173 ARG A CA  1 
ATOM   597  C C   . ARG A 1 80  ? 1.928   6.000   -5.145  1.00 45.03  ? 173 ARG A C   1 
ATOM   598  O O   . ARG A 1 80  ? 1.851   5.208   -6.072  1.00 46.54  ? 173 ARG A O   1 
ATOM   599  C CB  . ARG A 1 80  ? 2.992   7.866   -6.368  1.00 45.81  ? 173 ARG A CB  1 
ATOM   600  C CG  . ARG A 1 80  ? 1.561   8.399   -6.541  1.00 49.45  ? 173 ARG A CG  1 
ATOM   601  C CD  . ARG A 1 80  ? 1.337   9.190   -7.833  1.00 53.57  ? 173 ARG A CD  1 
ATOM   602  N NE  . ARG A 1 80  ? 2.261   10.297  -7.980  1.00 61.48  ? 173 ARG A NE  1 
ATOM   603  C CZ  . ARG A 1 80  ? 2.277   11.139  -9.026  1.00 67.39  ? 173 ARG A CZ  1 
ATOM   604  N NH1 . ARG A 1 80  ? 1.404   11.015  -10.037 1.00 62.73  ? 173 ARG A NH1 1 
ATOM   605  N NH2 . ARG A 1 80  ? 3.178   12.103  -9.055  1.00 58.50  ? 173 ARG A NH2 1 
ATOM   606  N N   . LEU A 1 81  ? 1.006   6.114   -4.194  1.00 44.68  ? 174 LEU A N   1 
ATOM   607  C CA  . LEU A 1 81  ? -0.093  5.188   -4.110  1.00 38.72  ? 174 LEU A CA  1 
ATOM   608  C C   . LEU A 1 81  ? -1.340  5.975   -4.257  1.00 43.13  ? 174 LEU A C   1 
ATOM   609  O O   . LEU A 1 81  ? -1.602  6.873   -3.465  1.00 43.39  ? 174 LEU A O   1 
ATOM   610  C CB  . LEU A 1 81  ? -0.104  4.417   -2.758  1.00 40.43  ? 174 LEU A CB  1 
ATOM   611  C CG  . LEU A 1 81  ? 1.129   3.598   -2.403  1.00 41.10  ? 174 LEU A CG  1 
ATOM   612  C CD1 . LEU A 1 81  ? 1.078   2.972   -1.013  1.00 44.75  ? 174 LEU A CD1 1 
ATOM   613  C CD2 . LEU A 1 81  ? 1.502   2.543   -3.382  1.00 42.22  ? 174 LEU A CD2 1 
ATOM   614  N N   . TYR A 1 82  ? -2.151  5.585   -5.226  1.00 40.10  ? 175 TYR A N   1 
ATOM   615  C CA  . TYR A 1 82  ? -3.451  6.202   -5.487  1.00 38.90  ? 175 TYR A CA  1 
ATOM   616  C C   . TYR A 1 82  ? -4.390  5.644   -4.499  1.00 42.62  ? 175 TYR A C   1 
ATOM   617  O O   . TYR A 1 82  ? -4.342  4.457   -4.204  1.00 40.20  ? 175 TYR A O   1 
ATOM   618  C CB  . TYR A 1 82  ? -3.939  5.888   -6.915  1.00 41.19  ? 175 TYR A CB  1 
ATOM   619  C CG  . TYR A 1 82  ? -3.132  6.646   -7.894  1.00 46.00  ? 175 TYR A CG  1 
ATOM   620  C CD1 . TYR A 1 82  ? -3.543  7.904   -8.321  1.00 49.85  ? 175 TYR A CD1 1 
ATOM   621  C CD2 . TYR A 1 82  ? -1.948  6.139   -8.375  1.00 45.89  ? 175 TYR A CD2 1 
ATOM   622  C CE1 . TYR A 1 82  ? -2.761  8.632   -9.206  1.00 48.49  ? 175 TYR A CE1 1 
ATOM   623  C CE2 . TYR A 1 82  ? -1.167  6.844   -9.269  1.00 49.50  ? 175 TYR A CE2 1 
ATOM   624  C CZ  . TYR A 1 82  ? -1.586  8.097   -9.681  1.00 51.80  ? 175 TYR A CZ  1 
ATOM   625  O OH  . TYR A 1 82  ? -0.781  8.759   -10.533 1.00 56.94  ? 175 TYR A OH  1 
ATOM   626  N N   . ILE A 1 83  ? -5.243  6.515   -3.968  1.00 37.74  ? 176 ILE A N   1 
ATOM   627  C CA  . ILE A 1 83  ? -6.150  6.157   -2.909  1.00 41.39  ? 176 ILE A CA  1 
ATOM   628  C C   . ILE A 1 83  ? -7.453  5.784   -3.578  1.00 42.30  ? 176 ILE A C   1 
ATOM   629  O O   . ILE A 1 83  ? -8.026  6.569   -4.344  1.00 40.46  ? 176 ILE A O   1 
ATOM   630  C CB  . ILE A 1 83  ? -6.294  7.373   -1.934  1.00 45.32  ? 176 ILE A CB  1 
ATOM   631  C CG1 . ILE A 1 83  ? -4.959  7.588   -1.223  1.00 47.49  ? 176 ILE A CG1 1 
ATOM   632  C CG2 . ILE A 1 83  ? -7.390  7.163   -0.904  1.00 48.36  ? 176 ILE A CG2 1 
ATOM   633  C CD1 . ILE A 1 83  ? -4.822  8.944   -0.617  1.00 56.15  ? 176 ILE A CD1 1 
ATOM   634  N N   . ILE A 1 84  ? -7.925  4.595   -3.297  1.00 38.20  ? 177 ILE A N   1 
ATOM   635  C CA  . ILE A 1 84  ? -9.091  4.065   -3.897  1.00 40.49  ? 177 ILE A CA  1 
ATOM   636  C C   . ILE A 1 84  ? -10.146 3.662   -2.864  1.00 45.36  ? 177 ILE A C   1 
ATOM   637  O O   . ILE A 1 84  ? -10.208 2.485   -2.476  1.00 41.19  ? 177 ILE A O   1 
ATOM   638  C CB  . ILE A 1 84  ? -8.750  2.803   -4.746  1.00 43.52  ? 177 ILE A CB  1 
ATOM   639  C CG1 . ILE A 1 84  ? -7.528  3.035   -5.643  1.00 42.54  ? 177 ILE A CG1 1 
ATOM   640  C CG2 . ILE A 1 84  ? -9.998  2.394   -5.512  1.00 44.02  ? 177 ILE A CG2 1 
ATOM   641  C CD1 . ILE A 1 84  ? -7.829  3.943   -6.797  1.00 45.30  ? 177 ILE A CD1 1 
ATOM   642  N N   . PRO A 1 85  ? -11.036 4.593   -2.476  1.00 43.52  ? 178 PRO A N   1 
ATOM   643  C CA  . PRO A 1 85  ? -11.947 4.210   -1.404  1.00 42.24  ? 178 PRO A CA  1 
ATOM   644  C C   . PRO A 1 85  ? -13.115 3.409   -1.888  1.00 46.66  ? 178 PRO A C   1 
ATOM   645  O O   . PRO A 1 85  ? -13.428 3.330   -3.104  1.00 45.25  ? 178 PRO A O   1 
ATOM   646  C CB  . PRO A 1 85  ? -12.421 5.541   -0.840  1.00 47.53  ? 178 PRO A CB  1 
ATOM   647  C CG  . PRO A 1 85  ? -11.438 6.550   -1.349  1.00 49.53  ? 178 PRO A CG  1 
ATOM   648  C CD  . PRO A 1 85  ? -11.035 6.043   -2.684  1.00 46.98  ? 178 PRO A CD  1 
ATOM   649  N N   . GLY A 1 86  ? -13.792 2.823   -0.933  1.00 44.72  ? 179 GLY A N   1 
ATOM   650  C CA  . GLY A 1 86  ? -15.051 2.164   -1.188  1.00 43.70  ? 179 GLY A CA  1 
ATOM   651  C C   . GLY A 1 86  ? -15.118 0.876   -1.931  1.00 48.61  ? 179 GLY A C   1 
ATOM   652  O O   . GLY A 1 86  ? -16.100 0.607   -2.602  1.00 48.42  ? 179 GLY A O   1 
ATOM   653  N N   . ILE A 1 87  ? -14.094 0.052   -1.813  1.00 49.68  ? 180 ILE A N   1 
ATOM   654  C CA  . ILE A 1 87  ? -14.088 -1.198  -2.520  1.00 46.83  ? 180 ILE A CA  1 
ATOM   655  C C   . ILE A 1 87  ? -14.666 -2.193  -1.542  1.00 48.43  ? 180 ILE A C   1 
ATOM   656  O O   . ILE A 1 87  ? -14.153 -2.328  -0.456  1.00 53.04  ? 180 ILE A O   1 
ATOM   657  C CB  . ILE A 1 87  ? -12.671 -1.610  -2.965  1.00 44.16  ? 180 ILE A CB  1 
ATOM   658  C CG1 . ILE A 1 87  ? -12.084 -0.571  -3.905  1.00 46.27  ? 180 ILE A CG1 1 
ATOM   659  C CG2 . ILE A 1 87  ? -12.661 -2.982  -3.595  1.00 46.25  ? 180 ILE A CG2 1 
ATOM   660  C CD1 . ILE A 1 87  ? -13.035 -0.087  -5.016  1.00 46.85  ? 180 ILE A CD1 1 
ATOM   661  N N   . PRO A 1 88  ? -15.685 -2.927  -1.951  1.00 53.74  ? 181 PRO A N   1 
ATOM   662  C CA  . PRO A 1 88  ? -16.305 -3.868  -0.996  1.00 59.76  ? 181 PRO A CA  1 
ATOM   663  C C   . PRO A 1 88  ? -15.377 -4.921  -0.427  1.00 53.91  ? 181 PRO A C   1 
ATOM   664  O O   . PRO A 1 88  ? -14.602 -5.509  -1.188  1.00 54.26  ? 181 PRO A O   1 
ATOM   665  C CB  . PRO A 1 88  ? -17.397 -4.566  -1.841  1.00 67.50  ? 181 PRO A CB  1 
ATOM   666  C CG  . PRO A 1 88  ? -17.685 -3.619  -2.973  1.00 65.68  ? 181 PRO A CG  1 
ATOM   667  C CD  . PRO A 1 88  ? -16.357 -2.936  -3.270  1.00 59.95  ? 181 PRO A CD  1 
ATOM   668  N N   . LYS A 1 89  ? -15.510 -5.219  0.868   1.00 59.54  ? 182 LYS A N   1 
ATOM   669  C CA  . LYS A 1 89  ? -14.689 -6.265  1.519   1.00 58.77  ? 182 LYS A CA  1 
ATOM   670  C C   . LYS A 1 89  ? -14.923 -7.680  1.046   1.00 64.92  ? 182 LYS A C   1 
ATOM   671  O O   . LYS A 1 89  ? -14.033 -8.521  1.218   1.00 66.90  ? 182 LYS A O   1 
ATOM   672  C CB  . LYS A 1 89  ? -14.801 -6.259  3.056   1.00 77.13  ? 182 LYS A CB  1 
ATOM   673  C CG  . LYS A 1 89  ? -13.886 -5.277  3.766   1.00 86.86  ? 182 LYS A CG  1 
ATOM   674  C CD  . LYS A 1 89  ? -13.262 -5.837  5.045   1.00 92.69  ? 182 LYS A CD  1 
ATOM   675  C CE  . LYS A 1 89  ? -14.295 -6.153  6.106   1.00 95.33  ? 182 LYS A CE  1 
ATOM   676  N NZ  . LYS A 1 89  ? -15.073 -4.919  6.417   1.00 106.42 ? 182 LYS A NZ  1 
ATOM   677  N N   . ASP A 1 90  ? -16.094 -7.981  0.485   1.00 62.15  ? 183 ASP A N   1 
ATOM   678  C CA  . ASP A 1 90  ? -16.302 -9.307  -0.104  1.00 63.25  ? 183 ASP A CA  1 
ATOM   679  C C   . ASP A 1 90  ? -15.658 -9.473  -1.496  1.00 61.42  ? 183 ASP A C   1 
ATOM   680  O O   . ASP A 1 90  ? -15.690 -10.558 -2.077  1.00 65.41  ? 183 ASP A O   1 
ATOM   681  C CB  . ASP A 1 90  ? -17.781 -9.639  -0.164  1.00 70.67  ? 183 ASP A CB  1 
ATOM   682  C CG  . ASP A 1 90  ? -18.574 -8.617  -0.930  1.00 75.31  ? 183 ASP A CG  1 
ATOM   683  O OD1 . ASP A 1 90  ? -18.055 -8.066  -1.910  1.00 77.39  ? 183 ASP A OD1 1 
ATOM   684  O OD2 . ASP A 1 90  ? -19.715 -8.340  -0.534  1.00 89.27  ? 183 ASP A OD2 1 
ATOM   685  N N   . THR A 1 91  ? -15.100 -8.400  -2.052  1.00 58.19  ? 184 THR A N   1 
ATOM   686  C CA  . THR A 1 91  ? -14.376 -8.511  -3.315  1.00 55.51  ? 184 THR A CA  1 
ATOM   687  C C   . THR A 1 91  ? -13.356 -9.673  -3.248  1.00 66.72  ? 184 THR A C   1 
ATOM   688  O O   . THR A 1 91  ? -12.622 -9.808  -2.260  1.00 63.93  ? 184 THR A O   1 
ATOM   689  C CB  . THR A 1 91  ? -13.598 -7.226  -3.625  1.00 49.50  ? 184 THR A CB  1 
ATOM   690  O OG1 . THR A 1 91  ? -14.443 -6.069  -3.629  1.00 54.42  ? 184 THR A OG1 1 
ATOM   691  C CG2 . THR A 1 91  ? -12.853 -7.336  -4.924  1.00 53.45  ? 184 THR A CG2 1 
ATOM   692  N N   . LYS A 1 92  ? -13.308 -10.512 -4.272  1.00 66.70  ? 185 LYS A N   1 
ATOM   693  C CA  . LYS A 1 92  ? -12.406 -11.656 -4.249  1.00 66.62  ? 185 LYS A CA  1 
ATOM   694  C C   . LYS A 1 92  ? -11.169 -11.259 -5.086  1.00 61.31  ? 185 LYS A C   1 
ATOM   695  O O   . LYS A 1 92  ? -11.261 -10.920 -6.252  1.00 68.15  ? 185 LYS A O   1 
ATOM   696  C CB  . LYS A 1 92  ? -13.118 -12.945 -4.730  1.00 81.18  ? 185 LYS A CB  1 
ATOM   697  C CG  . LYS A 1 92  ? -14.223 -13.477 -3.783  1.00 84.86  ? 185 LYS A CG  1 
ATOM   698  C CD  . LYS A 1 92  ? -13.883 -13.466 -2.273  1.00 81.91  ? 185 LYS A CD  1 
ATOM   699  N N   . PHE A 1 93  ? -10.034 -11.221 -4.405  1.00 52.15  ? 186 PHE A N   1 
ATOM   700  C CA  . PHE A 1 93  ? -8.782  -10.764 -4.917  1.00 53.71  ? 186 PHE A CA  1 
ATOM   701  C C   . PHE A 1 93  ? -8.029  -12.031 -5.282  1.00 57.12  ? 186 PHE A C   1 
ATOM   702  O O   . PHE A 1 93  ? -8.091  -12.962 -4.527  1.00 60.79  ? 186 PHE A O   1 
ATOM   703  C CB  . PHE A 1 93  ? -8.070  -9.993  -3.778  1.00 50.18  ? 186 PHE A CB  1 
ATOM   704  C CG  . PHE A 1 93  ? -8.739  -8.679  -3.460  1.00 53.06  ? 186 PHE A CG  1 
ATOM   705  C CD1 . PHE A 1 93  ? -8.655  -7.655  -4.365  1.00 45.90  ? 186 PHE A CD1 1 
ATOM   706  C CD2 . PHE A 1 93  ? -9.472  -8.485  -2.292  1.00 46.50  ? 186 PHE A CD2 1 
ATOM   707  C CE1 . PHE A 1 93  ? -9.298  -6.446  -4.161  1.00 49.37  ? 186 PHE A CE1 1 
ATOM   708  C CE2 . PHE A 1 93  ? -10.096 -7.273  -2.056  1.00 46.60  ? 186 PHE A CE2 1 
ATOM   709  C CZ  . PHE A 1 93  ? -10.020 -6.248  -2.968  1.00 45.85  ? 186 PHE A CZ  1 
ATOM   710  N N   . ASN A 1 94  ? -7.326  -12.069 -6.415  1.00 63.26  ? 187 ASN A N   1 
ATOM   711  C CA  . ASN A 1 94  ? -6.501  -13.230 -6.826  1.00 63.14  ? 187 ASN A CA  1 
ATOM   712  C C   . ASN A 1 94  ? -5.337  -12.740 -7.695  1.00 62.43  ? 187 ASN A C   1 
ATOM   713  O O   . ASN A 1 94  ? -5.595  -12.242 -8.794  1.00 60.89  ? 187 ASN A O   1 
ATOM   714  C CB  . ASN A 1 94  ? -7.304  -14.197 -7.703  1.00 71.68  ? 187 ASN A CB  1 
ATOM   715  C CG  . ASN A 1 94  ? -8.362  -14.946 -6.926  1.00 95.28  ? 187 ASN A CG  1 
ATOM   716  O OD1 . ASN A 1 94  ? -9.575  -14.829 -7.197  1.00 100.23 ? 187 ASN A OD1 1 
ATOM   717  N ND2 . ASN A 1 94  ? -7.918  -15.718 -5.933  1.00 105.08 ? 187 ASN A ND2 1 
ATOM   718  N N   . PRO A 1 95  ? -4.081  -12.905 -7.236  0.48 61.28  ? 188 PRO A N   1 
ATOM   719  C CA  . PRO A 1 95  ? -2.954  -12.411 -8.017  0.48 64.36  ? 188 PRO A CA  1 
ATOM   720  C C   . PRO A 1 95  ? -2.765  -13.138 -9.347  0.48 73.53  ? 188 PRO A C   1 
ATOM   721  O O   . PRO A 1 95  ? -3.147  -14.309 -9.481  0.48 67.57  ? 188 PRO A O   1 
ATOM   722  C CB  . PRO A 1 95  ? -1.760  -12.691 -7.110  0.48 63.85  ? 188 PRO A CB  1 
ATOM   723  C CG  . PRO A 1 95  ? -2.168  -13.911 -6.374  0.48 65.49  ? 188 PRO A CG  1 
ATOM   724  C CD  . PRO A 1 95  ? -3.630  -13.732 -6.102  0.48 65.25  ? 188 PRO A CD  1 
ATOM   725  N N   . LYS A 1 96  ? -2.182  -12.425 -10.308 0.48 80.62  ? 189 LYS A N   1 
ATOM   726  C CA  . LYS A 1 96  ? -1.757  -13.009 -11.574 0.48 90.46  ? 189 LYS A CA  1 
ATOM   727  C C   . LYS A 1 96  ? -0.393  -13.655 -11.346 0.48 98.85  ? 189 LYS A C   1 
ATOM   728  O O   . LYS A 1 96  ? -0.215  -14.847 -11.614 0.48 100.53 ? 189 LYS A O   1 
ATOM   729  C CB  . LYS A 1 96  ? -1.692  -11.955 -12.693 0.48 93.41  ? 189 LYS A CB  1 
ATOM   730  C CG  . LYS A 1 96  ? -2.940  -11.076 -12.841 0.48 93.92  ? 189 LYS A CG  1 
ATOM   731  C CD  . LYS A 1 96  ? -4.233  -11.875 -13.034 0.48 94.81  ? 189 LYS A CD  1 
ATOM   732  C CE  . LYS A 1 96  ? -5.304  -11.519 -12.010 0.48 95.32  ? 189 LYS A CE  1 
ATOM   733  N NZ  . LYS A 1 96  ? -6.180  -12.676 -11.669 0.48 95.27  ? 189 LYS A NZ  1 
ATOM   734  N N   . THR A 1 97  ? 0.547   -12.866 -10.823 0.48 103.60 ? 190 THR A N   1 
ATOM   735  C CA  . THR A 1 97  ? 1.885   -13.351 -10.468 0.48 106.93 ? 190 THR A CA  1 
ATOM   736  C C   . THR A 1 97  ? 1.849   -14.049 -9.089  0.48 107.08 ? 190 THR A C   1 
ATOM   737  O O   . THR A 1 97  ? 2.281   -13.482 -8.075  0.48 103.11 ? 190 THR A O   1 
ATOM   738  C CB  . THR A 1 97  ? 2.929   -12.195 -10.482 0.48 109.36 ? 190 THR A CB  1 
ATOM   739  O OG1 . THR A 1 97  ? 2.678   -11.309 -11.585 0.48 108.04 ? 190 THR A OG1 1 
ATOM   740  C CG2 . THR A 1 97  ? 4.352   -12.750 -10.590 0.48 108.86 ? 190 THR A CG2 1 
ATOM   741  N N   . ARG A 1 98  ? 1.342   -15.288 -9.059  0.48 102.50 ? 191 ARG A N   1 
ATOM   742  C CA  . ARG A 1 98  ? 1.198   -16.033 -7.790  0.48 95.13  ? 191 ARG A CA  1 
ATOM   743  C C   . ARG A 1 98  ? 2.521   -16.646 -7.300  0.48 90.78  ? 191 ARG A C   1 
ATOM   744  O O   . ARG A 1 98  ? 2.580   -17.177 -6.188  0.48 92.62  ? 191 ARG A O   1 
ATOM   745  C CB  . ARG A 1 98  ? 0.086   -17.099 -7.879  0.48 96.88  ? 191 ARG A CB  1 
ATOM   746  C CG  . ARG A 1 98  ? -0.803  -17.183 -6.632  0.48 97.04  ? 191 ARG A CG  1 
ATOM   747  C CD  . ARG A 1 98  ? -0.380  -18.235 -5.610  0.48 95.97  ? 191 ARG A CD  1 
ATOM   748  N NE  . ARG A 1 98  ? -0.558  -17.773 -4.225  0.48 96.14  ? 191 ARG A NE  1 
ATOM   749  C CZ  . ARG A 1 98  ? -0.595  -18.560 -3.145  0.48 97.33  ? 191 ARG A CZ  1 
ATOM   750  N NH1 . ARG A 1 98  ? -0.468  -19.885 -3.242  0.48 97.16  ? 191 ARG A NH1 1 
ATOM   751  N NH2 . ARG A 1 98  ? -0.766  -18.013 -1.942  0.48 93.05  ? 191 ARG A NH2 1 
ATOM   752  N N   . ARG A 1 99  ? 3.570   -16.569 -8.120  0.48 83.01  ? 192 ARG A N   1 
ATOM   753  C CA  . ARG A 1 99  ? 4.938   -16.845 -7.663  0.48 77.18  ? 192 ARG A CA  1 
ATOM   754  C C   . ARG A 1 99  ? 5.531   -15.747 -6.749  0.48 68.28  ? 192 ARG A C   1 
ATOM   755  O O   . ARG A 1 99  ? 6.527   -16.011 -6.063  0.48 62.31  ? 192 ARG A O   1 
ATOM   756  C CB  . ARG A 1 99  ? 5.878   -17.091 -8.859  0.48 83.62  ? 192 ARG A CB  1 
ATOM   757  C CG  . ARG A 1 99  ? 5.844   -18.506 -9.428  0.48 88.29  ? 192 ARG A CG  1 
ATOM   758  C CD  . ARG A 1 99  ? 6.740   -18.627 -10.659 0.48 93.45  ? 192 ARG A CD  1 
ATOM   759  N NE  . ARG A 1 99  ? 7.430   -19.921 -10.734 0.48 99.68  ? 192 ARG A NE  1 
ATOM   760  C CZ  . ARG A 1 99  ? 6.930   -21.049 -11.248 0.48 102.15 ? 192 ARG A CZ  1 
ATOM   761  N NH1 . ARG A 1 99  ? 5.703   -21.099 -11.759 0.48 104.17 ? 192 ARG A NH1 1 
ATOM   762  N NH2 . ARG A 1 99  ? 7.677   -22.151 -11.252 0.48 102.81 ? 192 ARG A NH2 1 
ATOM   763  N N   . GLU A 1 100 ? 4.952   -14.536 -6.749  0.48 59.77  ? 193 GLU A N   1 
ATOM   764  C CA  . GLU A 1 100 ? 5.468   -13.402 -5.941  0.48 53.28  ? 193 GLU A CA  1 
ATOM   765  C C   . GLU A 1 100 ? 4.567   -12.935 -4.788  0.48 44.30  ? 193 GLU A C   1 
ATOM   766  O O   . GLU A 1 100 ? 5.047   -12.233 -3.904  0.48 45.78  ? 193 GLU A O   1 
ATOM   767  C CB  . GLU A 1 100 ? 5.814   -12.217 -6.852  0.48 56.67  ? 193 GLU A CB  1 
ATOM   768  C CG  . GLU A 1 100 ? 6.953   -12.542 -7.819  0.48 61.98  ? 193 GLU A CG  1 
ATOM   769  C CD  . GLU A 1 100 ? 7.399   -11.375 -8.686  0.48 61.46  ? 193 GLU A CD  1 
ATOM   770  O OE1 . GLU A 1 100 ? 7.301   -10.205 -8.244  0.48 65.66  ? 193 GLU A OE1 1 
ATOM   771  O OE2 . GLU A 1 100 ? 7.867   -11.640 -9.816  0.48 57.42  ? 193 GLU A OE2 1 
ATOM   772  N N   . ILE A 1 101 ? 3.291   -13.313 -4.798  1.00 41.59  ? 194 ILE A N   1 
ATOM   773  C CA  . ILE A 1 101 ? 2.336   -12.955 -3.735  1.00 44.07  ? 194 ILE A CA  1 
ATOM   774  C C   . ILE A 1 101 ? 1.829   -14.177 -2.925  1.00 45.86  ? 194 ILE A C   1 
ATOM   775  O O   . ILE A 1 101 ? 1.129   -15.040 -3.449  1.00 45.67  ? 194 ILE A O   1 
ATOM   776  C CB  . ILE A 1 101 ? 1.088   -12.285 -4.301  1.00 42.42  ? 194 ILE A CB  1 
ATOM   777  C CG1 . ILE A 1 101 ? 1.475   -11.002 -5.076  1.00 44.51  ? 194 ILE A CG1 1 
ATOM   778  C CG2 . ILE A 1 101 ? 0.077   -11.982 -3.189  1.00 42.46  ? 194 ILE A CG2 1 
ATOM   779  C CD1 . ILE A 1 101 ? 2.168   -9.974  -4.252  1.00 43.98  ? 194 ILE A CD1 1 
ATOM   780  N N   . ARG A 1 102 ? 2.138   -14.154 -1.646  1.00 40.04  ? 195 ARG A N   1 
ATOM   781  C CA  . ARG A 1 102 ? 1.752   -15.197 -0.696  1.00 42.79  ? 195 ARG A CA  1 
ATOM   782  C C   . ARG A 1 102 ? 0.319   -15.055 -0.301  1.00 43.77  ? 195 ARG A C   1 
ATOM   783  O O   . ARG A 1 102 ? -0.389  -15.995 -0.251  1.00 44.38  ? 195 ARG A O   1 
ATOM   784  C CB  . ARG A 1 102 ? 2.618   -15.173 0.546   1.00 41.48  ? 195 ARG A CB  1 
ATOM   785  C CG  . ARG A 1 102 ? 2.476   -16.458 1.414   1.00 41.63  ? 195 ARG A CG  1 
ATOM   786  C CD  . ARG A 1 102 ? 3.058   -16.334 2.778   1.00 39.99  ? 195 ARG A CD  1 
ATOM   787  N NE  . ARG A 1 102 ? 4.520   -16.323 2.789   1.00 43.31  ? 195 ARG A NE  1 
ATOM   788  C CZ  . ARG A 1 102 ? 5.277   -17.411 2.654   1.00 45.68  ? 195 ARG A CZ  1 
ATOM   789  N NH1 . ARG A 1 102 ? 4.720   -18.616 2.516   1.00 46.44  ? 195 ARG A NH1 1 
ATOM   790  N NH2 . ARG A 1 102 ? 6.589   -17.298 2.638   1.00 49.88  ? 195 ARG A NH2 1 
ATOM   791  N N   . ASN A 1 103 ? -0.077  -13.838 0.028   1.00 46.31  ? 196 ASN A N   1 
ATOM   792  C CA  . ASN A 1 103 ? -1.315  -13.568 0.657   1.00 43.03  ? 196 ASN A CA  1 
ATOM   793  C C   . ASN A 1 103 ? -1.753  -12.133 0.453   1.00 42.80  ? 196 ASN A C   1 
ATOM   794  O O   . ASN A 1 103 ? -0.933  -11.274 0.173   1.00 40.05  ? 196 ASN A O   1 
ATOM   795  C CB  . ASN A 1 103 ? -1.176  -13.825 2.126   1.00 44.94  ? 196 ASN A CB  1 
ATOM   796  C CG  . ASN A 1 103 ? -2.463  -14.330 2.714   1.00 51.08  ? 196 ASN A CG  1 
ATOM   797  O OD1 . ASN A 1 103 ? -3.517  -14.303 2.037   1.00 49.24  ? 196 ASN A OD1 1 
ATOM   798  N ND2 . ASN A 1 103 ? -2.408  -14.779 3.951   1.00 47.06  ? 196 ASN A ND2 1 
ATOM   799  N N   . ILE A 1 104 ? -3.049  -11.920 0.537   1.00 40.02  ? 197 ILE A N   1 
ATOM   800  C CA  . ILE A 1 104 ? -3.745  -10.610 0.288   1.00 41.28  ? 197 ILE A CA  1 
ATOM   801  C C   . ILE A 1 104 ? -4.813  -10.534 1.367   1.00 45.76  ? 197 ILE A C   1 
ATOM   802  O O   . ILE A 1 104 ? -5.585  -11.461 1.502   1.00 43.88  ? 197 ILE A O   1 
ATOM   803  C CB  . ILE A 1 104 ? -4.490  -10.547 -1.055  1.00 39.74  ? 197 ILE A CB  1 
ATOM   804  C CG1 . ILE A 1 104 ? -3.554  -10.726 -2.228  1.00 42.50  ? 197 ILE A CG1 1 
ATOM   805  C CG2 . ILE A 1 104 ? -5.252  -9.223  -1.253  1.00 38.09  ? 197 ILE A CG2 1 
ATOM   806  C CD1 . ILE A 1 104 ? -4.241  -11.199 -3.459  1.00 46.76  ? 197 ILE A CD1 1 
ATOM   807  N N   . GLU A 1 105 ? -4.811  -9.489  2.182   1.00 42.61  ? 198 GLU A N   1 
ATOM   808  C CA  . GLU A 1 105 ? -5.753  -9.403  3.311   1.00 38.89  ? 198 GLU A CA  1 
ATOM   809  C C   . GLU A 1 105 ? -6.136  -7.987  3.589   1.00 38.09  ? 198 GLU A C   1 
ATOM   810  O O   . GLU A 1 105 ? -5.317  -7.085  3.414   1.00 40.16  ? 198 GLU A O   1 
ATOM   811  C CB  . GLU A 1 105 ? -5.136  -9.977  4.606   1.00 42.95  ? 198 GLU A CB  1 
ATOM   812  C CG  . GLU A 1 105 ? -5.170  -11.485 4.762   1.00 49.57  ? 198 GLU A CG  1 
ATOM   813  C CD  . GLU A 1 105 ? -4.638  -11.989 6.125   1.00 59.82  ? 198 GLU A CD  1 
ATOM   814  O OE1 . GLU A 1 105 ? -4.538  -11.228 7.151   1.00 56.84  ? 198 GLU A OE1 1 
ATOM   815  O OE2 . GLU A 1 105 ? -4.329  -13.198 6.181   1.00 67.73  ? 198 GLU A OE2 1 
ATOM   816  N N   . TRP A 1 106 ? -7.319  -7.797  4.154   1.00 39.81  ? 199 TRP A N   1 
ATOM   817  C CA  . TRP A 1 106 ? -7.666  -6.536  4.779   1.00 43.67  ? 199 TRP A CA  1 
ATOM   818  C C   . TRP A 1 106 ? -7.113  -6.390  6.184   1.00 44.43  ? 199 TRP A C   1 
ATOM   819  O O   . TRP A 1 106 ? -7.187  -7.315  6.970   1.00 44.77  ? 199 TRP A O   1 
ATOM   820  C CB  . TRP A 1 106 ? -9.185  -6.377  4.880   1.00 41.69  ? 199 TRP A CB  1 
ATOM   821  C CG  . TRP A 1 106 ? -9.912  -6.362  3.600   1.00 43.35  ? 199 TRP A CG  1 
ATOM   822  C CD1 . TRP A 1 106 ? -10.534 -7.434  2.971   1.00 47.10  ? 199 TRP A CD1 1 
ATOM   823  C CD2 . TRP A 1 106 ? -10.052 -5.248  2.718   1.00 43.28  ? 199 TRP A CD2 1 
ATOM   824  N NE1 . TRP A 1 106 ? -11.079 -7.012  1.788   1.00 47.54  ? 199 TRP A NE1 1 
ATOM   825  C CE2 . TRP A 1 106 ? -10.796 -5.683  1.608   1.00 45.74  ? 199 TRP A CE2 1 
ATOM   826  C CE3 . TRP A 1 106 ? -9.638  -3.926  2.769   1.00 39.65  ? 199 TRP A CE3 1 
ATOM   827  C CZ2 . TRP A 1 106 ? -11.148 -4.808  0.542   1.00 46.27  ? 199 TRP A CZ2 1 
ATOM   828  C CZ3 . TRP A 1 106 ? -9.968  -3.061  1.707   1.00 43.37  ? 199 TRP A CZ3 1 
ATOM   829  C CH2 . TRP A 1 106 ? -10.730 -3.502  0.629   1.00 45.79  ? 199 TRP A CH2 1 
ATOM   830  N N   . PHE A 1 107 ? -6.718  -5.177  6.526   1.00 39.73  ? 200 PHE A N   1 
ATOM   831  C CA  . PHE A 1 107 ? -6.199  -4.813  7.824   1.00 41.31  ? 200 PHE A CA  1 
ATOM   832  C C   . PHE A 1 107 ? -6.828  -3.554  8.287   1.00 45.95  ? 200 PHE A C   1 
ATOM   833  O O   . PHE A 1 107 ? -7.007  -2.619  7.503   1.00 41.83  ? 200 PHE A O   1 
ATOM   834  C CB  . PHE A 1 107 ? -4.667  -4.618  7.840   1.00 39.47  ? 200 PHE A CB  1 
ATOM   835  C CG  . PHE A 1 107 ? -3.907  -5.905  7.611   1.00 37.85  ? 200 PHE A CG  1 
ATOM   836  C CD1 . PHE A 1 107 ? -3.698  -6.404  6.333   1.00 38.49  ? 200 PHE A CD1 1 
ATOM   837  C CD2 . PHE A 1 107 ? -3.482  -6.651  8.695   1.00 41.49  ? 200 PHE A CD2 1 
ATOM   838  C CE1 . PHE A 1 107 ? -3.021  -7.600  6.153   1.00 41.81  ? 200 PHE A CE1 1 
ATOM   839  C CE2 . PHE A 1 107 ? -2.790  -7.832  8.537   1.00 40.38  ? 200 PHE A CE2 1 
ATOM   840  C CZ  . PHE A 1 107 ? -2.545  -8.309  7.242   1.00 41.54  ? 200 PHE A CZ  1 
ATOM   841  N N   . SER A 1 108 ? -7.108  -3.488  9.596   1.00 44.86  ? 201 SER A N   1 
ATOM   842  C CA  . SER A 1 108 ? -7.750  -2.301  10.189  1.00 42.57  ? 201 SER A CA  1 
ATOM   843  C C   . SER A 1 108 ? -6.756  -1.211  10.262  1.00 43.32  ? 201 SER A C   1 
ATOM   844  O O   . SER A 1 108 ? -5.700  -1.446  10.809  1.00 42.00  ? 201 SER A O   1 
ATOM   845  C CB  . SER A 1 108 ? -8.323  -2.585  11.619  1.00 49.58  ? 201 SER A CB  1 
ATOM   846  O OG  . SER A 1 108 ? -8.218  -1.422  12.396  1.00 49.54  ? 201 SER A OG  1 
ATOM   847  N N   . ILE A 1 109 ? -7.088  -0.007  9.761   1.00 37.00  ? 202 ILE A N   1 
ATOM   848  C CA  . ILE A 1 109 ? -6.178  1.140   9.851   1.00 45.75  ? 202 ILE A CA  1 
ATOM   849  C C   . ILE A 1 109 ? -5.822  1.474   11.270  1.00 53.19  ? 202 ILE A C   1 
ATOM   850  O O   . ILE A 1 109 ? -4.676  1.750   11.561  1.00 52.33  ? 202 ILE A O   1 
ATOM   851  C CB  . ILE A 1 109 ? -6.766  2.427   9.196   1.00 51.39  ? 202 ILE A CB  1 
ATOM   852  C CG1 . ILE A 1 109 ? -6.743  2.311   7.691   1.00 58.88  ? 202 ILE A CG1 1 
ATOM   853  C CG2 . ILE A 1 109 ? -5.929  3.658   9.530   1.00 59.48  ? 202 ILE A CG2 1 
ATOM   854  C CD1 . ILE A 1 109 ? -7.608  3.322   6.979   1.00 61.81  ? 202 ILE A CD1 1 
ATOM   855  N N   . GLU A 1 110 ? -6.823  1.454   12.154  1.00 56.37  ? 203 GLU A N   1 
ATOM   856  C CA  . GLU A 1 110 ? -6.590  1.852   13.526  1.00 60.37  ? 203 GLU A CA  1 
ATOM   857  C C   . GLU A 1 110 ? -5.724  0.850   14.303  1.00 54.47  ? 203 GLU A C   1 
ATOM   858  O O   . GLU A 1 110 ? -5.071  1.255   15.228  1.00 55.46  ? 203 GLU A O   1 
ATOM   859  C CB  . GLU A 1 110 ? -7.888  2.209   14.232  1.00 65.99  ? 203 GLU A CB  1 
ATOM   860  C CG  . GLU A 1 110 ? -8.915  1.109   14.404  1.00 77.78  ? 203 GLU A CG  1 
ATOM   861  C CD  . GLU A 1 110 ? -10.332 1.678   14.387  1.00 94.35  ? 203 GLU A CD  1 
ATOM   862  O OE1 . GLU A 1 110 ? -10.574 2.692   15.108  1.00 97.68  ? 203 GLU A OE1 1 
ATOM   863  O OE2 . GLU A 1 110 ? -11.173 1.125   13.623  1.00 96.36  ? 203 GLU A OE2 1 
ATOM   864  N N   . LYS A 1 111 ? -5.692  -0.425  13.882  1.00 52.20  ? 204 LYS A N   1 
ATOM   865  C CA  . LYS A 1 111 ? -4.767  -1.404  14.433  1.00 51.62  ? 204 LYS A CA  1 
ATOM   866  C C   . LYS A 1 111 ? -3.397  -1.473  13.765  1.00 54.19  ? 204 LYS A C   1 
ATOM   867  O O   . LYS A 1 111 ? -2.517  -2.126  14.291  1.00 56.09  ? 204 LYS A O   1 
ATOM   868  C CB  . LYS A 1 111 ? -5.348  -2.794  14.370  1.00 62.60  ? 204 LYS A CB  1 
ATOM   869  C CG  . LYS A 1 111 ? -6.648  -2.917  15.122  1.00 79.07  ? 204 LYS A CG  1 
ATOM   870  C CD  . LYS A 1 111 ? -7.083  -4.355  15.062  1.00 84.16  ? 204 LYS A CD  1 
ATOM   871  C CE  . LYS A 1 111 ? -8.468  -4.506  15.625  1.00 88.37  ? 204 LYS A CE  1 
ATOM   872  N NZ  . LYS A 1 111 ? -8.784  -5.951  15.556  1.00 92.45  ? 204 LYS A NZ  1 
ATOM   873  N N   . LEU A 1 112 ? -3.193  -0.877  12.586  1.00 54.34  ? 205 LEU A N   1 
ATOM   874  C CA  . LEU A 1 112 ? -1.843  -0.805  12.029  1.00 48.35  ? 205 LEU A CA  1 
ATOM   875  C C   . LEU A 1 112 ? -1.026  0.252   12.794  1.00 58.98  ? 205 LEU A C   1 
ATOM   876  O O   . LEU A 1 112 ? -1.517  1.336   13.182  1.00 60.37  ? 205 LEU A O   1 
ATOM   877  C CB  . LEU A 1 112 ? -1.817  -0.502  10.518  1.00 48.62  ? 205 LEU A CB  1 
ATOM   878  C CG  . LEU A 1 112 ? -2.484  -1.536  9.631   1.00 46.22  ? 205 LEU A CG  1 
ATOM   879  C CD1 . LEU A 1 112 ? -2.893  -0.942  8.265   1.00 46.42  ? 205 LEU A CD1 1 
ATOM   880  C CD2 . LEU A 1 112 ? -1.551  -2.769  9.424   1.00 50.96  ? 205 LEU A CD2 1 
ATOM   881  N N   . PRO A 1 113 ? 0.240   -0.055  13.023  1.00 58.11  ? 206 PRO A N   1 
ATOM   882  C CA  . PRO A 1 113 ? 1.134   0.974   13.585  1.00 61.75  ? 206 PRO A CA  1 
ATOM   883  C C   . PRO A 1 113 ? 1.352   2.144   12.582  1.00 59.54  ? 206 PRO A C   1 
ATOM   884  O O   . PRO A 1 113 ? 1.229   1.950   11.379  1.00 54.49  ? 206 PRO A O   1 
ATOM   885  C CB  . PRO A 1 113 ? 2.434   0.184   13.886  1.00 54.45  ? 206 PRO A CB  1 
ATOM   886  C CG  . PRO A 1 113 ? 2.365   -0.997  12.959  1.00 61.12  ? 206 PRO A CG  1 
ATOM   887  C CD  . PRO A 1 113 ? 0.918   -1.344  12.725  1.00 58.53  ? 206 PRO A CD  1 
ATOM   888  N N   . CYS A 1 114 ? 1.637   3.340   13.060  1.00 60.21  ? 207 CYS A N   1 
ATOM   889  C CA  . CYS A 1 114 ? 2.094   4.440   12.174  1.00 73.67  ? 207 CYS A CA  1 
ATOM   890  C C   . CYS A 1 114 ? 3.537   4.861   12.476  1.00 76.14  ? 207 CYS A C   1 
ATOM   891  O O   . CYS A 1 114 ? 4.027   5.881   11.974  1.00 85.00  ? 207 CYS A O   1 
ATOM   892  C CB  . CYS A 1 114 ? 1.175   5.632   12.299  1.00 73.05  ? 207 CYS A CB  1 
ATOM   893  S SG  . CYS A 1 114 ? 0.971   6.027   14.013  1.00 87.35  ? 207 CYS A SG  1 
ATOM   894  N N   . HIS A 1 115 ? 4.213   4.053   13.286  1.00 74.75  ? 208 HIS A N   1 
ATOM   895  C CA  . HIS A 1 115 ? 5.646   4.178   13.544  1.00 71.11  ? 208 HIS A CA  1 
ATOM   896  C C   . HIS A 1 115 ? 5.989   2.780   13.991  1.00 70.67  ? 208 HIS A C   1 
ATOM   897  O O   . HIS A 1 115 ? 5.098   2.070   14.516  1.00 73.78  ? 208 HIS A O   1 
ATOM   898  C CB  . HIS A 1 115 ? 5.881   5.160   14.706  1.00 73.45  ? 208 HIS A CB  1 
ATOM   899  C CG  . HIS A 1 115 ? 5.231   4.716   15.986  1.00 85.98  ? 208 HIS A CG  1 
ATOM   900  N ND1 . HIS A 1 115 ? 5.836   3.831   16.860  1.00 86.86  ? 208 HIS A ND1 1 
ATOM   901  C CD2 . HIS A 1 115 ? 3.995   4.947   16.486  1.00 75.97  ? 208 HIS A CD2 1 
ATOM   902  C CE1 . HIS A 1 115 ? 5.020   3.578   17.864  1.00 84.15  ? 208 HIS A CE1 1 
ATOM   903  N NE2 . HIS A 1 115 ? 3.895   4.235   17.657  1.00 80.48  ? 208 HIS A NE2 1 
ATOM   904  N N   . ARG A 1 116 ? 7.237   2.361   13.799  0.48 73.98  ? 209 ARG A N   1 
ATOM   905  C CA  . ARG A 1 116 ? 7.716   1.105   14.390  0.48 77.01  ? 209 ARG A CA  1 
ATOM   906  C C   . ARG A 1 116 ? 8.252   1.388   15.789  0.48 80.81  ? 209 ARG A C   1 
ATOM   907  O O   . ARG A 1 116 ? 8.785   2.467   16.048  0.48 82.04  ? 209 ARG A O   1 
ATOM   908  C CB  . ARG A 1 116 ? 8.790   0.463   13.525  0.48 73.64  ? 209 ARG A CB  1 
ATOM   909  C CG  . ARG A 1 116 ? 8.284   0.063   12.154  0.48 71.59  ? 209 ARG A CG  1 
ATOM   910  C CD  . ARG A 1 116 ? 9.418   -0.130  11.183  0.48 70.10  ? 209 ARG A CD  1 
ATOM   911  N NE  . ARG A 1 116 ? 10.245  -1.275  11.549  0.48 67.62  ? 209 ARG A NE  1 
ATOM   912  C CZ  . ARG A 1 116 ? 11.547  -1.425  11.273  0.48 67.98  ? 209 ARG A CZ  1 
ATOM   913  N NH1 . ARG A 1 116 ? 12.246  -0.491  10.620  0.48 67.26  ? 209 ARG A NH1 1 
ATOM   914  N NH2 . ARG A 1 116 ? 12.168  -2.535  11.663  0.48 62.50  ? 209 ARG A NH2 1 
ATOM   915  N N   . ASN A 1 117 ? 8.090   0.416   16.684  1.00 90.84  ? 210 ASN A N   1 
ATOM   916  C CA  . ASN A 1 117 ? 8.565   0.510   18.063  1.00 94.72  ? 210 ASN A CA  1 
ATOM   917  C C   . ASN A 1 117 ? 10.064  0.312   18.161  1.00 98.71  ? 210 ASN A C   1 
ATOM   918  O O   . ASN A 1 117 ? 10.680  -0.559  17.467  1.00 60.02  ? 210 ASN A O   1 
ATOM   919  C CB  . ASN A 1 117 ? 7.870   -0.533  18.937  1.00 99.65  ? 210 ASN A CB  1 
ATOM   920  C CG  . ASN A 1 117 ? 6.384   -0.511  18.754  1.00 89.15  ? 210 ASN A CG  1 
ATOM   921  O OD1 . ASN A 1 117 ? 5.758   0.559   18.758  1.00 85.60  ? 210 ASN A OD1 1 
ATOM   922  N ND2 . ASN A 1 117 ? 5.819   -1.676  18.512  1.00 87.05  ? 210 ASN A ND2 1 
ATOM   923  N N   . ASP A 1 118 ? 10.619  1.129   19.062  1.00 109.58 ? 211 ASP A N   1 
ATOM   924  C CA  . ASP A 1 118 ? 12.029  1.091   19.408  1.00 111.86 ? 211 ASP A CA  1 
ATOM   925  C C   . ASP A 1 118 ? 12.307  -0.126  20.325  1.00 107.74 ? 211 ASP A C   1 
ATOM   926  O O   . ASP A 1 118 ? 11.428  -1.008  20.533  1.00 85.33  ? 211 ASP A O   1 
ATOM   927  C CB  . ASP A 1 118 ? 12.522  2.478   19.946  1.00 105.50 ? 211 ASP A CB  1 
ATOM   928  C CG  . ASP A 1 118 ? 11.818  2.937   21.204  1.00 104.62 ? 211 ASP A CG  1 
ATOM   929  O OD1 . ASP A 1 118 ? 11.132  2.132   21.889  1.00 107.90 ? 211 ASP A OD1 1 
ATOM   930  O OD2 . ASP A 1 118 ? 11.963  4.144   21.492  1.00 104.40 ? 211 ASP A OD2 1 
ATOM   931  N N   . MET A 1 119 ? 13.553  -0.207  20.790  1.00 100.82 ? 212 MET A N   1 
ATOM   932  C CA  . MET A 1 119 ? 13.994  -1.274  21.672  1.00 95.47  ? 212 MET A CA  1 
ATOM   933  C C   . MET A 1 119 ? 14.530  -0.650  22.985  1.00 103.84 ? 212 MET A C   1 
ATOM   934  O O   . MET A 1 119 ? 15.381  -1.248  23.654  1.00 99.24  ? 212 MET A O   1 
ATOM   935  C CB  . MET A 1 119 ? 15.027  -2.151  20.920  1.00 84.87  ? 212 MET A CB  1 
ATOM   936  C CG  . MET A 1 119 ? 14.497  -2.668  19.577  1.00 82.47  ? 212 MET A CG  1 
ATOM   937  S SD  . MET A 1 119 ? 15.335  -4.015  18.692  1.00 78.41  ? 212 MET A SD  1 
ATOM   938  C CE  . MET A 1 119 ? 16.565  -3.130  17.733  1.00 77.17  ? 212 MET A CE  1 
ATOM   939  N N   . THR A 1 120 ? 13.991  0.520   23.374  1.00 105.13 ? 213 THR A N   1 
ATOM   940  C CA  . THR A 1 120 ? 14.422  1.234   24.596  1.00 113.84 ? 213 THR A CA  1 
ATOM   941  C C   . THR A 1 120 ? 14.284  0.423   25.894  1.00 106.12 ? 213 THR A C   1 
ATOM   942  O O   . THR A 1 120 ? 15.102  0.621   26.788  1.00 105.72 ? 213 THR A O   1 
ATOM   943  C CB  . THR A 1 120 ? 13.727  2.616   24.808  1.00 119.86 ? 213 THR A CB  1 
ATOM   944  O OG1 . THR A 1 120 ? 12.305  2.456   24.895  1.00 140.80 ? 213 THR A OG1 1 
ATOM   945  C CG2 . THR A 1 120 ? 14.060  3.603   23.690  1.00 118.31 ? 213 THR A CG2 1 
ATOM   946  N N   . PRO A 1 121 ? 13.264  -0.478  26.007  1.00 122.63 ? 214 PRO A N   1 
ATOM   947  C CA  . PRO A 1 121 ? 13.328  -1.379  27.175  1.00 116.53 ? 214 PRO A CA  1 
ATOM   948  C C   . PRO A 1 121 ? 14.533  -2.363  27.159  1.00 108.77 ? 214 PRO A C   1 
ATOM   949  O O   . PRO A 1 121 ? 14.907  -2.849  28.221  1.00 109.69 ? 214 PRO A O   1 
ATOM   950  C CB  . PRO A 1 121 ? 11.967  -2.118  27.146  1.00 118.94 ? 214 PRO A CB  1 
ATOM   951  C CG  . PRO A 1 121 ? 11.451  -1.964  25.753  1.00 122.41 ? 214 PRO A CG  1 
ATOM   952  C CD  . PRO A 1 121 ? 11.977  -0.636  25.279  1.00 128.71 ? 214 PRO A CD  1 
ATOM   953  N N   . LYS A 1 122 ? 15.125  -2.639  25.986  1.00 91.13  ? 215 LYS A N   1 
ATOM   954  C CA  . LYS A 1 122 ? 16.378  -3.424  25.862  1.00 83.11  ? 215 LYS A CA  1 
ATOM   955  C C   . LYS A 1 122 ? 17.707  -2.578  25.810  1.00 83.14  ? 215 LYS A C   1 
ATOM   956  O O   . LYS A 1 122 ? 18.811  -3.149  25.613  1.00 79.82  ? 215 LYS A O   1 
ATOM   957  C CB  . LYS A 1 122 ? 16.288  -4.351  24.626  1.00 76.21  ? 215 LYS A CB  1 
ATOM   958  C CG  . LYS A 1 122 ? 17.019  -5.680  24.773  1.00 80.07  ? 215 LYS A CG  1 
ATOM   959  N N   . SER A 1 123 ? 17.628  -1.248  25.991  1.00 72.51  ? 216 SER A N   1 
ATOM   960  C CA  . SER A 1 123 ? 18.818  -0.372  25.854  1.00 74.06  ? 216 SER A CA  1 
ATOM   961  C C   . SER A 1 123 ? 19.578  -0.591  24.509  1.00 65.36  ? 216 SER A C   1 
ATOM   962  O O   . SER A 1 123 ? 20.826  -0.624  24.445  1.00 57.21  ? 216 SER A O   1 
ATOM   963  C CB  . SER A 1 123 ? 19.762  -0.567  27.055  1.00 75.92  ? 216 SER A CB  1 
ATOM   964  O OG  . SER A 1 123 ? 19.197  -0.054  28.236  1.00 79.87  ? 216 SER A OG  1 
ATOM   965  N N   . LYS A 1 124 ? 18.804  -0.790  23.437  1.00 54.57  ? 217 LYS A N   1 
ATOM   966  C CA  . LYS A 1 124 ? 19.340  -1.133  22.157  1.00 58.94  ? 217 LYS A CA  1 
ATOM   967  C C   . LYS A 1 124 ? 18.779  -0.132  21.144  1.00 58.64  ? 217 LYS A C   1 
ATOM   968  O O   . LYS A 1 124 ? 17.568  0.156   21.122  1.00 50.29  ? 217 LYS A O   1 
ATOM   969  C CB  . LYS A 1 124 ? 18.948  -2.565  21.763  1.00 64.76  ? 217 LYS A CB  1 
ATOM   970  C CG  . LYS A 1 124 ? 19.707  -3.104  20.556  1.00 72.18  ? 217 LYS A CG  1 
ATOM   971  C CD  . LYS A 1 124 ? 19.547  -4.609  20.356  1.00 84.04  ? 217 LYS A CD  1 
ATOM   972  N N   . LEU A 1 125 ? 19.659  0.330   20.284  1.00 45.36  ? 218 LEU A N   1 
ATOM   973  C CA  . LEU A 1 125 ? 19.284  1.277   19.244  1.00 53.56  ? 218 LEU A CA  1 
ATOM   974  C C   . LEU A 1 125 ? 18.607  0.589   18.067  1.00 49.01  ? 218 LEU A C   1 
ATOM   975  O O   . LEU A 1 125 ? 18.942  -0.544  17.704  1.00 49.03  ? 218 LEU A O   1 
ATOM   976  C CB  . LEU A 1 125 ? 20.513  2.022   18.712  1.00 49.42  ? 218 LEU A CB  1 
ATOM   977  C CG  . LEU A 1 125 ? 21.284  2.820   19.776  1.00 48.67  ? 218 LEU A CG  1 
ATOM   978  C CD1 . LEU A 1 125 ? 22.371  3.641   19.181  1.00 48.03  ? 218 LEU A CD1 1 
ATOM   979  C CD2 . LEU A 1 125 ? 20.436  3.692   20.690  1.00 49.43  ? 218 LEU A CD2 1 
ATOM   980  N N   . GLY A 1 126 ? 17.738  1.363   17.417  1.00 48.92  ? 219 GLY A N   1 
ATOM   981  C CA  . GLY A 1 126 ? 17.168  0.977   16.130  1.00 46.19  ? 219 GLY A CA  1 
ATOM   982  C C   . GLY A 1 126 ? 15.730  0.611   16.380  1.00 44.67  ? 219 GLY A C   1 
ATOM   983  O O   . GLY A 1 126 ? 15.191  0.923   17.422  1.00 46.25  ? 219 GLY A O   1 
ATOM   984  N N   . LEU A 1 127 ? 15.155  -0.066  15.403  1.00 49.53  ? 220 LEU A N   1 
ATOM   985  C CA  . LEU A 1 127 ? 13.758  -0.524  15.436  1.00 51.46  ? 220 LEU A CA  1 
ATOM   986  C C   . LEU A 1 127 ? 13.665  -2.054  15.474  1.00 50.17  ? 220 LEU A C   1 
ATOM   987  O O   . LEU A 1 127 ? 14.443  -2.732  14.818  1.00 47.55  ? 220 LEU A O   1 
ATOM   988  C CB  . LEU A 1 127 ? 13.074  0.003   14.176  1.00 54.33  ? 220 LEU A CB  1 
ATOM   989  C CG  . LEU A 1 127 ? 12.955  1.525   14.130  1.00 58.04  ? 220 LEU A CG  1 
ATOM   990  C CD1 . LEU A 1 127 ? 12.466  1.884   12.745  1.00 66.21  ? 220 LEU A CD1 1 
ATOM   991  C CD2 . LEU A 1 127 ? 12.032  2.069   15.207  1.00 57.53  ? 220 LEU A CD2 1 
ATOM   992  N N   . ALA A 1 128 ? 12.697  -2.584  16.214  1.00 51.77  ? 221 ALA A N   1 
ATOM   993  C CA  . ALA A 1 128 ? 12.345  -4.011  16.138  1.00 57.85  ? 221 ALA A CA  1 
ATOM   994  C C   . ALA A 1 128 ? 11.770  -4.333  14.778  1.00 50.03  ? 221 ALA A C   1 
ATOM   995  O O   . ALA A 1 128 ? 11.168  -3.458  14.159  1.00 48.47  ? 221 ALA A O   1 
ATOM   996  C CB  . ALA A 1 128 ? 11.315  -4.380  17.209  1.00 62.87  ? 221 ALA A CB  1 
ATOM   997  N N   . PRO A 1 129 ? 11.911  -5.584  14.341  1.00 61.47  ? 222 PRO A N   1 
ATOM   998  C CA  . PRO A 1 129 ? 11.361  -5.933  13.052  1.00 60.86  ? 222 PRO A CA  1 
ATOM   999  C C   . PRO A 1 129 ? 9.839   -5.796  13.143  1.00 53.95  ? 222 PRO A C   1 
ATOM   1000 O O   . PRO A 1 129 ? 9.250   -5.834  14.238  1.00 49.84  ? 222 PRO A O   1 
ATOM   1001 C CB  . PRO A 1 129 ? 11.842  -7.367  12.827  1.00 62.37  ? 222 PRO A CB  1 
ATOM   1002 C CG  . PRO A 1 129 ? 12.956  -7.597  13.834  1.00 62.64  ? 222 PRO A CG  1 
ATOM   1003 C CD  . PRO A 1 129 ? 12.493  -6.780  15.000  1.00 68.25  ? 222 PRO A CD  1 
ATOM   1004 N N   . ASN A 1 130 ? 9.246   -5.516  11.997  1.00 52.99  ? 223 ASN A N   1 
ATOM   1005 C CA  . ASN A 1 130 ? 7.818   -5.294  11.931  1.00 51.52  ? 223 ASN A CA  1 
ATOM   1006 C C   . ASN A 1 130 ? 7.373   -5.788  10.602  1.00 48.78  ? 223 ASN A C   1 
ATOM   1007 O O   . ASN A 1 130 ? 7.915   -5.387  9.565   1.00 45.36  ? 223 ASN A O   1 
ATOM   1008 C CB  . ASN A 1 130 ? 7.514   -3.823  12.057  1.00 57.17  ? 223 ASN A CB  1 
ATOM   1009 C CG  . ASN A 1 130 ? 6.054   -3.581  12.372  1.00 54.58  ? 223 ASN A CG  1 
ATOM   1010 O OD1 . ASN A 1 130 ? 5.193   -3.825  11.534  1.00 51.82  ? 223 ASN A OD1 1 
ATOM   1011 N ND2 . ASN A 1 130 ? 5.759   -3.192  13.596  1.00 70.03  ? 223 ASN A ND2 1 
ATOM   1012 N N   . LYS A 1 131 ? 6.384   -6.665  10.594  1.00 48.53  ? 224 LYS A N   1 
ATOM   1013 C CA  . LYS A 1 131 ? 5.964   -7.206  9.333   1.00 44.56  ? 224 LYS A CA  1 
ATOM   1014 C C   . LYS A 1 131 ? 5.192   -6.172  8.516   1.00 35.63  ? 224 LYS A C   1 
ATOM   1015 O O   . LYS A 1 131 ? 4.902   -6.458  7.400   1.00 41.01  ? 224 LYS A O   1 
ATOM   1016 C CB  . LYS A 1 131 ? 5.152   -8.491  9.477   1.00 45.40  ? 224 LYS A CB  1 
ATOM   1017 C CG  . LYS A 1 131 ? 3.881   -8.327  10.274  1.00 45.57  ? 224 LYS A CG  1 
ATOM   1018 C CD  . LYS A 1 131 ? 3.259   -9.716  10.423  1.00 52.96  ? 224 LYS A CD  1 
ATOM   1019 C CE  . LYS A 1 131 ? 1.835   -9.673  10.960  1.00 58.83  ? 224 LYS A CE  1 
ATOM   1020 N NZ  . LYS A 1 131 ? 1.305   -11.090 11.061  1.00 57.99  ? 224 LYS A NZ  1 
ATOM   1021 N N   . PHE A 1 132 ? 4.815   -5.020  9.084   1.00 37.08  ? 225 PHE A N   1 
ATOM   1022 C CA  . PHE A 1 132 ? 4.089   -3.974  8.329   1.00 40.05  ? 225 PHE A CA  1 
ATOM   1023 C C   . PHE A 1 132 ? 5.010   -2.832  7.934   1.00 40.69  ? 225 PHE A C   1 
ATOM   1024 O O   . PHE A 1 132 ? 4.521   -1.771  7.551   1.00 39.75  ? 225 PHE A O   1 
ATOM   1025 C CB  . PHE A 1 132 ? 2.909   -3.433  9.149   1.00 39.69  ? 225 PHE A CB  1 
ATOM   1026 C CG  . PHE A 1 132 ? 1.911   -4.489  9.473   1.00 38.90  ? 225 PHE A CG  1 
ATOM   1027 C CD1 . PHE A 1 132 ? 1.120   -5.026  8.474   1.00 38.74  ? 225 PHE A CD1 1 
ATOM   1028 C CD2 . PHE A 1 132 ? 1.820   -5.001  10.742  1.00 46.23  ? 225 PHE A CD2 1 
ATOM   1029 C CE1 . PHE A 1 132 ? 0.223   -6.029  8.749   1.00 44.36  ? 225 PHE A CE1 1 
ATOM   1030 C CE2 . PHE A 1 132 ? 0.929   -6.029  11.036  1.00 48.62  ? 225 PHE A CE2 1 
ATOM   1031 C CZ  . PHE A 1 132 ? 0.125   -6.530  10.032  1.00 43.98  ? 225 PHE A CZ  1 
ATOM   1032 N N   . PHE A 1 133 ? 6.326   -3.064  8.011   0.48 41.36  ? 226 PHE A N   1 
ATOM   1033 C CA  . PHE A 1 133 ? 7.362   -2.053  7.707   0.48 41.89  ? 226 PHE A CA  1 
ATOM   1034 C C   . PHE A 1 133 ? 7.053   -1.200  6.471   0.48 39.67  ? 226 PHE A C   1 
ATOM   1035 O O   . PHE A 1 133 ? 7.126   0.033   6.533   0.48 40.94  ? 226 PHE A O   1 
ATOM   1036 C CB  . PHE A 1 133 ? 8.718   -2.758  7.533   0.48 44.11  ? 226 PHE A CB  1 
ATOM   1037 C CG  . PHE A 1 133 ? 9.821   -1.866  7.026   0.48 44.49  ? 226 PHE A CG  1 
ATOM   1038 C CD1 . PHE A 1 133 ? 10.531  -1.060  7.901   0.48 50.51  ? 226 PHE A CD1 1 
ATOM   1039 C CD2 . PHE A 1 133 ? 10.163  -1.850  5.677   0.48 49.02  ? 226 PHE A CD2 1 
ATOM   1040 C CE1 . PHE A 1 133 ? 11.561  -0.232  7.445   0.48 51.42  ? 226 PHE A CE1 1 
ATOM   1041 C CE2 . PHE A 1 133 ? 11.189  -1.029  5.207   0.48 51.47  ? 226 PHE A CE2 1 
ATOM   1042 C CZ  . PHE A 1 133 ? 11.888  -0.218  6.094   0.48 51.56  ? 226 PHE A CZ  1 
ATOM   1043 N N   . MET A 1 134 ? 6.700   -1.835  5.361   0.48 36.75  ? 227 MET A N   1 
ATOM   1044 C CA  . MET A 1 134 ? 6.439   -1.087  4.123   0.48 36.07  ? 227 MET A CA  1 
ATOM   1045 C C   . MET A 1 134 ? 5.185   -0.211  4.198   0.48 37.64  ? 227 MET A C   1 
ATOM   1046 O O   . MET A 1 134 ? 5.148   0.862   3.608   0.48 35.61  ? 227 MET A O   1 
ATOM   1047 C CB  . MET A 1 134 ? 6.353   -2.021  2.911   0.48 34.52  ? 227 MET A CB  1 
ATOM   1048 C CG  . MET A 1 134 ? 7.657   -2.696  2.518   0.48 35.04  ? 227 MET A CG  1 
ATOM   1049 S SD  . MET A 1 134 ? 9.045   -1.634  2.044   0.48 32.41  ? 227 MET A SD  1 
ATOM   1050 C CE  . MET A 1 134 ? 8.438   -0.928  0.527   0.48 32.70  ? 227 MET A CE  1 
ATOM   1051 N N   . ALA A 1 135 ? 4.156   -0.666  4.914   0.48 37.27  ? 228 ALA A N   1 
ATOM   1052 C CA  . ALA A 1 135 ? 2.886   0.069   4.990   0.48 37.36  ? 228 ALA A CA  1 
ATOM   1053 C C   . ALA A 1 135 ? 2.959   1.274   5.908   0.48 39.00  ? 228 ALA A C   1 
ATOM   1054 O O   . ALA A 1 135 ? 2.391   2.323   5.618   0.48 38.26  ? 228 ALA A O   1 
ATOM   1055 C CB  . ALA A 1 135 ? 1.777   -0.856  5.452   0.48 36.26  ? 228 ALA A CB  1 
ATOM   1056 N N   . ILE A 1 136 ? 3.678   1.108   7.016   0.48 39.30  ? 229 ILE A N   1 
ATOM   1057 C CA  . ILE A 1 136 ? 3.756   2.090   8.078   0.48 41.61  ? 229 ILE A CA  1 
ATOM   1058 C C   . ILE A 1 136 ? 3.942   3.554   7.643   0.48 41.89  ? 229 ILE A C   1 
ATOM   1059 O O   . ILE A 1 136 ? 3.252   4.417   8.161   0.48 40.90  ? 229 ILE A O   1 
ATOM   1060 C CB  . ILE A 1 136 ? 4.818   1.653   9.131   0.48 45.01  ? 229 ILE A CB  1 
ATOM   1061 C CG1 . ILE A 1 136 ? 4.186   0.573   10.024  0.48 46.34  ? 229 ILE A CG1 1 
ATOM   1062 C CG2 . ILE A 1 136 ? 5.334   2.830   9.971   0.48 44.46  ? 229 ILE A CG2 1 
ATOM   1063 C CD1 . ILE A 1 136 ? 5.178   -0.153  10.917  0.48 48.50  ? 229 ILE A CD1 1 
ATOM   1064 N N   . PRO A 1 137 ? 4.855   3.837   6.700   1.00 43.58  ? 230 PRO A N   1 
ATOM   1065 C CA  . PRO A 1 137 ? 5.056   5.278   6.364   1.00 45.09  ? 230 PRO A CA  1 
ATOM   1066 C C   . PRO A 1 137 ? 3.870   5.973   5.726   1.00 51.45  ? 230 PRO A C   1 
ATOM   1067 O O   . PRO A 1 137 ? 3.810   7.202   5.754   1.00 47.52  ? 230 PRO A O   1 
ATOM   1068 C CB  . PRO A 1 137 ? 6.285   5.305   5.433   1.00 44.26  ? 230 PRO A CB  1 
ATOM   1069 C CG  . PRO A 1 137 ? 6.816   3.933   5.386   1.00 50.14  ? 230 PRO A CG  1 
ATOM   1070 C CD  . PRO A 1 137 ? 5.865   2.972   6.059   1.00 48.05  ? 230 PRO A CD  1 
ATOM   1071 N N   . PHE A 1 138 ? 2.908   5.200   5.205   1.00 41.22  ? 231 PHE A N   1 
ATOM   1072 C CA  . PHE A 1 138 ? 1.715   5.772   4.647   1.00 40.76  ? 231 PHE A CA  1 
ATOM   1073 C C   . PHE A 1 138 ? 0.594   5.968   5.625   1.00 40.71  ? 231 PHE A C   1 
ATOM   1074 O O   . PHE A 1 138 ? -0.315  6.655   5.295   1.00 42.52  ? 231 PHE A O   1 
ATOM   1075 C CB  . PHE A 1 138 ? 1.266   4.851   3.510   1.00 42.16  ? 231 PHE A CB  1 
ATOM   1076 C CG  . PHE A 1 138 ? 2.208   4.868   2.349   1.00 44.88  ? 231 PHE A CG  1 
ATOM   1077 C CD1 . PHE A 1 138 ? 2.076   5.837   1.363   1.00 48.66  ? 231 PHE A CD1 1 
ATOM   1078 C CD2 . PHE A 1 138 ? 3.283   3.978   2.286   1.00 43.48  ? 231 PHE A CD2 1 
ATOM   1079 C CE1 . PHE A 1 138 ? 2.962   5.870   0.317   1.00 42.93  ? 231 PHE A CE1 1 
ATOM   1080 C CE2 . PHE A 1 138 ? 4.126   3.996   1.228   1.00 43.22  ? 231 PHE A CE2 1 
ATOM   1081 C CZ  . PHE A 1 138 ? 3.992   4.950   0.278   1.00 44.58  ? 231 PHE A CZ  1 
ATOM   1082 N N   . ILE A 1 139 ? 0.635   5.361   6.809   1.00 38.23  ? 232 ILE A N   1 
ATOM   1083 C CA  . ILE A 1 139 ? -0.504  5.294   7.647   1.00 41.53  ? 232 ILE A CA  1 
ATOM   1084 C C   . ILE A 1 139 ? -0.906  6.693   8.228   1.00 52.60  ? 232 ILE A C   1 
ATOM   1085 O O   . ILE A 1 139 ? -2.065  7.107   8.125   1.00 44.14  ? 232 ILE A O   1 
ATOM   1086 C CB  . ILE A 1 139 ? -0.316  4.298   8.759   1.00 44.37  ? 232 ILE A CB  1 
ATOM   1087 C CG1 . ILE A 1 139 ? -0.099  2.888   8.212   1.00 50.19  ? 232 ILE A CG1 1 
ATOM   1088 C CG2 . ILE A 1 139 ? -1.535  4.319   9.667   1.00 49.69  ? 232 ILE A CG2 1 
ATOM   1089 C CD1 . ILE A 1 139 ? -1.137  2.381   7.235   1.00 47.54  ? 232 ILE A CD1 1 
ATOM   1090 N N   . ARG A 1 140 ? 0.040   7.437   8.759   1.00 49.83  ? 233 ARG A N   1 
ATOM   1091 C CA  . ARG A 1 140 ? -0.281  8.791   9.216   1.00 54.56  ? 233 ARG A CA  1 
ATOM   1092 C C   . ARG A 1 140 ? -0.757  9.684   8.061   1.00 50.69  ? 233 ARG A C   1 
ATOM   1093 O O   . ARG A 1 140 ? -1.822  10.287  8.187   1.00 47.59  ? 233 ARG A O   1 
ATOM   1094 C CB  . ARG A 1 140 ? 0.876   9.432   10.011  1.00 61.65  ? 233 ARG A CB  1 
ATOM   1095 C CG  . ARG A 1 140 ? 0.687   10.918  10.383  1.00 70.12  ? 233 ARG A CG  1 
ATOM   1096 C CD  . ARG A 1 140 ? -0.613  11.202  11.115  1.00 77.40  ? 233 ARG A CD  1 
ATOM   1097 N NE  . ARG A 1 140 ? -0.838  10.253  12.204  1.00 90.47  ? 233 ARG A NE  1 
ATOM   1098 C CZ  . ARG A 1 140 ? -1.934  10.213  12.958  1.00 99.10  ? 233 ARG A CZ  1 
ATOM   1099 N NH1 . ARG A 1 140 ? -2.938  11.080  12.775  1.00 91.54  ? 233 ARG A NH1 1 
ATOM   1100 N NH2 . ARG A 1 140 ? -2.017  9.294   13.915  1.00 109.04 ? 233 ARG A NH2 1 
ATOM   1101 N N   . PRO A 1 141 ? 0.008   9.788   6.948   1.00 48.28  ? 234 PRO A N   1 
ATOM   1102 C CA  . PRO A 1 141 ? -0.513  10.631  5.873   1.00 47.69  ? 234 PRO A CA  1 
ATOM   1103 C C   . PRO A 1 141 ? -1.902  10.176  5.360   1.00 51.06  ? 234 PRO A C   1 
ATOM   1104 O O   . PRO A 1 141 ? -2.746  11.014  4.988   1.00 52.31  ? 234 PRO A O   1 
ATOM   1105 C CB  . PRO A 1 141 ? 0.533   10.533  4.769   1.00 50.68  ? 234 PRO A CB  1 
ATOM   1106 C CG  . PRO A 1 141 ? 1.704   9.883   5.367   1.00 50.35  ? 234 PRO A CG  1 
ATOM   1107 C CD  . PRO A 1 141 ? 1.385   9.351   6.717   1.00 46.82  ? 234 PRO A CD  1 
ATOM   1108 N N   . LEU A 1 142 ? -2.186  8.882   5.380   1.00 47.79  ? 235 LEU A N   1 
ATOM   1109 C CA  . LEU A 1 142 ? -3.509  8.446   4.971   1.00 46.38  ? 235 LEU A CA  1 
ATOM   1110 C C   . LEU A 1 142 ? -4.573  8.873   5.946   1.00 47.57  ? 235 LEU A C   1 
ATOM   1111 O O   . LEU A 1 142 ? -5.714  9.198   5.552   1.00 48.81  ? 235 LEU A O   1 
ATOM   1112 C CB  . LEU A 1 142 ? -3.541  6.912   4.796   1.00 45.03  ? 235 LEU A CB  1 
ATOM   1113 C CG  . LEU A 1 142 ? -4.894  6.215   4.603   1.00 41.35  ? 235 LEU A CG  1 
ATOM   1114 C CD1 . LEU A 1 142 ? -5.464  6.676   3.261   1.00 40.60  ? 235 LEU A CD1 1 
ATOM   1115 C CD2 . LEU A 1 142 ? -4.748  4.693   4.613   1.00 43.27  ? 235 LEU A CD2 1 
ATOM   1116 N N   . ARG A 1 143 ? -4.251  8.758   7.230   1.00 46.91  ? 236 ARG A N   1 
ATOM   1117 C CA  . ARG A 1 143 ? -5.173  9.125   8.265   1.00 53.47  ? 236 ARG A CA  1 
ATOM   1118 C C   . ARG A 1 143 ? -5.458  10.625  8.078   1.00 46.70  ? 236 ARG A C   1 
ATOM   1119 O O   . ARG A 1 143 ? -6.608  10.992  8.124   1.00 55.44  ? 236 ARG A O   1 
ATOM   1120 C CB  . ARG A 1 143 ? -4.634  8.818   9.660   1.00 56.54  ? 236 ARG A CB  1 
ATOM   1121 C CG  . ARG A 1 143 ? -4.641  7.357   10.050  1.00 59.95  ? 236 ARG A CG  1 
ATOM   1122 C CD  . ARG A 1 143 ? -4.093  7.150   11.471  1.00 63.72  ? 236 ARG A CD  1 
ATOM   1123 N NE  . ARG A 1 143 ? -4.219  5.741   11.889  1.00 65.22  ? 236 ARG A NE  1 
ATOM   1124 C CZ  . ARG A 1 143 ? -3.401  5.065   12.734  1.00 68.67  ? 236 ARG A CZ  1 
ATOM   1125 N NH1 . ARG A 1 143 ? -2.347  5.649   13.313  1.00 66.44  ? 236 ARG A NH1 1 
ATOM   1126 N NH2 . ARG A 1 143 ? -3.621  3.750   12.960  1.00 60.20  ? 236 ARG A NH2 1 
ATOM   1127 N N   . ASP A 1 144 ? -4.453  11.445  7.741   1.00 54.87  ? 237 ASP A N   1 
ATOM   1128 C CA  . ASP A 1 144 ? -4.671  12.892  7.555   1.00 55.08  ? 237 ASP A CA  1 
ATOM   1129 C C   . ASP A 1 144 ? -5.381  13.219  6.243   1.00 67.68  ? 237 ASP A C   1 
ATOM   1130 O O   . ASP A 1 144 ? -6.065  14.258  6.119   1.00 58.72  ? 237 ASP A O   1 
ATOM   1131 C CB  . ASP A 1 144 ? -3.349  13.654  7.530   1.00 57.83  ? 237 ASP A CB  1 
ATOM   1132 C CG  . ASP A 1 144 ? -2.554  13.599  8.866   1.00 62.15  ? 237 ASP A CG  1 
ATOM   1133 O OD1 . ASP A 1 144 ? -3.034  13.148  9.945   1.00 60.11  ? 237 ASP A OD1 1 
ATOM   1134 O OD2 . ASP A 1 144 ? -1.383  14.007  8.793   1.00 67.13  ? 237 ASP A OD2 1 
ATOM   1135 N N   . TRP A 1 145 ? -5.161  12.401  5.211   1.00 62.01  ? 238 TRP A N   1 
ATOM   1136 C CA  . TRP A 1 145 ? -5.850  12.616  3.917   1.00 54.44  ? 238 TRP A CA  1 
ATOM   1137 C C   . TRP A 1 145 ? -7.315  12.240  4.091   1.00 54.58  ? 238 TRP A C   1 
ATOM   1138 O O   . TRP A 1 145 ? -8.183  12.956  3.602   1.00 63.06  ? 238 TRP A O   1 
ATOM   1139 C CB  . TRP A 1 145 ? -5.155  11.812  2.836   1.00 61.33  ? 238 TRP A CB  1 
ATOM   1140 C CG  . TRP A 1 145 ? -5.598  12.016  1.453   1.00 57.09  ? 238 TRP A CG  1 
ATOM   1141 C CD1 . TRP A 1 145 ? -4.952  12.711  0.478   1.00 52.31  ? 238 TRP A CD1 1 
ATOM   1142 C CD2 . TRP A 1 145 ? -6.794  11.471  0.858   1.00 49.05  ? 238 TRP A CD2 1 
ATOM   1143 N NE1 . TRP A 1 145 ? -5.651  12.619  -0.688  1.00 54.39  ? 238 TRP A NE1 1 
ATOM   1144 C CE2 . TRP A 1 145 ? -6.805  11.890  -0.471  1.00 55.04  ? 238 TRP A CE2 1 
ATOM   1145 C CE3 . TRP A 1 145 ? -7.853  10.658  1.344   1.00 48.03  ? 238 TRP A CE3 1 
ATOM   1146 C CZ2 . TRP A 1 145 ? -7.814  11.500  -1.363  1.00 55.24  ? 238 TRP A CZ2 1 
ATOM   1147 C CZ3 . TRP A 1 145 ? -8.882  10.293  0.465   1.00 56.08  ? 238 TRP A CZ3 1 
ATOM   1148 C CH2 . TRP A 1 145 ? -8.857  10.741  -0.873  1.00 56.38  ? 238 TRP A CH2 1 
ATOM   1149 N N   . LEU A 1 146 ? -7.608  11.157  4.818   1.00 45.70  ? 239 LEU A N   1 
ATOM   1150 C CA  . LEU A 1 146 ? -9.012  10.785  5.046   1.00 49.33  ? 239 LEU A CA  1 
ATOM   1151 C C   . LEU A 1 146 ? -9.819  11.832  5.848   1.00 59.19  ? 239 LEU A C   1 
ATOM   1152 O O   . LEU A 1 146 ? -10.955 12.191  5.460   1.00 56.79  ? 239 LEU A O   1 
ATOM   1153 C CB  . LEU A 1 146 ? -9.153  9.423   5.685   1.00 46.84  ? 239 LEU A CB  1 
ATOM   1154 C CG  . LEU A 1 146 ? -8.590  8.231   4.868   1.00 45.04  ? 239 LEU A CG  1 
ATOM   1155 C CD1 . LEU A 1 146 ? -8.489  6.975   5.736   1.00 48.35  ? 239 LEU A CD1 1 
ATOM   1156 C CD2 . LEU A 1 146 ? -9.439  7.994   3.655   1.00 52.92  ? 239 LEU A CD2 1 
ATOM   1157 N N   . SER A 1 147 ? -9.247  12.300  6.952   1.00 56.90  ? 240 SER A N   1 
ATOM   1158 C CA  . SER A 1 147 ? -9.761  13.522  7.645   1.00 62.04  ? 240 SER A CA  1 
ATOM   1159 C C   . SER A 1 147 ? -10.087 14.680  6.737   1.00 54.84  ? 240 SER A C   1 
ATOM   1160 O O   . SER A 1 147 ? -11.226 15.121  6.738   1.00 63.84  ? 240 SER A O   1 
ATOM   1161 C CB  . SER A 1 147 ? -8.760  14.023  8.705   1.00 61.58  ? 240 SER A CB  1 
ATOM   1162 O OG  . SER A 1 147 ? -8.848  13.138  9.780   1.00 73.54  ? 240 SER A OG  1 
ATOM   1163 N N   . ARG A 1 148 ? -9.100  15.159  5.974   1.00 56.14  ? 241 ARG A N   1 
ATOM   1164 C CA  . ARG A 1 148 ? -9.266  16.252  4.972   1.00 65.64  ? 241 ARG A CA  1 
ATOM   1165 C C   . ARG A 1 148 ? -10.254 16.036  3.771   1.00 72.35  ? 241 ARG A C   1 
ATOM   1166 O O   . ARG A 1 148 ? -10.756 17.013  3.218   1.00 66.22  ? 241 ARG A O   1 
ATOM   1167 C CB  . ARG A 1 148 ? -7.899  16.662  4.323   1.00 77.84  ? 241 ARG A CB  1 
ATOM   1168 C CG  . ARG A 1 148 ? -6.998  17.592  5.125   1.00 75.58  ? 241 ARG A CG  1 
ATOM   1169 N N   . ARG A 1 149 ? -10.475 14.779  3.383   0.50 69.90  ? 242 ARG A N   1 
ATOM   1170 C CA  . ARG A 1 149 ? -11.361 14.431  2.267   0.50 68.90  ? 242 ARG A CA  1 
ATOM   1171 C C   . ARG A 1 149 ? -12.774 14.081  2.721   0.50 66.92  ? 242 ARG A C   1 
ATOM   1172 O O   . ARG A 1 149 ? -13.745 14.522  2.101   0.50 72.55  ? 242 ARG A O   1 
ATOM   1173 C CB  . ARG A 1 149 ? -10.784 13.255  1.481   0.50 71.30  ? 242 ARG A CB  1 
ATOM   1174 C CG  . ARG A 1 149 ? -11.734 12.692  0.434   0.50 73.62  ? 242 ARG A CG  1 
ATOM   1175 C CD  . ARG A 1 149 ? -12.114 13.742  -0.598  0.50 74.91  ? 242 ARG A CD  1 
ATOM   1176 N NE  . ARG A 1 149 ? -10.967 14.548  -1.012  0.50 81.44  ? 242 ARG A NE  1 
ATOM   1177 C CZ  . ARG A 1 149 ? -10.380 14.471  -2.202  0.50 82.95  ? 242 ARG A CZ  1 
ATOM   1178 N NH1 . ARG A 1 149 ? -9.341  15.249  -2.479  0.50 86.39  ? 242 ARG A NH1 1 
ATOM   1179 N NH2 . ARG A 1 149 ? -10.834 13.622  -3.113  0.50 82.03  ? 242 ARG A NH2 1 
ATOM   1180 N N   . PHE A 1 150 ? -12.884 13.295  3.790   1.00 62.44  ? 243 PHE A N   1 
ATOM   1181 C CA  . PHE A 1 150 ? -14.185 12.822  4.324   1.00 63.05  ? 243 PHE A CA  1 
ATOM   1182 C C   . PHE A 1 150 ? -14.599 13.426  5.685   1.00 80.10  ? 243 PHE A C   1 
ATOM   1183 O O   . PHE A 1 150 ? -15.787 13.655  5.907   1.00 93.09  ? 243 PHE A O   1 
ATOM   1184 C CB  . PHE A 1 150 ? -14.207 11.276  4.418   1.00 57.48  ? 243 PHE A CB  1 
ATOM   1185 C CG  . PHE A 1 150 ? -13.954 10.565  3.072   1.00 67.25  ? 243 PHE A CG  1 
ATOM   1186 C CD1 . PHE A 1 150 ? -14.984 10.365  2.144   1.00 70.44  ? 243 PHE A CD1 1 
ATOM   1187 C CD2 . PHE A 1 150 ? -12.688 10.139  2.719   1.00 64.91  ? 243 PHE A CD2 1 
ATOM   1188 C CE1 . PHE A 1 150 ? -14.740 9.760   0.918   1.00 71.40  ? 243 PHE A CE1 1 
ATOM   1189 C CE2 . PHE A 1 150 ? -12.446 9.535   1.492   1.00 61.82  ? 243 PHE A CE2 1 
ATOM   1190 C CZ  . PHE A 1 150 ? -13.461 9.353   0.589   1.00 67.40  ? 243 PHE A CZ  1 
ATOM   1191 N N   . GLY A 1 151 ? -13.658 13.655  6.601   1.00 93.20  ? 244 GLY A N   1 
ATOM   1192 C CA  . GLY A 1 151 ? -13.989 14.082  7.966   1.00 97.94  ? 244 GLY A CA  1 
ATOM   1193 C C   . GLY A 1 151 ? -14.530 12.937  8.800   1.00 94.63  ? 244 GLY A C   1 
ATOM   1194 O O   . GLY A 1 151 ? -15.032 13.140  9.901   1.00 113.10 ? 244 GLY A O   1 
HETATM 1195 C C1  . EDO B 2 .   ? -4.438  -3.385  -16.031 1.00 92.27  ? 301 EDO A C1  1 
HETATM 1196 O O1  . EDO B 2 .   ? -4.941  -4.668  -16.423 1.00 92.17  ? 301 EDO A O1  1 
HETATM 1197 C C2  . EDO B 2 .   ? -5.521  -2.707  -15.186 1.00 92.80  ? 301 EDO A C2  1 
HETATM 1198 O O2  . EDO B 2 .   ? -6.148  -1.626  -15.886 1.00 89.18  ? 301 EDO A O2  1 
HETATM 1199 C C1  . EDO C 2 .   ? 8.603   -10.084 11.732  1.00 85.10  ? 302 EDO A C1  1 
HETATM 1200 O O1  . EDO C 2 .   ? 9.022   -9.031  10.847  1.00 77.53  ? 302 EDO A O1  1 
HETATM 1201 C C2  . EDO C 2 .   ? 8.369   -9.561  13.165  1.00 93.61  ? 302 EDO A C2  1 
HETATM 1202 O O2  . EDO C 2 .   ? 7.019   -9.094  13.427  1.00 87.69  ? 302 EDO A O2  1 
HETATM 1203 S S   . DMS D 3 .   ? -10.818 -6.891  8.414   1.00 100.28 ? 303 DMS A S   1 
HETATM 1204 O O   . DMS D 3 .   ? -9.692  -6.360  9.196   1.00 88.01  ? 303 DMS A O   1 
HETATM 1205 C C1  . DMS D 3 .   ? -10.590 -8.558  8.100   1.00 93.78  ? 303 DMS A C1  1 
HETATM 1206 C C2  . DMS D 3 .   ? -12.210 -6.975  9.399   1.00 99.22  ? 303 DMS A C2  1 
HETATM 1207 C C   . ACT E 4 .   ? 10.544  -15.695 4.945   1.00 74.39  ? 304 ACT A C   1 
HETATM 1208 O O   . ACT E 4 .   ? 11.384  -14.914 4.462   1.00 86.75  ? 304 ACT A O   1 
HETATM 1209 O OXT . ACT E 4 .   ? 9.489   -15.900 4.334   1.00 76.09  ? 304 ACT A OXT 1 
HETATM 1210 C CH3 . ACT E 4 .   ? 10.814  -16.436 6.235   1.00 77.49  ? 304 ACT A CH3 1 
HETATM 1211 C C   . ACT F 4 .   ? 12.162  -4.773  8.780   1.00 81.25  ? 305 ACT A C   1 
HETATM 1212 O O   . ACT F 4 .   ? 11.275  -4.662  9.649   1.00 63.92  ? 305 ACT A O   1 
HETATM 1213 O OXT . ACT F 4 .   ? 12.178  -5.763  8.031   1.00 96.80  ? 305 ACT A OXT 1 
HETATM 1214 C CH3 . ACT F 4 .   ? 13.226  -3.721  8.624   1.00 81.32  ? 305 ACT A CH3 1 
HETATM 1215 N N1  . LFY G 5 .   ? 10.237  -5.907  2.508   0.48 34.24  ? 306 LFY A N1  1 
HETATM 1216 N N3  . LFY G 5 .   ? 6.045   -6.632  0.855   0.48 35.95  ? 306 LFY A N3  1 
HETATM 1217 C C4  . LFY G 5 .   ? 8.299   -6.128  1.528   0.48 31.55  ? 306 LFY A C4  1 
HETATM 1218 C C5  . LFY G 5 .   ? 9.462   -5.410  1.511   0.48 35.00  ? 306 LFY A C5  1 
HETATM 1219 C C6  . LFY G 5 .   ? 7.149   -5.913  0.644   0.48 34.42  ? 306 LFY A C6  1 
HETATM 1220 C C7  . LFY G 5 .   ? 4.797   -6.329  0.162   0.48 36.31  ? 306 LFY A C7  1 
HETATM 1221 C C8  . LFY G 5 .   ? 4.800   -6.691  -1.303  0.48 37.27  ? 306 LFY A C8  1 
HETATM 1222 C C10 . LFY G 5 .   ? 4.311   -6.137  -3.604  0.48 36.62  ? 306 LFY A C10 1 
HETATM 1223 C C13 . LFY G 5 .   ? 5.283   -7.920  -1.728  0.48 33.16  ? 306 LFY A C13 1 
HETATM 1224 C C1  . LFY G 5 .   ? 11.963  -5.666  4.248   0.48 39.73  ? 306 LFY A C1  1 
HETATM 1225 C C11 . LFY G 5 .   ? 4.805   -7.355  -3.969  0.48 37.07  ? 306 LFY A C11 1 
HETATM 1226 C C12 . LFY G 5 .   ? 5.310   -8.251  -3.071  0.48 34.21  ? 306 LFY A C12 1 
HETATM 1227 C C2  . LFY G 5 .   ? 11.582  -5.432  2.831   0.48 38.36  ? 306 LFY A C2  1 
HETATM 1228 C C3  . LFY G 5 .   ? 9.532   -6.900  3.105   0.48 33.12  ? 306 LFY A C3  1 
HETATM 1229 C C9  . LFY G 5 .   ? 4.315   -5.809  -2.257  0.48 37.79  ? 306 LFY A C9  1 
HETATM 1230 F F1  . LFY G 5 .   ? 4.803   -7.688  -5.288  0.48 38.89  ? 306 LFY A F1  1 
HETATM 1231 N N2  . LFY G 5 .   ? 8.363   -7.069  2.542   0.48 30.73  ? 306 LFY A N2  1 
HETATM 1232 O O1  . LFY G 5 .   ? 7.202   -5.043  -0.209  0.48 34.73  ? 306 LFY A O1  1 
HETATM 1233 O O   . HOH H 6 .   ? 5.503   -7.471  13.380  1.00 51.90  ? 401 HOH A O   1 
HETATM 1234 O O   . HOH H 6 .   ? -12.189 -9.688  0.023   1.00 68.53  ? 402 HOH A O   1 
HETATM 1235 O O   . HOH H 6 .   ? -2.345  11.251  -11.243 1.00 63.61  ? 403 HOH A O   1 
HETATM 1236 O O   . HOH H 6 .   ? -10.712 6.520   -13.016 1.00 53.04  ? 404 HOH A O   1 
HETATM 1237 O O   . HOH H 6 .   ? -3.970  13.944  -3.021  1.00 65.80  ? 405 HOH A O   1 
HETATM 1238 O O   . HOH H 6 .   ? -5.595  -2.291  -10.905 1.00 51.00  ? 406 HOH A O   1 
HETATM 1239 O O   . HOH H 6 .   ? -0.132  -15.275 4.979   1.00 59.75  ? 407 HOH A O   1 
HETATM 1240 O O   . HOH H 6 .   ? 9.498   -16.484 1.854   1.00 49.66  ? 408 HOH A O   1 
HETATM 1241 O O   . HOH H 6 .   ? -5.190  12.654  11.263  1.00 66.92  ? 409 HOH A O   1 
HETATM 1242 O O   . HOH H 6 .   ? 7.482   -11.462 -3.473  1.00 48.32  ? 410 HOH A O   1 
HETATM 1243 O O   . HOH H 6 .   ? -11.095 6.637   -6.061  1.00 38.35  ? 411 HOH A O   1 
HETATM 1244 O O   . HOH H 6 .   ? -15.154 0.125   -17.693 1.00 64.91  ? 412 HOH A O   1 
HETATM 1245 O O   . HOH H 6 .   ? 6.487   -4.817  5.250   1.00 39.19  ? 413 HOH A O   1 
HETATM 1246 O O   . HOH H 6 .   ? 6.230   -14.311 2.989   1.00 52.14  ? 414 HOH A O   1 
HETATM 1247 O O   . HOH H 6 .   ? 9.430   5.020   15.930  1.00 71.95  ? 415 HOH A O   1 
HETATM 1248 O O   . HOH H 6 .   ? -10.054 8.618   -4.662  1.00 58.61  ? 416 HOH A O   1 
HETATM 1249 O O   . HOH H 6 .   ? -9.894  1.109   11.283  1.00 52.97  ? 417 HOH A O   1 
HETATM 1250 O O   . HOH H 6 .   ? -6.052  -9.472  8.464   1.00 60.15  ? 418 HOH A O   1 
HETATM 1251 O O   . HOH H 6 .   ? -14.779 5.285   9.079   1.00 63.56  ? 419 HOH A O   1 
HETATM 1252 O O   . HOH H 6 .   ? -2.518  1.670   15.942  1.00 65.56  ? 420 HOH A O   1 
HETATM 1253 O O   . HOH H 6 .   ? 15.435  1.610   20.182  1.00 59.34  ? 421 HOH A O   1 
HETATM 1254 O O   . HOH H 6 .   ? 5.730   8.972   6.392   1.00 50.27  ? 422 HOH A O   1 
HETATM 1255 O O   . HOH H 6 .   ? 4.459   -2.308  -0.472  1.00 41.94  ? 423 HOH A O   1 
HETATM 1256 O O   . HOH H 6 .   ? -11.497 4.184   -17.073 1.00 71.88  ? 424 HOH A O   1 
HETATM 1257 O O   . HOH H 6 .   ? 2.623   6.735   9.410   1.00 44.68  ? 425 HOH A O   1 
HETATM 1258 O O   . HOH H 6 .   ? 16.772  -0.210  13.235  1.00 58.88  ? 426 HOH A O   1 
HETATM 1259 O O   . HOH H 6 .   ? -1.931  13.425  4.052   1.00 56.57  ? 427 HOH A O   1 
HETATM 1260 O O   . HOH H 6 .   ? 7.764   7.716   -13.260 1.00 64.64  ? 428 HOH A O   1 
HETATM 1261 O O   . HOH H 6 .   ? -4.913  1.816   -16.830 1.00 66.37  ? 429 HOH A O   1 
HETATM 1262 O O   . HOH H 6 .   ? 8.793   1.777   7.816   1.00 56.07  ? 430 HOH A O   1 
HETATM 1263 O O   . HOH H 6 .   ? -11.671 -2.577  10.959  1.00 61.08  ? 431 HOH A O   1 
HETATM 1264 O O   . HOH H 6 .   ? -14.524 5.182   -14.672 1.00 51.31  ? 432 HOH A O   1 
HETATM 1265 O O   . HOH H 6 .   ? -9.001  11.598  -12.279 1.00 61.72  ? 433 HOH A O   1 
HETATM 1266 O O   . HOH H 6 .   ? -11.634 -0.445  -13.153 1.00 50.91  ? 434 HOH A O   1 
HETATM 1267 O O   . HOH H 6 .   ? -4.172  -1.302  -1.184  1.00 36.77  ? 435 HOH A O   1 
HETATM 1268 O O   . HOH H 6 .   ? -7.454  4.806   -15.170 1.00 66.82  ? 436 HOH A O   1 
HETATM 1269 O O   . HOH H 6 .   ? -7.079  7.620   -6.741  1.00 41.27  ? 437 HOH A O   1 
HETATM 1270 O O   . HOH H 6 .   ? -12.686 -3.628  -11.279 1.00 52.68  ? 438 HOH A O   1 
HETATM 1271 O O   . HOH H 6 .   ? -15.286 -10.470 -6.243  1.00 75.25  ? 439 HOH A O   1 
HETATM 1272 O O   . HOH H 6 .   ? -1.310  13.502  -0.601  1.00 58.47  ? 440 HOH A O   1 
HETATM 1273 O O   . HOH H 6 .   ? -11.374 -5.987  -11.092 1.00 55.87  ? 441 HOH A O   1 
HETATM 1274 O O   . HOH H 6 .   ? 8.420   -3.772  -9.119  1.00 61.76  ? 442 HOH A O   1 
HETATM 1275 O O   . HOH H 6 .   ? 1.866   13.019  -1.290  1.00 73.91  ? 443 HOH A O   1 
HETATM 1276 O O   . HOH H 6 .   ? 14.092  17.887  0.003   1.00 63.41  ? 444 HOH A O   1 
HETATM 1277 O O   . HOH H 6 .   ? 11.425  1.860   -16.679 1.00 75.09  ? 445 HOH A O   1 
HETATM 1278 O O   . HOH H 6 .   ? -2.248  -13.993 7.999   1.00 63.43  ? 446 HOH A O   1 
HETATM 1279 O O   . HOH H 6 .   ? 3.637   -0.347  1.003   1.00 36.96  ? 447 HOH A O   1 
HETATM 1280 O O   . HOH H 6 .   ? -2.803  -0.337  -16.546 1.00 57.43  ? 448 HOH A O   1 
HETATM 1281 O O   . HOH H 6 .   ? -6.585  -5.758  11.412  1.00 42.56  ? 449 HOH A O   1 
HETATM 1282 O O   . HOH H 6 .   ? -9.106  -10.084 4.724   1.00 53.68  ? 450 HOH A O   1 
HETATM 1283 O O   . HOH H 6 .   ? -0.391  9.418   -14.704 1.00 56.00  ? 451 HOH A O   1 
HETATM 1284 O O   . HOH H 6 .   ? -5.434  3.663   -14.702 1.00 60.56  ? 452 HOH A O   1 
HETATM 1285 O O   . HOH H 6 .   ? 8.529   11.930  1.470   1.00 62.62  ? 453 HOH A O   1 
HETATM 1286 O O   . HOH H 6 .   ? 4.047   -9.467  -8.392  1.00 67.95  ? 454 HOH A O   1 
HETATM 1287 O O   . HOH H 6 .   ? -1.591  15.192  -4.448  1.00 78.29  ? 455 HOH A O   1 
HETATM 1288 O O   . HOH H 6 .   ? 2.486   12.802  1.780   1.00 77.55  ? 456 HOH A O   1 
HETATM 1289 O O   . HOH H 6 .   ? -12.224 -8.086  -9.327  1.00 69.16  ? 457 HOH A O   1 
HETATM 1290 O O   . HOH H 6 .   ? -0.609  13.389  2.127   1.00 62.30  ? 458 HOH A O   1 
HETATM 1291 O O   . HOH H 6 .   ? -2.644  -6.176  12.695  1.00 66.23  ? 459 HOH A O   1 
HETATM 1292 O O   . HOH H 6 .   ? -11.243 -7.104  -13.806 1.00 61.34  ? 460 HOH A O   1 
# 
